data_2KDB
#
_entry.id   2KDB
#
_cell.length_a   1.000
_cell.length_b   1.000
_cell.length_c   1.000
_cell.angle_alpha   90.00
_cell.angle_beta   90.00
_cell.angle_gamma   90.00
#
_symmetry.space_group_name_H-M   'P 1'
#
_entity_poly.entity_id   1
_entity_poly.type   'polypeptide(L)'
_entity_poly.pdbx_seq_one_letter_code
;MGSSHHHHHHSSGRENLYFQGHPVTLIIKAPNQKYSDQTISCFLNWTVGKLKTHLSNVYPSKPLTKDQRLVYSGRLLPDH
LQLKDILRKQDEYHMVHLV
;
_entity_poly.pdbx_strand_id   A
#
# COMPACT_ATOMS: atom_id res chain seq x y z
N PRO A 23 1.43 -12.33 -8.38
CA PRO A 23 1.36 -10.87 -8.24
C PRO A 23 2.54 -10.34 -7.42
N VAL A 24 2.55 -9.02 -7.16
CA VAL A 24 3.58 -8.35 -6.35
C VAL A 24 3.21 -8.40 -4.86
N THR A 25 4.19 -8.76 -4.03
CA THR A 25 4.04 -8.81 -2.58
C THR A 25 4.14 -7.38 -1.99
N LEU A 26 2.98 -6.75 -1.75
CA LEU A 26 2.91 -5.38 -1.24
C LEU A 26 2.59 -5.43 0.27
N ILE A 27 3.64 -5.29 1.06
CA ILE A 27 3.63 -5.49 2.51
C ILE A 27 3.13 -4.21 3.23
N ILE A 28 1.83 -4.20 3.54
CA ILE A 28 1.15 -3.11 4.24
C ILE A 28 1.29 -3.28 5.76
N LYS A 29 2.19 -2.52 6.36
CA LYS A 29 2.41 -2.49 7.80
C LYS A 29 1.60 -1.34 8.43
N ALA A 30 0.98 -1.59 9.59
CA ALA A 30 0.13 -0.61 10.30
C ALA A 30 0.96 0.60 10.83
N PRO A 31 0.30 1.80 11.09
CA PRO A 31 0.96 3.02 11.67
C PRO A 31 1.97 2.75 12.81
N ASN A 32 1.49 2.11 13.89
CA ASN A 32 2.33 1.75 15.06
C ASN A 32 2.74 0.27 15.01
N GLN A 33 2.59 -0.35 13.82
CA GLN A 33 2.68 -1.81 13.61
C GLN A 33 1.67 -2.52 14.56
N LYS A 34 0.47 -1.91 14.67
CA LYS A 34 -0.66 -2.42 15.47
C LYS A 34 -1.05 -3.82 14.99
N TYR A 35 -1.22 -3.93 13.67
CA TYR A 35 -1.29 -5.19 12.93
C TYR A 35 0.10 -5.45 12.31
N SER A 36 0.44 -6.73 12.13
CA SER A 36 1.73 -7.17 11.56
C SER A 36 1.85 -6.80 10.06
N ASP A 37 2.98 -7.22 9.47
CA ASP A 37 3.27 -7.02 8.04
C ASP A 37 2.26 -7.79 7.16
N GLN A 38 1.35 -7.05 6.49
CA GLN A 38 0.28 -7.64 5.66
C GLN A 38 0.77 -7.81 4.21
N THR A 39 1.03 -9.05 3.79
CA THR A 39 1.47 -9.33 2.42
C THR A 39 0.27 -9.38 1.47
N ILE A 40 -0.02 -8.23 0.85
CA ILE A 40 -1.09 -8.07 -0.14
C ILE A 40 -0.56 -8.42 -1.54
N SER A 41 -0.92 -9.62 -2.03
CA SER A 41 -0.59 -10.04 -3.39
C SER A 41 -1.50 -9.27 -4.37
N CYS A 42 -0.93 -8.21 -4.97
CA CYS A 42 -1.65 -7.27 -5.84
C CYS A 42 -0.74 -6.80 -6.98
N PHE A 43 -1.34 -6.20 -8.00
CA PHE A 43 -0.62 -5.74 -9.20
C PHE A 43 -0.26 -4.25 -9.11
N LEU A 44 0.92 -3.91 -9.66
CA LEU A 44 1.42 -2.54 -9.79
C LEU A 44 0.68 -1.77 -10.90
N ASN A 45 -0.18 -2.51 -11.65
CA ASN A 45 -1.06 -1.96 -12.71
C ASN A 45 -1.89 -0.76 -12.19
N TRP A 46 -2.53 -0.92 -11.02
CA TRP A 46 -3.39 0.12 -10.43
C TRP A 46 -2.57 1.26 -9.84
N THR A 47 -3.27 2.35 -9.53
CA THR A 47 -2.71 3.48 -8.80
C THR A 47 -2.77 3.22 -7.28
N VAL A 48 -2.14 4.11 -6.52
CA VAL A 48 -2.17 4.08 -5.05
C VAL A 48 -3.62 4.21 -4.54
N GLY A 49 -4.45 4.99 -5.26
CA GLY A 49 -5.87 5.18 -4.94
C GLY A 49 -6.72 3.91 -5.05
N LYS A 50 -6.59 3.21 -6.19
CA LYS A 50 -7.35 1.95 -6.46
C LYS A 50 -6.90 0.83 -5.50
N LEU A 51 -5.59 0.82 -5.18
CA LEU A 51 -5.00 -0.14 -4.25
C LEU A 51 -5.47 0.14 -2.81
N LYS A 52 -5.54 1.42 -2.46
CA LYS A 52 -5.94 1.87 -1.11
C LYS A 52 -7.44 1.59 -0.86
N THR A 53 -8.26 1.70 -1.92
CA THR A 53 -9.68 1.26 -1.91
C THR A 53 -9.73 -0.27 -1.66
N HIS A 54 -8.89 -1.00 -2.42
CA HIS A 54 -8.71 -2.45 -2.32
C HIS A 54 -8.27 -2.86 -0.90
N LEU A 55 -7.43 -2.03 -0.25
CA LEU A 55 -6.95 -2.26 1.13
C LEU A 55 -8.09 -2.06 2.13
N SER A 56 -8.83 -0.96 1.97
CA SER A 56 -9.98 -0.61 2.83
C SER A 56 -11.09 -1.71 2.76
N ASN A 57 -11.03 -2.55 1.71
CA ASN A 57 -11.85 -3.76 1.58
C ASN A 57 -11.18 -4.97 2.28
N VAL A 58 -9.93 -5.29 1.87
CA VAL A 58 -9.26 -6.58 2.21
C VAL A 58 -8.50 -6.54 3.55
N TYR A 59 -8.45 -5.37 4.20
CA TYR A 59 -7.77 -5.18 5.49
C TYR A 59 -8.87 -5.28 6.57
N PRO A 60 -8.70 -6.13 7.64
CA PRO A 60 -9.80 -6.48 8.59
C PRO A 60 -10.28 -5.29 9.45
N SER A 61 -9.44 -4.24 9.54
CA SER A 61 -9.79 -2.99 10.24
C SER A 61 -10.72 -2.13 9.37
N LYS A 62 -10.55 -2.22 8.03
CA LYS A 62 -11.27 -1.43 7.02
C LYS A 62 -11.15 0.09 7.32
N PRO A 63 -9.93 0.67 7.14
CA PRO A 63 -9.63 2.06 7.56
C PRO A 63 -10.17 3.13 6.55
N LEU A 64 -10.39 4.36 7.07
CA LEU A 64 -10.98 5.49 6.31
C LEU A 64 -10.10 5.89 5.11
N THR A 65 -10.50 5.49 3.90
CA THR A 65 -9.74 5.70 2.64
C THR A 65 -9.37 7.19 2.41
N LYS A 66 -10.28 8.08 2.86
CA LYS A 66 -10.15 9.55 2.78
C LYS A 66 -8.98 10.10 3.63
N ASP A 67 -8.74 9.48 4.80
CA ASP A 67 -7.71 9.92 5.76
C ASP A 67 -6.40 9.17 5.50
N GLN A 68 -6.55 7.88 5.20
CA GLN A 68 -5.43 6.94 5.07
C GLN A 68 -4.65 7.21 3.79
N ARG A 69 -3.32 7.10 3.91
CA ARG A 69 -2.37 7.25 2.81
C ARG A 69 -1.30 6.16 2.93
N LEU A 70 -0.54 5.96 1.85
CA LEU A 70 0.56 4.98 1.81
C LEU A 70 1.91 5.71 1.81
N VAL A 71 2.77 5.40 2.79
CA VAL A 71 4.13 5.97 2.95
C VAL A 71 5.14 4.86 2.67
N TYR A 72 5.97 5.01 1.62
CA TYR A 72 6.93 3.97 1.21
C TYR A 72 8.35 4.40 1.59
N SER A 73 8.87 3.78 2.66
CA SER A 73 10.27 3.94 3.10
C SER A 73 10.64 5.40 3.42
N GLY A 74 9.62 6.21 3.81
CA GLY A 74 9.82 7.61 4.18
C GLY A 74 8.99 8.58 3.34
N ARG A 75 8.80 8.27 2.05
CA ARG A 75 8.11 9.17 1.10
C ARG A 75 6.60 8.92 1.09
N LEU A 76 5.81 9.88 0.58
CA LEU A 76 4.33 9.75 0.47
C LEU A 76 3.97 9.35 -0.98
N LEU A 77 3.14 8.31 -1.11
CA LEU A 77 2.61 7.83 -2.40
C LEU A 77 1.23 8.47 -2.64
N PRO A 78 1.11 9.49 -3.56
CA PRO A 78 -0.21 10.08 -3.92
C PRO A 78 -1.03 9.15 -4.84
N ASP A 79 -2.36 9.28 -4.75
CA ASP A 79 -3.31 8.34 -5.39
C ASP A 79 -3.37 8.47 -6.93
N HIS A 80 -2.78 9.55 -7.50
CA HIS A 80 -2.89 9.83 -8.95
C HIS A 80 -1.95 8.94 -9.78
N LEU A 81 -0.76 8.61 -9.24
CA LEU A 81 0.28 7.84 -9.97
C LEU A 81 0.13 6.33 -9.71
N GLN A 82 0.65 5.52 -10.67
CA GLN A 82 0.61 4.06 -10.59
C GLN A 82 1.75 3.54 -9.71
N LEU A 83 1.45 2.47 -8.95
CA LEU A 83 2.36 1.83 -7.99
C LEU A 83 3.73 1.52 -8.61
N LYS A 84 3.67 0.97 -9.84
CA LYS A 84 4.85 0.55 -10.63
C LYS A 84 6.01 1.56 -10.58
N ASP A 85 5.70 2.85 -10.80
CA ASP A 85 6.70 3.94 -10.92
C ASP A 85 7.68 3.99 -9.70
N ILE A 86 7.15 3.73 -8.49
CA ILE A 86 7.95 3.75 -7.25
C ILE A 86 8.47 2.34 -6.95
N LEU A 87 7.63 1.34 -7.27
CA LEU A 87 7.80 -0.06 -6.86
C LEU A 87 8.40 -0.92 -7.99
N ARG A 88 9.08 -0.24 -8.92
CA ARG A 88 9.74 -0.84 -10.10
C ARG A 88 11.11 -1.39 -9.71
N LYS A 89 11.76 -0.70 -8.74
CA LYS A 89 13.19 -0.90 -8.37
C LYS A 89 13.49 -2.36 -7.99
N GLN A 90 12.79 -2.86 -6.96
CA GLN A 90 12.88 -4.27 -6.53
C GLN A 90 11.89 -5.11 -7.33
N ASP A 91 10.67 -4.56 -7.49
CA ASP A 91 9.49 -5.21 -8.11
C ASP A 91 8.89 -6.33 -7.21
N GLU A 92 9.73 -7.31 -6.83
CA GLU A 92 9.37 -8.52 -6.06
C GLU A 92 8.49 -8.22 -4.80
N TYR A 93 9.06 -7.51 -3.81
CA TYR A 93 8.36 -7.21 -2.53
C TYR A 93 8.69 -5.77 -2.08
N HIS A 94 7.73 -5.12 -1.38
CA HIS A 94 7.82 -3.69 -0.97
C HIS A 94 7.10 -3.46 0.37
N MET A 95 7.82 -3.00 1.43
CA MET A 95 7.18 -2.68 2.72
C MET A 95 6.73 -1.20 2.74
N VAL A 96 5.41 -1.00 2.70
CA VAL A 96 4.75 0.32 2.79
C VAL A 96 4.07 0.45 4.17
N HIS A 97 4.27 1.59 4.82
CA HIS A 97 3.64 1.93 6.11
C HIS A 97 2.36 2.76 5.88
N LEU A 98 1.24 2.28 6.40
CA LEU A 98 -0.07 2.96 6.37
C LEU A 98 -0.06 4.11 7.41
N VAL A 99 -0.74 5.22 7.09
CA VAL A 99 -0.82 6.41 7.96
C VAL A 99 -2.28 6.92 8.04
N PRO A 23 5.06 -10.23 -9.70
CA PRO A 23 3.92 -10.21 -8.75
C PRO A 23 4.25 -9.28 -7.57
N VAL A 24 3.33 -8.35 -7.26
CA VAL A 24 3.57 -7.29 -6.26
C VAL A 24 2.99 -7.67 -4.89
N THR A 25 3.85 -8.17 -4.01
CA THR A 25 3.51 -8.35 -2.60
C THR A 25 3.66 -7.00 -1.89
N LEU A 26 2.54 -6.33 -1.70
CA LEU A 26 2.49 -4.98 -1.13
C LEU A 26 2.29 -5.14 0.38
N ILE A 27 3.41 -5.05 1.11
CA ILE A 27 3.47 -5.33 2.55
C ILE A 27 3.04 -4.08 3.33
N ILE A 28 1.75 -4.04 3.70
CA ILE A 28 1.14 -2.90 4.40
C ILE A 28 1.29 -3.08 5.92
N LYS A 29 2.13 -2.23 6.51
CA LYS A 29 2.35 -2.17 7.96
C LYS A 29 1.86 -0.81 8.48
N ALA A 30 1.72 -0.70 9.80
CA ALA A 30 1.34 0.58 10.44
C ALA A 30 2.61 1.34 10.87
N PRO A 31 2.61 2.71 10.84
CA PRO A 31 3.74 3.53 11.37
C PRO A 31 4.08 3.21 12.85
N ASN A 32 3.01 2.98 13.64
CA ASN A 32 3.13 2.66 15.09
C ASN A 32 3.16 1.13 15.33
N GLN A 33 3.37 0.33 14.26
CA GLN A 33 3.53 -1.15 14.31
C GLN A 33 2.20 -1.88 14.68
N LYS A 34 1.08 -1.12 14.84
CA LYS A 34 -0.25 -1.66 15.22
C LYS A 34 -0.66 -2.83 14.31
N TYR A 35 -0.71 -2.53 13.02
CA TYR A 35 -0.92 -3.54 11.97
C TYR A 35 0.44 -4.11 11.56
N SER A 36 0.55 -5.43 11.64
CA SER A 36 1.72 -6.17 11.19
C SER A 36 1.75 -6.24 9.65
N ASP A 37 2.77 -6.91 9.12
CA ASP A 37 2.99 -7.07 7.67
C ASP A 37 1.80 -7.76 6.96
N GLN A 38 0.97 -6.95 6.27
CA GLN A 38 -0.13 -7.43 5.43
C GLN A 38 0.39 -7.64 3.99
N THR A 39 0.58 -8.91 3.59
CA THR A 39 1.08 -9.26 2.26
C THR A 39 -0.06 -9.29 1.25
N ILE A 40 -0.23 -8.15 0.55
CA ILE A 40 -1.32 -7.98 -0.42
C ILE A 40 -0.79 -8.27 -1.83
N SER A 41 -1.10 -9.48 -2.35
CA SER A 41 -0.66 -9.90 -3.69
C SER A 41 -1.51 -9.19 -4.77
N CYS A 42 -0.85 -8.30 -5.53
CA CYS A 42 -1.51 -7.37 -6.46
C CYS A 42 -0.58 -7.07 -7.65
N PHE A 43 -0.92 -6.02 -8.43
CA PHE A 43 -0.14 -5.60 -9.61
C PHE A 43 0.13 -4.09 -9.62
N LEU A 44 1.18 -3.69 -10.36
CA LEU A 44 1.52 -2.28 -10.63
C LEU A 44 0.56 -1.65 -11.67
N ASN A 45 -0.31 -2.51 -12.27
CA ASN A 45 -1.32 -2.11 -13.28
C ASN A 45 -2.20 -0.93 -12.79
N TRP A 46 -2.60 -1.00 -11.50
CA TRP A 46 -3.51 -0.01 -10.89
C TRP A 46 -2.72 1.07 -10.16
N THR A 47 -3.45 2.12 -9.75
CA THR A 47 -2.89 3.22 -8.96
C THR A 47 -2.87 2.85 -7.46
N VAL A 48 -2.18 3.69 -6.67
CA VAL A 48 -2.16 3.60 -5.20
C VAL A 48 -3.60 3.68 -4.64
N GLY A 49 -4.43 4.56 -5.25
CA GLY A 49 -5.84 4.73 -4.86
C GLY A 49 -6.72 3.50 -5.10
N LYS A 50 -6.58 2.88 -6.29
CA LYS A 50 -7.32 1.65 -6.64
C LYS A 50 -6.92 0.50 -5.71
N LEU A 51 -5.62 0.43 -5.42
CA LEU A 51 -5.06 -0.55 -4.48
C LEU A 51 -5.55 -0.26 -3.06
N LYS A 52 -5.66 1.04 -2.70
CA LYS A 52 -5.97 1.49 -1.33
C LYS A 52 -7.43 1.19 -0.97
N THR A 53 -8.34 1.27 -1.97
CA THR A 53 -9.74 0.85 -1.82
C THR A 53 -9.80 -0.68 -1.60
N HIS A 54 -8.93 -1.42 -2.33
CA HIS A 54 -8.76 -2.87 -2.15
C HIS A 54 -8.17 -3.18 -0.75
N LEU A 55 -7.24 -2.33 -0.26
CA LEU A 55 -6.55 -2.51 1.04
C LEU A 55 -7.57 -2.41 2.17
N SER A 56 -8.33 -1.30 2.16
CA SER A 56 -9.37 -1.02 3.16
C SER A 56 -10.43 -2.13 3.18
N ASN A 57 -10.77 -2.62 1.97
CA ASN A 57 -11.79 -3.67 1.78
C ASN A 57 -11.36 -5.01 2.43
N VAL A 58 -10.06 -5.35 2.26
CA VAL A 58 -9.49 -6.62 2.77
C VAL A 58 -8.90 -6.47 4.19
N TYR A 59 -8.91 -5.23 4.71
CA TYR A 59 -8.32 -4.89 6.02
C TYR A 59 -9.29 -5.25 7.17
N PRO A 60 -8.78 -5.68 8.37
CA PRO A 60 -9.63 -6.02 9.54
C PRO A 60 -10.23 -4.79 10.26
N SER A 61 -9.92 -3.58 9.77
CA SER A 61 -10.31 -2.32 10.43
C SER A 61 -11.17 -1.42 9.52
N LYS A 62 -11.06 -1.65 8.19
CA LYS A 62 -11.65 -0.75 7.15
C LYS A 62 -11.15 0.71 7.32
N PRO A 63 -9.83 0.98 7.04
CA PRO A 63 -9.22 2.34 7.18
C PRO A 63 -9.86 3.39 6.22
N LEU A 64 -9.81 4.66 6.63
CA LEU A 64 -10.41 5.77 5.88
C LEU A 64 -9.51 6.12 4.68
N THR A 65 -9.92 5.67 3.47
CA THR A 65 -9.19 5.96 2.21
C THR A 65 -9.08 7.48 1.94
N LYS A 66 -10.07 8.23 2.45
CA LYS A 66 -10.14 9.71 2.32
C LYS A 66 -8.97 10.40 3.04
N ASP A 67 -8.59 9.89 4.22
CA ASP A 67 -7.56 10.52 5.08
C ASP A 67 -6.21 9.85 4.87
N GLN A 68 -6.23 8.53 4.77
CA GLN A 68 -5.05 7.69 4.89
C GLN A 68 -4.38 7.45 3.53
N ARG A 69 -3.03 7.54 3.55
CA ARG A 69 -2.15 7.38 2.37
C ARG A 69 -1.07 6.34 2.70
N LEU A 70 -0.30 5.98 1.68
CA LEU A 70 0.84 5.04 1.80
C LEU A 70 2.15 5.84 1.92
N VAL A 71 3.14 5.31 2.66
CA VAL A 71 4.46 5.95 2.90
C VAL A 71 5.57 4.89 2.78
N TYR A 72 6.26 4.87 1.63
CA TYR A 72 7.33 3.92 1.33
C TYR A 72 8.64 4.40 1.98
N SER A 73 8.83 4.00 3.26
CA SER A 73 10.02 4.31 4.09
C SER A 73 10.33 5.83 4.21
N GLY A 74 9.33 6.68 3.93
CA GLY A 74 9.50 8.15 3.96
C GLY A 74 9.01 8.81 2.68
N ARG A 75 8.97 8.05 1.59
CA ARG A 75 8.49 8.49 0.28
C ARG A 75 6.96 8.39 0.28
N LEU A 76 6.28 9.54 0.24
CA LEU A 76 4.80 9.58 0.26
C LEU A 76 4.27 9.03 -1.08
N LEU A 77 3.37 8.04 -1.01
CA LEU A 77 2.70 7.44 -2.18
C LEU A 77 1.26 7.98 -2.24
N PRO A 78 0.99 9.08 -3.02
CA PRO A 78 -0.38 9.61 -3.19
C PRO A 78 -1.22 8.71 -4.11
N ASP A 79 -2.51 8.67 -3.80
CA ASP A 79 -3.49 7.77 -4.41
C ASP A 79 -3.79 8.06 -5.90
N HIS A 80 -3.27 9.19 -6.43
CA HIS A 80 -3.51 9.56 -7.85
C HIS A 80 -2.59 8.77 -8.81
N LEU A 81 -1.35 8.46 -8.38
CA LEU A 81 -0.33 7.87 -9.27
C LEU A 81 -0.26 6.35 -9.16
N GLN A 82 0.42 5.73 -10.14
CA GLN A 82 0.52 4.28 -10.28
C GLN A 82 1.64 3.73 -9.38
N LEU A 83 1.43 2.51 -8.85
CA LEU A 83 2.39 1.82 -7.97
C LEU A 83 3.78 1.67 -8.61
N LYS A 84 3.78 1.40 -9.94
CA LYS A 84 5.01 1.16 -10.73
C LYS A 84 6.08 2.24 -10.54
N ASP A 85 5.61 3.48 -10.37
CA ASP A 85 6.48 4.67 -10.27
C ASP A 85 7.56 4.51 -9.16
N ILE A 86 7.16 3.88 -8.05
CA ILE A 86 8.01 3.74 -6.85
C ILE A 86 8.41 2.26 -6.64
N LEU A 87 7.64 1.31 -7.23
CA LEU A 87 7.76 -0.13 -6.88
C LEU A 87 8.36 -0.96 -8.04
N ARG A 88 8.75 -0.28 -9.14
CA ARG A 88 9.40 -0.91 -10.31
C ARG A 88 10.79 -1.47 -9.92
N LYS A 89 11.41 -0.83 -8.89
CA LYS A 89 12.74 -1.20 -8.33
C LYS A 89 12.93 -2.73 -8.21
N GLN A 90 12.12 -3.36 -7.36
CA GLN A 90 12.16 -4.83 -7.14
C GLN A 90 10.91 -5.52 -7.71
N ASP A 91 9.73 -4.86 -7.57
CA ASP A 91 8.38 -5.40 -7.91
C ASP A 91 7.89 -6.45 -6.89
N GLU A 92 8.72 -7.51 -6.72
CA GLU A 92 8.40 -8.75 -5.98
C GLU A 92 7.75 -8.49 -4.60
N TYR A 93 8.41 -7.72 -3.73
CA TYR A 93 7.85 -7.32 -2.43
C TYR A 93 8.46 -5.99 -1.95
N HIS A 94 7.61 -5.15 -1.32
CA HIS A 94 7.99 -3.83 -0.78
C HIS A 94 7.14 -3.51 0.46
N MET A 95 7.80 -3.18 1.59
CA MET A 95 7.10 -2.75 2.82
C MET A 95 6.78 -1.25 2.75
N VAL A 96 5.54 -0.92 3.13
CA VAL A 96 4.97 0.43 3.02
C VAL A 96 4.10 0.71 4.28
N HIS A 97 4.11 1.96 4.75
CA HIS A 97 3.40 2.40 5.97
C HIS A 97 2.04 3.00 5.59
N LEU A 98 0.97 2.61 6.28
CA LEU A 98 -0.38 3.17 6.08
C LEU A 98 -0.62 4.25 7.15
N VAL A 99 -0.39 5.52 6.76
CA VAL A 99 -0.52 6.68 7.67
C VAL A 99 -2.02 7.00 7.94
N PRO A 23 0.92 -12.06 -8.16
CA PRO A 23 0.86 -10.59 -8.01
C PRO A 23 2.00 -10.08 -7.11
N VAL A 24 2.16 -8.75 -7.04
CA VAL A 24 3.22 -8.08 -6.26
C VAL A 24 2.86 -8.12 -4.77
N THR A 25 3.83 -8.55 -3.95
CA THR A 25 3.67 -8.63 -2.50
C THR A 25 3.87 -7.24 -1.84
N LEU A 26 2.73 -6.58 -1.59
CA LEU A 26 2.67 -5.23 -1.03
C LEU A 26 2.56 -5.35 0.50
N ILE A 27 3.69 -5.14 1.18
CA ILE A 27 3.82 -5.34 2.62
C ILE A 27 3.35 -4.07 3.37
N ILE A 28 2.08 -4.10 3.78
CA ILE A 28 1.40 -2.99 4.47
C ILE A 28 1.74 -3.03 5.97
N LYS A 29 2.60 -2.12 6.37
CA LYS A 29 3.10 -2.00 7.74
C LYS A 29 2.36 -0.85 8.45
N ALA A 30 1.78 -1.11 9.62
CA ALA A 30 1.06 -0.08 10.40
C ALA A 30 2.06 0.95 11.01
N PRO A 31 1.66 2.25 11.22
CA PRO A 31 2.60 3.34 11.62
C PRO A 31 3.27 3.08 12.99
N ASN A 32 2.53 2.48 13.93
CA ASN A 32 3.02 2.12 15.28
C ASN A 32 3.11 0.57 15.41
N GLN A 33 3.09 -0.12 14.25
CA GLN A 33 3.04 -1.60 14.16
C GLN A 33 1.76 -2.15 14.87
N LYS A 34 0.69 -1.33 14.87
CA LYS A 34 -0.62 -1.67 15.46
C LYS A 34 -1.12 -3.01 14.89
N TYR A 35 -1.08 -3.09 13.57
CA TYR A 35 -1.19 -4.34 12.81
C TYR A 35 0.22 -4.72 12.32
N SER A 36 0.56 -6.01 12.40
CA SER A 36 1.81 -6.53 11.85
C SER A 36 1.79 -6.37 10.30
N ASP A 37 2.98 -6.34 9.71
CA ASP A 37 3.18 -6.11 8.27
C ASP A 37 2.44 -7.18 7.40
N GLN A 38 1.26 -6.76 6.89
CA GLN A 38 0.34 -7.60 6.10
C GLN A 38 0.78 -7.66 4.63
N THR A 39 1.20 -8.86 4.19
CA THR A 39 1.57 -9.12 2.80
C THR A 39 0.29 -9.26 1.93
N ILE A 40 -0.10 -8.15 1.29
CA ILE A 40 -1.30 -8.06 0.43
C ILE A 40 -0.88 -8.27 -1.05
N SER A 41 -1.68 -9.03 -1.81
CA SER A 41 -1.48 -9.18 -3.27
C SER A 41 -1.98 -7.92 -3.99
N CYS A 42 -1.10 -7.30 -4.81
CA CYS A 42 -1.41 -6.07 -5.54
C CYS A 42 -0.94 -6.16 -6.99
N PHE A 43 -1.52 -5.33 -7.87
CA PHE A 43 -1.08 -5.18 -9.26
C PHE A 43 -0.59 -3.75 -9.52
N LEU A 44 0.55 -3.65 -10.23
CA LEU A 44 1.19 -2.38 -10.58
C LEU A 44 0.35 -1.59 -11.60
N ASN A 45 -0.61 -2.28 -12.25
CA ASN A 45 -1.56 -1.71 -13.20
C ASN A 45 -2.33 -0.52 -12.59
N TRP A 46 -2.77 -0.69 -11.33
CA TRP A 46 -3.58 0.32 -10.62
C TRP A 46 -2.69 1.35 -9.91
N THR A 47 -3.35 2.41 -9.41
CA THR A 47 -2.70 3.48 -8.66
C THR A 47 -2.66 3.15 -7.15
N VAL A 48 -1.98 4.01 -6.39
CA VAL A 48 -1.96 3.98 -4.91
C VAL A 48 -3.40 4.09 -4.34
N GLY A 49 -4.24 4.92 -4.99
CA GLY A 49 -5.64 5.13 -4.56
C GLY A 49 -6.57 3.98 -4.91
N LYS A 50 -6.46 3.49 -6.15
CA LYS A 50 -7.23 2.29 -6.60
C LYS A 50 -6.94 1.08 -5.69
N LEU A 51 -5.64 0.83 -5.43
CA LEU A 51 -5.20 -0.27 -4.56
C LEU A 51 -5.64 0.00 -3.11
N LYS A 52 -5.66 1.28 -2.70
CA LYS A 52 -6.07 1.69 -1.33
C LYS A 52 -7.52 1.25 -1.02
N THR A 53 -8.40 1.36 -2.03
CA THR A 53 -9.79 0.89 -1.92
C THR A 53 -9.83 -0.66 -1.87
N HIS A 54 -8.96 -1.29 -2.69
CA HIS A 54 -8.74 -2.76 -2.69
C HIS A 54 -8.20 -3.23 -1.31
N LEU A 55 -7.38 -2.37 -0.66
CA LEU A 55 -6.83 -2.63 0.68
C LEU A 55 -7.98 -2.59 1.68
N SER A 56 -8.79 -1.52 1.60
CA SER A 56 -9.92 -1.28 2.51
C SER A 56 -10.97 -2.43 2.44
N ASN A 57 -11.02 -3.14 1.30
CA ASN A 57 -11.89 -4.31 1.13
C ASN A 57 -11.28 -5.55 1.83
N VAL A 58 -10.01 -5.85 1.49
CA VAL A 58 -9.32 -7.08 1.96
C VAL A 58 -8.85 -6.98 3.43
N TYR A 59 -8.76 -5.75 3.96
CA TYR A 59 -8.23 -5.46 5.30
C TYR A 59 -9.24 -5.93 6.35
N PRO A 60 -8.80 -6.65 7.44
CA PRO A 60 -9.72 -7.21 8.47
C PRO A 60 -10.60 -6.12 9.15
N SER A 61 -9.98 -4.95 9.38
CA SER A 61 -10.64 -3.81 10.01
C SER A 61 -11.54 -3.04 9.02
N LYS A 62 -11.13 -3.03 7.73
CA LYS A 62 -11.73 -2.20 6.66
C LYS A 62 -11.69 -0.70 7.05
N PRO A 63 -10.51 -0.04 6.92
CA PRO A 63 -10.31 1.36 7.34
C PRO A 63 -10.64 2.39 6.22
N LEU A 64 -10.80 3.65 6.62
CA LEU A 64 -11.27 4.74 5.73
C LEU A 64 -10.14 5.24 4.81
N THR A 65 -10.38 5.19 3.49
CA THR A 65 -9.40 5.53 2.44
C THR A 65 -9.00 7.02 2.44
N LYS A 66 -9.85 7.88 3.04
CA LYS A 66 -9.57 9.32 3.19
C LYS A 66 -8.43 9.58 4.20
N ASP A 67 -8.25 8.64 5.15
CA ASP A 67 -7.27 8.77 6.24
C ASP A 67 -6.03 7.91 5.94
N GLN A 68 -6.26 6.67 5.53
CA GLN A 68 -5.23 5.62 5.41
C GLN A 68 -4.38 5.81 4.15
N ARG A 69 -3.35 6.67 4.26
CA ARG A 69 -2.46 7.00 3.14
C ARG A 69 -1.22 6.07 3.16
N LEU A 70 -0.51 5.98 2.03
CA LEU A 70 0.70 5.14 1.88
C LEU A 70 1.95 6.03 1.91
N VAL A 71 2.96 5.61 2.71
CA VAL A 71 4.23 6.32 2.91
C VAL A 71 5.39 5.30 2.82
N TYR A 72 6.14 5.35 1.70
CA TYR A 72 7.19 4.37 1.40
C TYR A 72 8.51 4.83 2.05
N SER A 73 8.82 4.27 3.23
CA SER A 73 10.11 4.45 3.92
C SER A 73 10.42 5.94 4.25
N GLY A 74 9.38 6.79 4.28
CA GLY A 74 9.52 8.23 4.59
C GLY A 74 8.88 9.14 3.55
N ARG A 75 8.74 8.66 2.31
CA ARG A 75 8.17 9.46 1.19
C ARG A 75 6.67 9.22 1.07
N LEU A 76 5.91 10.23 0.65
CA LEU A 76 4.45 10.12 0.47
C LEU A 76 4.18 9.50 -0.90
N LEU A 77 3.22 8.57 -0.97
CA LEU A 77 2.80 7.92 -2.23
C LEU A 77 1.46 8.53 -2.69
N PRO A 78 1.46 9.48 -3.68
CA PRO A 78 0.22 10.09 -4.20
C PRO A 78 -0.53 9.12 -5.15
N ASP A 79 -1.84 9.27 -5.21
CA ASP A 79 -2.74 8.30 -5.84
C ASP A 79 -2.96 8.60 -7.33
N HIS A 80 -2.31 9.67 -7.84
CA HIS A 80 -2.38 10.01 -9.27
C HIS A 80 -1.44 9.12 -10.09
N LEU A 81 -0.34 8.66 -9.48
CA LEU A 81 0.64 7.76 -10.14
C LEU A 81 0.32 6.29 -9.84
N GLN A 82 0.77 5.40 -10.73
CA GLN A 82 0.59 3.95 -10.59
C GLN A 82 1.69 3.35 -9.68
N LEU A 83 1.38 2.18 -9.12
CA LEU A 83 2.26 1.48 -8.17
C LEU A 83 3.63 1.14 -8.76
N LYS A 84 3.66 0.86 -10.08
CA LYS A 84 4.90 0.50 -10.82
C LYS A 84 6.04 1.52 -10.58
N ASP A 85 5.66 2.81 -10.47
CA ASP A 85 6.60 3.93 -10.31
C ASP A 85 7.57 3.71 -9.13
N ILE A 86 7.04 3.11 -8.05
CA ILE A 86 7.78 2.88 -6.80
C ILE A 86 8.14 1.38 -6.63
N LEU A 87 7.31 0.48 -7.20
CA LEU A 87 7.34 -0.95 -6.80
C LEU A 87 7.99 -1.87 -7.85
N ARG A 88 7.96 -1.44 -9.13
CA ARG A 88 8.53 -2.23 -10.27
C ARG A 88 10.07 -2.32 -10.16
N LYS A 89 10.67 -1.46 -9.31
CA LYS A 89 12.12 -1.44 -9.03
C LYS A 89 12.65 -2.84 -8.63
N GLN A 90 11.86 -3.56 -7.80
CA GLN A 90 12.13 -4.97 -7.44
C GLN A 90 11.09 -5.88 -8.11
N ASP A 91 9.84 -5.37 -8.18
CA ASP A 91 8.63 -6.05 -8.74
C ASP A 91 8.08 -7.12 -7.80
N GLU A 92 8.97 -7.99 -7.29
CA GLU A 92 8.61 -9.12 -6.41
C GLU A 92 7.85 -8.64 -5.15
N TYR A 93 8.51 -7.81 -4.32
CA TYR A 93 7.89 -7.26 -3.10
C TYR A 93 8.47 -5.88 -2.77
N HIS A 94 7.84 -5.20 -1.79
CA HIS A 94 8.34 -3.96 -1.15
C HIS A 94 7.54 -3.68 0.14
N MET A 95 8.15 -2.93 1.07
CA MET A 95 7.56 -2.55 2.35
C MET A 95 7.10 -1.07 2.31
N VAL A 96 5.80 -0.86 2.58
CA VAL A 96 5.17 0.48 2.64
C VAL A 96 4.54 0.66 4.03
N HIS A 97 4.54 1.90 4.55
CA HIS A 97 3.89 2.23 5.81
C HIS A 97 2.50 2.84 5.54
N LEU A 98 1.56 2.58 6.44
CA LEU A 98 0.18 3.05 6.35
C LEU A 98 0.00 4.19 7.38
N VAL A 99 -0.92 5.14 7.12
CA VAL A 99 -1.15 6.28 8.04
C VAL A 99 -2.54 6.13 8.71
N PRO A 23 1.39 -12.31 -8.47
CA PRO A 23 1.22 -10.85 -8.23
C PRO A 23 2.34 -10.34 -7.31
N VAL A 24 2.41 -8.99 -7.15
CA VAL A 24 3.42 -8.32 -6.34
C VAL A 24 3.03 -8.31 -4.86
N THR A 25 3.96 -8.76 -4.02
CA THR A 25 3.85 -8.73 -2.56
C THR A 25 3.99 -7.27 -2.06
N LEU A 26 2.87 -6.69 -1.60
CA LEU A 26 2.83 -5.33 -1.05
C LEU A 26 2.66 -5.44 0.46
N ILE A 27 3.79 -5.34 1.19
CA ILE A 27 3.82 -5.55 2.65
C ILE A 27 3.34 -4.28 3.35
N ILE A 28 2.05 -4.27 3.68
CA ILE A 28 1.39 -3.15 4.38
C ILE A 28 1.75 -3.24 5.88
N LYS A 29 2.80 -2.49 6.25
CA LYS A 29 3.31 -2.42 7.63
C LYS A 29 2.76 -1.16 8.30
N ALA A 30 2.18 -1.30 9.49
CA ALA A 30 1.61 -0.16 10.24
C ALA A 30 2.57 0.26 11.36
N PRO A 31 3.08 1.54 11.38
CA PRO A 31 3.95 2.05 12.48
C PRO A 31 3.20 2.22 13.83
N ASN A 32 1.87 2.05 13.77
CA ASN A 32 0.98 2.04 14.94
C ASN A 32 1.16 0.75 15.80
N GLN A 33 1.80 -0.29 15.20
CA GLN A 33 2.17 -1.59 15.87
C GLN A 33 0.97 -2.55 15.94
N LYS A 34 -0.18 -2.04 16.41
CA LYS A 34 -1.43 -2.80 16.64
C LYS A 34 -1.85 -3.62 15.42
N TYR A 35 -1.71 -3.02 14.22
CA TYR A 35 -1.94 -3.69 12.94
C TYR A 35 -0.58 -4.24 12.42
N SER A 36 -0.46 -5.57 12.42
CA SER A 36 0.76 -6.26 12.00
C SER A 36 0.94 -6.22 10.47
N ASP A 37 2.20 -6.37 10.01
CA ASP A 37 2.57 -6.33 8.58
C ASP A 37 1.87 -7.47 7.80
N GLN A 38 1.20 -7.13 6.69
CA GLN A 38 0.42 -8.08 5.89
C GLN A 38 0.80 -7.99 4.41
N THR A 39 1.26 -9.13 3.87
CA THR A 39 1.73 -9.27 2.50
C THR A 39 0.53 -9.37 1.53
N ILE A 40 0.13 -8.21 0.99
CA ILE A 40 -1.00 -8.09 0.05
C ILE A 40 -0.51 -8.40 -1.37
N SER A 41 -0.81 -9.62 -1.86
CA SER A 41 -0.47 -10.03 -3.22
C SER A 41 -1.47 -9.38 -4.20
N CYS A 42 -1.03 -8.26 -4.78
CA CYS A 42 -1.82 -7.43 -5.69
C CYS A 42 -0.90 -6.87 -6.77
N PHE A 43 -1.47 -6.10 -7.72
CA PHE A 43 -0.70 -5.57 -8.87
C PHE A 43 -0.36 -4.10 -8.69
N LEU A 44 0.90 -3.77 -9.03
CA LEU A 44 1.40 -2.39 -9.09
C LEU A 44 0.86 -1.67 -10.34
N ASN A 45 0.26 -2.47 -11.25
CA ASN A 45 -0.35 -2.01 -12.52
C ASN A 45 -1.38 -0.88 -12.29
N TRP A 46 -2.16 -1.00 -11.21
CA TRP A 46 -3.18 -0.01 -10.84
C TRP A 46 -2.55 1.17 -10.08
N THR A 47 -3.37 2.19 -9.83
CA THR A 47 -2.98 3.36 -9.02
C THR A 47 -2.92 2.97 -7.53
N VAL A 48 -2.23 3.82 -6.75
CA VAL A 48 -2.20 3.74 -5.28
C VAL A 48 -3.64 3.85 -4.73
N GLY A 49 -4.46 4.67 -5.42
CA GLY A 49 -5.87 4.90 -5.06
C GLY A 49 -6.77 3.68 -5.22
N LYS A 50 -6.72 3.02 -6.40
CA LYS A 50 -7.54 1.81 -6.68
C LYS A 50 -7.13 0.65 -5.75
N LEU A 51 -5.83 0.60 -5.41
CA LEU A 51 -5.29 -0.39 -4.46
C LEU A 51 -5.74 -0.07 -3.03
N LYS A 52 -5.77 1.23 -2.70
CA LYS A 52 -6.15 1.74 -1.35
C LYS A 52 -7.65 1.48 -1.08
N THR A 53 -8.45 1.53 -2.16
CA THR A 53 -9.89 1.20 -2.15
C THR A 53 -10.08 -0.33 -1.99
N HIS A 54 -9.21 -1.10 -2.68
CA HIS A 54 -9.16 -2.58 -2.59
C HIS A 54 -8.81 -3.01 -1.15
N LEU A 55 -7.91 -2.24 -0.49
CA LEU A 55 -7.52 -2.46 0.91
C LEU A 55 -8.69 -2.08 1.84
N SER A 56 -9.39 -0.98 1.50
CA SER A 56 -10.55 -0.49 2.27
C SER A 56 -11.68 -1.54 2.30
N ASN A 57 -11.67 -2.45 1.32
CA ASN A 57 -12.57 -3.62 1.26
C ASN A 57 -11.98 -4.82 2.03
N VAL A 58 -10.80 -5.31 1.61
CA VAL A 58 -10.25 -6.62 2.04
C VAL A 58 -9.59 -6.57 3.45
N TYR A 59 -8.80 -5.51 3.69
CA TYR A 59 -7.99 -5.34 4.92
C TYR A 59 -8.94 -5.02 6.12
N PRO A 60 -8.77 -5.71 7.30
CA PRO A 60 -9.75 -5.62 8.45
C PRO A 60 -9.91 -4.20 9.05
N SER A 61 -8.85 -3.37 8.94
CA SER A 61 -8.86 -1.97 9.40
C SER A 61 -9.80 -1.11 8.51
N LYS A 62 -9.93 -1.54 7.24
CA LYS A 62 -10.66 -0.82 6.18
C LYS A 62 -10.01 0.56 5.92
N PRO A 63 -8.72 0.57 5.41
CA PRO A 63 -7.95 1.81 5.15
C PRO A 63 -8.73 2.88 4.36
N LEU A 64 -9.25 3.88 5.11
CA LEU A 64 -9.96 5.03 4.54
C LEU A 64 -9.03 5.84 3.62
N THR A 65 -9.51 6.15 2.42
CA THR A 65 -8.73 6.83 1.37
C THR A 65 -8.38 8.28 1.76
N LYS A 66 -9.19 8.88 2.66
CA LYS A 66 -9.01 10.26 3.14
C LYS A 66 -8.20 10.33 4.46
N ASP A 67 -7.75 9.17 5.00
CA ASP A 67 -6.90 9.15 6.23
C ASP A 67 -5.62 8.38 5.95
N GLN A 68 -5.82 7.12 5.60
CA GLN A 68 -4.78 6.09 5.56
C GLN A 68 -3.94 6.20 4.28
N ARG A 69 -2.80 6.91 4.42
CA ARG A 69 -1.86 7.19 3.34
C ARG A 69 -0.74 6.12 3.34
N LEU A 70 0.07 6.09 2.28
CA LEU A 70 1.15 5.10 2.12
C LEU A 70 2.50 5.82 2.02
N VAL A 71 3.34 5.69 3.07
CA VAL A 71 4.69 6.30 3.12
C VAL A 71 5.76 5.21 2.87
N TYR A 72 6.54 5.38 1.80
CA TYR A 72 7.52 4.39 1.33
C TYR A 72 8.93 4.96 1.50
N SER A 73 9.67 4.43 2.51
CA SER A 73 11.07 4.80 2.82
C SER A 73 11.30 6.33 2.95
N GLY A 74 10.22 7.05 3.37
CA GLY A 74 10.28 8.49 3.62
C GLY A 74 9.24 9.27 2.82
N ARG A 75 9.07 8.91 1.54
CA ARG A 75 8.21 9.66 0.59
C ARG A 75 6.73 9.25 0.74
N LEU A 76 5.83 10.07 0.21
CA LEU A 76 4.39 9.78 0.21
C LEU A 76 4.00 9.25 -1.19
N LEU A 77 3.15 8.21 -1.22
CA LEU A 77 2.62 7.62 -2.46
C LEU A 77 1.19 8.14 -2.68
N PRO A 78 0.99 9.21 -3.52
CA PRO A 78 -0.36 9.78 -3.77
C PRO A 78 -1.20 8.88 -4.70
N ASP A 79 -2.52 8.92 -4.49
CA ASP A 79 -3.48 8.01 -5.14
C ASP A 79 -3.54 8.15 -6.68
N HIS A 80 -3.08 9.31 -7.22
CA HIS A 80 -3.24 9.65 -8.66
C HIS A 80 -2.33 8.79 -9.59
N LEU A 81 -1.16 8.35 -9.09
CA LEU A 81 -0.16 7.63 -9.90
C LEU A 81 -0.17 6.12 -9.63
N GLN A 82 0.48 5.35 -10.51
CA GLN A 82 0.62 3.89 -10.38
C GLN A 82 1.68 3.55 -9.33
N LEU A 83 1.42 2.48 -8.55
CA LEU A 83 2.36 1.95 -7.55
C LEU A 83 3.72 1.60 -8.20
N LYS A 84 3.67 0.97 -9.39
CA LYS A 84 4.88 0.49 -10.13
C LYS A 84 5.92 1.59 -10.34
N ASP A 85 5.43 2.84 -10.50
CA ASP A 85 6.28 4.00 -10.82
C ASP A 85 7.38 4.22 -9.76
N ILE A 86 7.00 4.03 -8.50
CA ILE A 86 7.89 4.18 -7.34
C ILE A 86 8.50 2.82 -6.96
N LEU A 87 7.71 1.75 -7.19
CA LEU A 87 8.01 0.40 -6.66
C LEU A 87 8.68 -0.48 -7.75
N ARG A 88 9.31 0.19 -8.72
CA ARG A 88 10.06 -0.43 -9.84
C ARG A 88 11.41 -1.03 -9.36
N LYS A 89 11.87 -0.61 -8.15
CA LYS A 89 13.17 -1.01 -7.57
C LYS A 89 13.30 -2.56 -7.47
N GLN A 90 12.48 -3.15 -6.59
CA GLN A 90 12.49 -4.60 -6.33
C GLN A 90 11.42 -5.29 -7.21
N ASP A 91 10.31 -4.56 -7.46
CA ASP A 91 9.20 -5.00 -8.36
C ASP A 91 8.56 -6.36 -7.91
N GLU A 92 8.79 -6.74 -6.63
CA GLU A 92 8.37 -8.03 -6.07
C GLU A 92 7.76 -7.84 -4.67
N TYR A 93 8.58 -7.38 -3.71
CA TYR A 93 8.15 -7.15 -2.31
C TYR A 93 8.49 -5.71 -1.92
N HIS A 94 7.54 -5.00 -1.28
CA HIS A 94 7.72 -3.59 -0.88
C HIS A 94 7.06 -3.32 0.48
N MET A 95 7.89 -3.01 1.48
CA MET A 95 7.44 -2.66 2.83
C MET A 95 7.05 -1.16 2.89
N VAL A 96 5.73 -0.92 2.81
CA VAL A 96 5.15 0.44 2.78
C VAL A 96 4.36 0.68 4.07
N HIS A 97 4.49 1.89 4.63
CA HIS A 97 3.93 2.27 5.94
C HIS A 97 2.50 2.82 5.78
N LEU A 98 1.52 2.05 6.26
CA LEU A 98 0.12 2.49 6.34
C LEU A 98 -0.04 3.45 7.52
N VAL A 99 -0.03 4.76 7.22
CA VAL A 99 -0.15 5.83 8.22
C VAL A 99 -1.64 6.28 8.34
N PRO A 23 4.27 -10.99 -9.61
CA PRO A 23 3.28 -10.85 -8.50
C PRO A 23 3.87 -9.94 -7.41
N VAL A 24 3.14 -8.86 -7.06
CA VAL A 24 3.61 -7.87 -6.07
C VAL A 24 3.09 -8.22 -4.66
N THR A 25 3.98 -8.79 -3.85
CA THR A 25 3.77 -8.95 -2.42
C THR A 25 3.96 -7.58 -1.73
N LEU A 26 2.83 -6.89 -1.50
CA LEU A 26 2.84 -5.53 -0.97
C LEU A 26 2.67 -5.59 0.55
N ILE A 27 3.79 -5.50 1.25
CA ILE A 27 3.86 -5.64 2.69
C ILE A 27 3.34 -4.35 3.37
N ILE A 28 2.05 -4.37 3.70
CA ILE A 28 1.33 -3.25 4.35
C ILE A 28 1.46 -3.36 5.87
N LYS A 29 2.41 -2.59 6.40
CA LYS A 29 2.69 -2.49 7.83
C LYS A 29 2.00 -1.25 8.41
N ALA A 30 1.61 -1.33 9.70
CA ALA A 30 1.05 -0.17 10.41
C ALA A 30 2.20 0.74 10.93
N PRO A 31 2.07 2.11 10.85
CA PRO A 31 3.09 3.06 11.39
C PRO A 31 3.36 2.89 12.91
N ASN A 32 2.27 2.83 13.70
CA ASN A 32 2.35 2.59 15.18
C ASN A 32 2.66 1.09 15.45
N GLN A 33 2.50 0.25 14.41
CA GLN A 33 2.86 -1.19 14.42
C GLN A 33 1.97 -1.99 15.38
N LYS A 34 0.71 -1.53 15.56
CA LYS A 34 -0.35 -2.32 16.23
C LYS A 34 -0.65 -3.57 15.38
N TYR A 35 -0.74 -3.33 14.06
CA TYR A 35 -0.82 -4.38 13.04
C TYR A 35 0.58 -4.74 12.57
N SER A 36 0.81 -6.03 12.31
CA SER A 36 2.08 -6.55 11.79
C SER A 36 2.14 -6.34 10.24
N ASP A 37 2.98 -7.12 9.55
CA ASP A 37 3.11 -7.07 8.08
C ASP A 37 1.97 -7.85 7.39
N GLN A 38 1.12 -7.12 6.64
CA GLN A 38 0.05 -7.71 5.80
C GLN A 38 0.57 -7.88 4.36
N THR A 39 0.81 -9.14 3.95
CA THR A 39 1.25 -9.46 2.59
C THR A 39 0.05 -9.39 1.62
N ILE A 40 -0.11 -8.23 0.99
CA ILE A 40 -1.22 -7.97 0.06
C ILE A 40 -0.78 -8.28 -1.38
N SER A 41 -1.26 -9.42 -1.91
CA SER A 41 -1.01 -9.84 -3.30
C SER A 41 -1.71 -8.85 -4.26
N CYS A 42 -0.91 -8.21 -5.13
CA CYS A 42 -1.38 -7.13 -5.98
C CYS A 42 -0.56 -7.03 -7.28
N PHE A 43 -0.84 -5.97 -8.04
CA PHE A 43 -0.17 -5.65 -9.31
C PHE A 43 0.22 -4.16 -9.31
N LEU A 44 1.34 -3.85 -10.00
CA LEU A 44 1.80 -2.45 -10.20
C LEU A 44 0.94 -1.73 -11.26
N ASN A 45 0.02 -2.49 -11.90
CA ASN A 45 -0.89 -1.97 -12.94
C ASN A 45 -1.78 -0.84 -12.39
N TRP A 46 -2.36 -1.06 -11.20
CA TRP A 46 -3.33 -0.13 -10.60
C TRP A 46 -2.62 1.09 -9.97
N THR A 47 -3.41 2.12 -9.64
CA THR A 47 -2.92 3.29 -8.92
C THR A 47 -2.80 3.01 -7.42
N VAL A 48 -2.12 3.93 -6.71
CA VAL A 48 -2.06 3.92 -5.24
C VAL A 48 -3.47 4.04 -4.64
N GLY A 49 -4.34 4.83 -5.31
CA GLY A 49 -5.74 5.02 -4.92
C GLY A 49 -6.60 3.77 -5.08
N LYS A 50 -6.45 3.08 -6.23
CA LYS A 50 -7.16 1.81 -6.52
C LYS A 50 -6.75 0.73 -5.52
N LEU A 51 -5.44 0.70 -5.21
CA LEU A 51 -4.86 -0.25 -4.26
C LEU A 51 -5.34 0.08 -2.84
N LYS A 52 -5.42 1.36 -2.53
CA LYS A 52 -5.82 1.86 -1.20
C LYS A 52 -7.28 1.48 -0.89
N THR A 53 -8.13 1.54 -1.92
CA THR A 53 -9.54 1.10 -1.86
C THR A 53 -9.58 -0.44 -1.65
N HIS A 54 -8.71 -1.14 -2.42
CA HIS A 54 -8.51 -2.61 -2.31
C HIS A 54 -8.05 -3.01 -0.89
N LEU A 55 -7.28 -2.10 -0.24
CA LEU A 55 -6.82 -2.29 1.15
C LEU A 55 -8.02 -2.18 2.10
N SER A 56 -8.79 -1.07 1.96
CA SER A 56 -9.99 -0.79 2.77
C SER A 56 -11.02 -1.95 2.72
N ASN A 57 -10.99 -2.69 1.60
CA ASN A 57 -11.83 -3.89 1.39
C ASN A 57 -11.28 -5.10 2.20
N VAL A 58 -9.96 -5.35 2.09
CA VAL A 58 -9.31 -6.56 2.68
C VAL A 58 -8.75 -6.31 4.10
N TYR A 59 -8.88 -5.07 4.61
CA TYR A 59 -8.30 -4.67 5.91
C TYR A 59 -9.34 -4.94 7.03
N PRO A 60 -8.93 -5.59 8.16
CA PRO A 60 -9.87 -5.96 9.27
C PRO A 60 -10.61 -4.75 9.88
N SER A 61 -9.92 -3.60 9.93
CA SER A 61 -10.45 -2.34 10.47
C SER A 61 -11.41 -1.66 9.46
N LYS A 62 -11.19 -1.92 8.15
CA LYS A 62 -11.86 -1.21 7.03
C LYS A 62 -11.75 0.34 7.20
N PRO A 63 -10.54 0.92 6.96
CA PRO A 63 -10.32 2.37 7.11
C PRO A 63 -10.78 3.15 5.86
N LEU A 64 -10.99 4.47 6.02
CA LEU A 64 -11.44 5.34 4.94
C LEU A 64 -10.25 5.77 4.08
N THR A 65 -10.41 5.70 2.74
CA THR A 65 -9.34 5.97 1.77
C THR A 65 -8.76 7.39 1.91
N LYS A 66 -9.62 8.36 2.22
CA LYS A 66 -9.20 9.78 2.35
C LYS A 66 -8.38 10.02 3.65
N ASP A 67 -8.50 9.11 4.65
CA ASP A 67 -7.72 9.22 5.91
C ASP A 67 -6.39 8.49 5.76
N GLN A 68 -6.31 7.57 4.79
CA GLN A 68 -5.17 6.67 4.60
C GLN A 68 -4.20 7.20 3.54
N ARG A 69 -2.91 7.20 3.90
CA ARG A 69 -1.79 7.53 3.01
C ARG A 69 -0.84 6.33 3.01
N LEU A 70 -0.08 6.16 1.93
CA LEU A 70 0.91 5.09 1.78
C LEU A 70 2.32 5.71 1.88
N VAL A 71 3.05 5.42 2.98
CA VAL A 71 4.42 5.92 3.20
C VAL A 71 5.43 4.78 2.99
N TYR A 72 6.12 4.80 1.84
CA TYR A 72 7.03 3.73 1.43
C TYR A 72 8.47 4.11 1.79
N SER A 73 8.95 3.57 2.93
CA SER A 73 10.35 3.75 3.40
C SER A 73 10.68 5.23 3.74
N GLY A 74 9.66 6.10 3.78
CA GLY A 74 9.83 7.54 4.04
C GLY A 74 9.03 8.41 3.10
N ARG A 75 8.94 7.98 1.82
CA ARG A 75 8.32 8.78 0.74
C ARG A 75 6.80 8.60 0.73
N LEU A 76 6.08 9.57 0.15
CA LEU A 76 4.62 9.55 0.08
C LEU A 76 4.17 9.06 -1.30
N LEU A 77 3.35 8.00 -1.33
CA LEU A 77 2.76 7.46 -2.55
C LEU A 77 1.40 8.14 -2.77
N PRO A 78 1.27 9.11 -3.74
CA PRO A 78 -0.01 9.78 -4.02
C PRO A 78 -0.96 8.92 -4.87
N ASP A 79 -2.25 8.98 -4.53
CA ASP A 79 -3.30 8.10 -5.07
C ASP A 79 -3.54 8.26 -6.59
N HIS A 80 -3.06 9.38 -7.18
CA HIS A 80 -3.37 9.73 -8.58
C HIS A 80 -2.56 8.89 -9.59
N LEU A 81 -1.33 8.50 -9.22
CA LEU A 81 -0.41 7.79 -10.13
C LEU A 81 -0.38 6.28 -9.85
N GLN A 82 0.20 5.54 -10.81
CA GLN A 82 0.31 4.07 -10.73
C GLN A 82 1.44 3.64 -9.78
N LEU A 83 1.27 2.46 -9.18
CA LEU A 83 2.22 1.87 -8.22
C LEU A 83 3.63 1.72 -8.83
N LYS A 84 3.67 1.27 -10.11
CA LYS A 84 4.93 1.04 -10.86
C LYS A 84 5.91 2.23 -10.79
N ASP A 85 5.33 3.45 -10.75
CA ASP A 85 6.09 4.72 -10.75
C ASP A 85 7.20 4.74 -9.68
N ILE A 86 6.86 4.25 -8.48
CA ILE A 86 7.78 4.21 -7.34
C ILE A 86 8.37 2.79 -7.18
N LEU A 87 7.55 1.79 -7.54
CA LEU A 87 7.77 0.39 -7.10
C LEU A 87 8.45 -0.46 -8.20
N ARG A 88 8.98 0.23 -9.21
CA ARG A 88 9.70 -0.38 -10.36
C ARG A 88 11.02 -1.04 -9.92
N LYS A 89 11.68 -0.44 -8.92
CA LYS A 89 13.03 -0.81 -8.46
C LYS A 89 13.13 -2.29 -7.99
N GLN A 90 12.19 -2.72 -7.14
CA GLN A 90 12.18 -4.09 -6.57
C GLN A 90 11.12 -4.97 -7.26
N ASP A 91 9.93 -4.38 -7.51
CA ASP A 91 8.73 -5.05 -8.10
C ASP A 91 8.12 -6.11 -7.14
N GLU A 92 8.88 -7.20 -6.90
CA GLU A 92 8.50 -8.38 -6.11
C GLU A 92 7.86 -8.03 -4.73
N TYR A 93 8.63 -7.40 -3.81
CA TYR A 93 8.13 -7.06 -2.46
C TYR A 93 8.39 -5.58 -2.15
N HIS A 94 7.46 -4.95 -1.39
CA HIS A 94 7.54 -3.52 -0.98
C HIS A 94 6.91 -3.32 0.40
N MET A 95 7.69 -2.85 1.40
CA MET A 95 7.17 -2.58 2.75
C MET A 95 6.71 -1.09 2.86
N VAL A 96 5.38 -0.91 2.81
CA VAL A 96 4.72 0.40 2.86
C VAL A 96 3.95 0.55 4.19
N HIS A 97 3.83 1.80 4.69
CA HIS A 97 3.18 2.11 5.99
C HIS A 97 1.83 2.81 5.73
N LEU A 98 0.73 2.14 6.10
CA LEU A 98 -0.64 2.63 5.86
C LEU A 98 -1.07 3.53 7.04
N VAL A 99 -0.88 4.86 6.90
CA VAL A 99 -1.11 5.85 7.97
C VAL A 99 -2.53 6.48 7.87
N PRO A 23 1.11 -12.18 -8.43
CA PRO A 23 1.09 -10.70 -8.36
C PRO A 23 2.31 -10.19 -7.55
N VAL A 24 2.34 -8.88 -7.30
CA VAL A 24 3.37 -8.22 -6.48
C VAL A 24 2.92 -8.17 -5.01
N THR A 25 3.80 -8.61 -4.11
CA THR A 25 3.56 -8.63 -2.67
C THR A 25 3.71 -7.20 -2.09
N LEU A 26 2.56 -6.60 -1.68
CA LEU A 26 2.53 -5.27 -1.08
C LEU A 26 2.40 -5.42 0.45
N ILE A 27 3.54 -5.30 1.13
CA ILE A 27 3.66 -5.52 2.57
C ILE A 27 3.21 -4.27 3.34
N ILE A 28 1.96 -4.29 3.78
CA ILE A 28 1.33 -3.19 4.52
C ILE A 28 1.68 -3.25 6.02
N LYS A 29 2.37 -2.23 6.49
CA LYS A 29 2.78 -2.08 7.89
C LYS A 29 2.00 -0.91 8.50
N ALA A 30 1.30 -1.16 9.61
CA ALA A 30 0.53 -0.12 10.34
C ALA A 30 1.50 0.90 10.96
N PRO A 31 1.14 2.23 11.00
CA PRO A 31 2.10 3.32 11.32
C PRO A 31 2.55 3.30 12.81
N ASN A 32 1.64 2.85 13.69
CA ASN A 32 1.88 2.74 15.14
C ASN A 32 2.45 1.34 15.49
N GLN A 33 2.61 0.48 14.45
CA GLN A 33 3.09 -0.92 14.56
C GLN A 33 2.09 -1.76 15.39
N LYS A 34 0.81 -1.31 15.40
CA LYS A 34 -0.28 -2.01 16.10
C LYS A 34 -0.59 -3.35 15.39
N TYR A 35 -0.70 -3.27 14.05
CA TYR A 35 -0.82 -4.45 13.17
C TYR A 35 0.58 -4.84 12.67
N SER A 36 0.71 -6.10 12.25
CA SER A 36 1.95 -6.63 11.68
C SER A 36 2.02 -6.32 10.18
N ASP A 37 3.10 -6.79 9.54
CA ASP A 37 3.34 -6.62 8.10
C ASP A 37 2.48 -7.62 7.28
N GLN A 38 1.39 -7.10 6.69
CA GLN A 38 0.37 -7.88 5.98
C GLN A 38 0.69 -7.92 4.46
N THR A 39 1.01 -9.11 3.94
CA THR A 39 1.36 -9.33 2.53
C THR A 39 0.09 -9.36 1.63
N ILE A 40 -0.20 -8.21 1.00
CA ILE A 40 -1.36 -8.03 0.11
C ILE A 40 -0.92 -8.27 -1.36
N SER A 41 -1.26 -9.45 -1.90
CA SER A 41 -0.89 -9.86 -3.26
C SER A 41 -1.73 -9.12 -4.32
N CYS A 42 -1.16 -8.06 -4.91
CA CYS A 42 -1.85 -7.18 -5.88
C CYS A 42 -0.91 -6.68 -6.98
N PHE A 43 -1.47 -5.95 -7.96
CA PHE A 43 -0.74 -5.48 -9.15
C PHE A 43 -0.32 -4.02 -9.03
N LEU A 44 0.85 -3.70 -9.63
CA LEU A 44 1.39 -2.34 -9.72
C LEU A 44 0.72 -1.55 -10.87
N ASN A 45 -0.09 -2.29 -11.68
CA ASN A 45 -0.85 -1.74 -12.81
C ASN A 45 -1.78 -0.59 -12.38
N TRP A 46 -2.51 -0.80 -11.27
CA TRP A 46 -3.46 0.19 -10.73
C TRP A 46 -2.72 1.30 -9.99
N THR A 47 -3.45 2.38 -9.69
CA THR A 47 -2.92 3.52 -8.95
C THR A 47 -2.89 3.22 -7.43
N VAL A 48 -2.21 4.10 -6.67
CA VAL A 48 -2.16 4.03 -5.20
C VAL A 48 -3.58 4.13 -4.61
N GLY A 49 -4.44 4.97 -5.23
CA GLY A 49 -5.83 5.18 -4.79
C GLY A 49 -6.71 3.93 -4.96
N LYS A 50 -6.59 3.26 -6.13
CA LYS A 50 -7.38 2.06 -6.45
C LYS A 50 -6.93 0.85 -5.61
N LEU A 51 -5.61 0.77 -5.35
CA LEU A 51 -5.04 -0.26 -4.48
C LEU A 51 -5.49 -0.01 -3.03
N LYS A 52 -5.54 1.26 -2.65
CA LYS A 52 -5.93 1.70 -1.29
C LYS A 52 -7.38 1.30 -0.98
N THR A 53 -8.24 1.34 -2.02
CA THR A 53 -9.64 0.89 -1.94
C THR A 53 -9.68 -0.64 -1.73
N HIS A 54 -8.81 -1.36 -2.49
CA HIS A 54 -8.61 -2.82 -2.34
C HIS A 54 -8.15 -3.15 -0.91
N LEU A 55 -7.25 -2.31 -0.34
CA LEU A 55 -6.72 -2.47 1.02
C LEU A 55 -7.87 -2.35 2.01
N SER A 56 -8.66 -1.28 1.89
CA SER A 56 -9.85 -1.03 2.75
C SER A 56 -10.88 -2.19 2.66
N ASN A 57 -10.86 -2.91 1.53
CA ASN A 57 -11.78 -4.04 1.26
C ASN A 57 -11.25 -5.35 1.91
N VAL A 58 -9.92 -5.54 1.91
CA VAL A 58 -9.26 -6.80 2.36
C VAL A 58 -8.61 -6.68 3.77
N TYR A 59 -8.57 -5.46 4.34
CA TYR A 59 -7.91 -5.20 5.64
C TYR A 59 -8.93 -5.43 6.78
N PRO A 60 -8.55 -6.09 7.92
CA PRO A 60 -9.50 -6.42 9.02
C PRO A 60 -10.14 -5.16 9.67
N SER A 61 -9.35 -4.07 9.73
CA SER A 61 -9.79 -2.78 10.28
C SER A 61 -10.78 -2.08 9.32
N LYS A 62 -10.50 -2.18 8.01
CA LYS A 62 -11.20 -1.43 6.95
C LYS A 62 -11.12 0.10 7.21
N PRO A 63 -9.95 0.73 6.94
CA PRO A 63 -9.75 2.18 7.18
C PRO A 63 -10.21 3.06 5.98
N LEU A 64 -10.71 4.28 6.28
CA LEU A 64 -11.23 5.22 5.24
C LEU A 64 -10.07 5.71 4.34
N THR A 65 -10.24 5.51 3.02
CA THR A 65 -9.20 5.75 2.00
C THR A 65 -8.81 7.25 1.89
N LYS A 66 -9.75 8.16 2.23
CA LYS A 66 -9.51 9.61 2.16
C LYS A 66 -8.58 10.11 3.31
N ASP A 67 -8.40 9.26 4.35
CA ASP A 67 -7.46 9.55 5.46
C ASP A 67 -6.13 8.86 5.17
N GLN A 68 -6.24 7.61 4.69
CA GLN A 68 -5.11 6.69 4.51
C GLN A 68 -4.13 7.18 3.45
N ARG A 69 -2.85 7.17 3.81
CA ARG A 69 -1.74 7.63 2.97
C ARG A 69 -0.64 6.54 2.99
N LEU A 70 -0.24 6.06 1.81
CA LEU A 70 0.82 5.05 1.69
C LEU A 70 2.19 5.77 1.77
N VAL A 71 2.93 5.56 2.86
CA VAL A 71 4.27 6.18 3.06
C VAL A 71 5.36 5.10 2.97
N TYR A 72 6.14 5.12 1.88
CA TYR A 72 7.11 4.08 1.55
C TYR A 72 8.53 4.52 1.97
N SER A 73 8.96 4.05 3.16
CA SER A 73 10.33 4.26 3.69
C SER A 73 10.68 5.76 3.90
N GLY A 74 9.64 6.61 4.00
CA GLY A 74 9.80 8.06 4.20
C GLY A 74 9.00 8.90 3.22
N ARG A 75 8.87 8.43 1.97
CA ARG A 75 8.23 9.20 0.88
C ARG A 75 6.72 8.96 0.90
N LEU A 76 5.95 9.93 0.38
CA LEU A 76 4.49 9.83 0.28
C LEU A 76 4.14 9.33 -1.14
N LEU A 77 3.29 8.29 -1.21
CA LEU A 77 2.80 7.73 -2.48
C LEU A 77 1.42 8.35 -2.78
N PRO A 78 1.33 9.33 -3.72
CA PRO A 78 0.05 9.97 -4.10
C PRO A 78 -0.77 9.09 -5.07
N ASP A 79 -2.09 9.25 -5.05
CA ASP A 79 -3.01 8.39 -5.82
C ASP A 79 -2.93 8.62 -7.34
N HIS A 80 -2.43 9.80 -7.77
CA HIS A 80 -2.47 10.21 -9.20
C HIS A 80 -1.57 9.33 -10.11
N LEU A 81 -0.54 8.72 -9.51
CA LEU A 81 0.42 7.86 -10.25
C LEU A 81 0.08 6.36 -10.03
N GLN A 82 0.65 5.51 -10.89
CA GLN A 82 0.59 4.05 -10.72
C GLN A 82 1.71 3.62 -9.77
N LEU A 83 1.45 2.52 -9.05
CA LEU A 83 2.37 1.95 -8.04
C LEU A 83 3.77 1.68 -8.59
N LYS A 84 3.81 1.15 -9.84
CA LYS A 84 5.06 0.75 -10.53
C LYS A 84 6.14 1.85 -10.49
N ASP A 85 5.69 3.12 -10.54
CA ASP A 85 6.56 4.31 -10.61
C ASP A 85 7.59 4.34 -9.46
N ILE A 86 7.16 3.84 -8.29
CA ILE A 86 8.00 3.78 -7.09
C ILE A 86 8.45 2.34 -6.84
N LEU A 87 7.60 1.38 -7.22
CA LEU A 87 7.69 -0.01 -6.76
C LEU A 87 8.20 -0.96 -7.87
N ARG A 88 8.87 -0.41 -8.88
CA ARG A 88 9.54 -1.20 -9.93
C ARG A 88 10.97 -1.59 -9.48
N LYS A 89 11.45 -0.90 -8.40
CA LYS A 89 12.81 -1.07 -7.84
C LYS A 89 13.11 -2.54 -7.47
N GLN A 90 12.44 -3.09 -6.42
CA GLN A 90 12.49 -4.54 -6.12
C GLN A 90 11.56 -5.27 -7.09
N ASP A 91 10.39 -4.62 -7.36
CA ASP A 91 9.31 -5.10 -8.25
C ASP A 91 8.51 -6.29 -7.66
N GLU A 92 9.12 -7.07 -6.74
CA GLU A 92 8.54 -8.29 -6.16
C GLU A 92 7.77 -7.99 -4.86
N TYR A 93 8.47 -7.44 -3.84
CA TYR A 93 7.87 -7.14 -2.53
C TYR A 93 8.34 -5.77 -2.03
N HIS A 94 7.43 -5.03 -1.34
CA HIS A 94 7.66 -3.63 -0.90
C HIS A 94 6.96 -3.38 0.45
N MET A 95 7.73 -2.97 1.46
CA MET A 95 7.20 -2.63 2.80
C MET A 95 6.77 -1.14 2.84
N VAL A 96 5.46 -0.92 2.76
CA VAL A 96 4.84 0.43 2.78
C VAL A 96 4.07 0.63 4.10
N HIS A 97 4.19 1.82 4.67
CA HIS A 97 3.57 2.18 5.96
C HIS A 97 2.24 2.92 5.71
N LEU A 98 1.12 2.23 5.94
CA LEU A 98 -0.23 2.76 5.66
C LEU A 98 -0.72 3.60 6.85
N VAL A 99 -0.48 4.93 6.78
CA VAL A 99 -0.76 5.86 7.91
C VAL A 99 -2.26 6.32 7.89
N PRO A 23 1.04 -12.33 -8.43
CA PRO A 23 0.78 -10.95 -7.90
C PRO A 23 1.99 -10.43 -7.10
N VAL A 24 2.09 -9.11 -7.03
CA VAL A 24 3.15 -8.41 -6.27
C VAL A 24 2.85 -8.46 -4.77
N THR A 25 3.85 -8.91 -4.01
CA THR A 25 3.83 -8.93 -2.55
C THR A 25 4.03 -7.49 -2.02
N LEU A 26 2.92 -6.82 -1.70
CA LEU A 26 2.97 -5.46 -1.14
C LEU A 26 2.77 -5.57 0.37
N ILE A 27 3.88 -5.49 1.09
CA ILE A 27 3.93 -5.62 2.54
C ILE A 27 3.36 -4.33 3.19
N ILE A 28 2.06 -4.37 3.50
CA ILE A 28 1.36 -3.25 4.15
C ILE A 28 1.57 -3.32 5.65
N LYS A 29 2.23 -2.31 6.18
CA LYS A 29 2.59 -2.20 7.59
C LYS A 29 1.78 -1.07 8.25
N ALA A 30 1.66 -1.12 9.57
CA ALA A 30 0.98 -0.08 10.35
C ALA A 30 1.94 1.10 10.65
N PRO A 31 1.41 2.34 10.96
CA PRO A 31 2.25 3.54 11.20
C PRO A 31 3.12 3.39 12.48
N ASN A 32 2.50 2.89 13.57
CA ASN A 32 3.19 2.61 14.83
C ASN A 32 3.24 1.09 15.05
N GLN A 33 2.06 0.49 15.37
CA GLN A 33 1.93 -0.95 15.65
C GLN A 33 0.44 -1.38 15.76
N LYS A 34 -0.44 -0.76 14.92
CA LYS A 34 -1.89 -1.11 14.86
C LYS A 34 -2.09 -2.60 14.53
N TYR A 35 -1.31 -3.06 13.53
CA TYR A 35 -1.32 -4.44 13.01
C TYR A 35 0.11 -4.86 12.68
N SER A 36 0.26 -6.12 12.21
CA SER A 36 1.52 -6.68 11.72
C SER A 36 1.86 -6.13 10.31
N ASP A 37 2.77 -6.82 9.61
CA ASP A 37 3.13 -6.52 8.22
C ASP A 37 2.39 -7.50 7.27
N GLN A 38 1.13 -7.15 6.92
CA GLN A 38 0.28 -7.98 6.04
C GLN A 38 0.77 -7.90 4.59
N THR A 39 1.31 -9.02 4.09
CA THR A 39 1.69 -9.17 2.70
C THR A 39 0.43 -9.30 1.82
N ILE A 40 -0.01 -8.15 1.27
CA ILE A 40 -1.19 -8.07 0.38
C ILE A 40 -0.76 -8.41 -1.05
N SER A 41 -1.29 -9.53 -1.58
CA SER A 41 -1.12 -9.92 -2.98
C SER A 41 -1.98 -8.99 -3.85
N CYS A 42 -1.30 -8.12 -4.61
CA CYS A 42 -1.93 -7.07 -5.41
C CYS A 42 -1.06 -6.79 -6.65
N PHE A 43 -1.30 -5.67 -7.34
CA PHE A 43 -0.55 -5.30 -8.56
C PHE A 43 -0.12 -3.83 -8.51
N LEU A 44 1.11 -3.57 -8.98
CA LEU A 44 1.66 -2.21 -9.13
C LEU A 44 1.06 -1.50 -10.37
N ASN A 45 0.34 -2.29 -11.20
CA ASN A 45 -0.34 -1.82 -12.42
C ASN A 45 -1.43 -0.79 -12.09
N TRP A 46 -2.02 -0.91 -10.89
CA TRP A 46 -3.03 0.04 -10.40
C TRP A 46 -2.36 1.28 -9.80
N THR A 47 -3.16 2.34 -9.65
CA THR A 47 -2.79 3.52 -8.88
C THR A 47 -2.93 3.24 -7.37
N VAL A 48 -2.27 4.09 -6.57
CA VAL A 48 -2.28 3.99 -5.09
C VAL A 48 -3.72 4.07 -4.54
N GLY A 49 -4.59 4.85 -5.22
CA GLY A 49 -5.99 4.98 -4.87
C GLY A 49 -6.79 3.69 -5.03
N LYS A 50 -6.60 3.01 -6.17
CA LYS A 50 -7.23 1.70 -6.47
C LYS A 50 -6.78 0.63 -5.46
N LEU A 51 -5.48 0.70 -5.09
CA LEU A 51 -4.87 -0.21 -4.10
C LEU A 51 -5.48 0.05 -2.71
N LYS A 52 -5.65 1.33 -2.38
CA LYS A 52 -6.13 1.79 -1.08
C LYS A 52 -7.62 1.44 -0.87
N THR A 53 -8.38 1.48 -1.98
CA THR A 53 -9.80 1.08 -2.01
C THR A 53 -9.91 -0.45 -1.90
N HIS A 54 -8.96 -1.15 -2.54
CA HIS A 54 -8.80 -2.61 -2.41
C HIS A 54 -8.47 -2.99 -0.96
N LEU A 55 -7.63 -2.18 -0.29
CA LEU A 55 -7.29 -2.36 1.14
C LEU A 55 -8.52 -2.08 2.01
N SER A 56 -9.31 -1.05 1.62
CA SER A 56 -10.56 -0.66 2.33
C SER A 56 -11.56 -1.84 2.36
N ASN A 57 -11.44 -2.71 1.35
CA ASN A 57 -12.25 -3.94 1.23
C ASN A 57 -11.59 -5.13 1.98
N VAL A 58 -10.30 -5.41 1.68
CA VAL A 58 -9.64 -6.69 2.09
C VAL A 58 -8.92 -6.58 3.45
N TYR A 59 -8.21 -5.46 3.69
CA TYR A 59 -7.33 -5.27 4.87
C TYR A 59 -8.20 -5.11 6.14
N PRO A 60 -7.85 -5.83 7.27
CA PRO A 60 -8.70 -5.92 8.52
C PRO A 60 -9.16 -4.56 9.11
N SER A 61 -8.34 -3.51 8.92
CA SER A 61 -8.62 -2.17 9.48
C SER A 61 -9.82 -1.49 8.79
N LYS A 62 -10.08 -1.90 7.54
CA LYS A 62 -11.02 -1.24 6.60
C LYS A 62 -10.60 0.25 6.40
N PRO A 63 -9.37 0.47 5.82
CA PRO A 63 -8.76 1.81 5.63
C PRO A 63 -9.67 2.84 4.92
N LEU A 64 -9.94 3.97 5.60
CA LEU A 64 -10.68 5.10 4.99
C LEU A 64 -9.73 5.93 4.12
N THR A 65 -10.11 6.17 2.86
CA THR A 65 -9.24 6.84 1.85
C THR A 65 -8.82 8.26 2.28
N LYS A 66 -9.71 8.95 3.00
CA LYS A 66 -9.49 10.35 3.46
C LYS A 66 -8.67 10.43 4.78
N ASP A 67 -8.33 9.27 5.35
CA ASP A 67 -7.48 9.18 6.57
C ASP A 67 -6.16 8.49 6.25
N GLN A 68 -6.20 7.53 5.34
CA GLN A 68 -5.08 6.60 5.11
C GLN A 68 -4.29 6.99 3.88
N ARG A 69 -2.97 7.12 4.06
CA ARG A 69 -2.02 7.40 2.97
C ARG A 69 -0.91 6.35 2.99
N LEU A 70 -0.21 6.18 1.87
CA LEU A 70 0.87 5.19 1.75
C LEU A 70 2.24 5.89 1.85
N VAL A 71 2.98 5.60 2.95
CA VAL A 71 4.36 6.11 3.15
C VAL A 71 5.34 5.00 2.80
N TYR A 72 6.18 5.24 1.79
CA TYR A 72 7.20 4.28 1.38
C TYR A 72 8.57 4.84 1.76
N SER A 73 9.07 4.40 2.92
CA SER A 73 10.44 4.71 3.38
C SER A 73 10.68 6.24 3.46
N GLY A 74 9.73 6.94 4.11
CA GLY A 74 9.81 8.39 4.33
C GLY A 74 8.90 9.20 3.42
N ARG A 75 8.76 8.78 2.15
CA ARG A 75 8.05 9.58 1.11
C ARG A 75 6.57 9.19 1.04
N LEU A 76 5.73 10.09 0.52
CA LEU A 76 4.28 9.87 0.42
C LEU A 76 3.94 9.49 -1.03
N LEU A 77 3.20 8.39 -1.20
CA LEU A 77 2.69 7.92 -2.48
C LEU A 77 1.21 8.35 -2.59
N PRO A 78 0.88 9.49 -3.28
CA PRO A 78 -0.52 9.95 -3.46
C PRO A 78 -1.31 9.06 -4.43
N ASP A 79 -2.65 9.07 -4.30
CA ASP A 79 -3.56 8.14 -4.97
C ASP A 79 -3.57 8.29 -6.51
N HIS A 80 -3.16 9.47 -7.03
CA HIS A 80 -3.25 9.78 -8.47
C HIS A 80 -2.23 9.00 -9.32
N LEU A 81 -1.09 8.58 -8.71
CA LEU A 81 0.00 7.91 -9.46
C LEU A 81 0.01 6.40 -9.25
N GLN A 82 0.65 5.68 -10.18
CA GLN A 82 0.77 4.21 -10.15
C GLN A 82 1.97 3.78 -9.31
N LEU A 83 1.76 2.73 -8.49
CA LEU A 83 2.79 2.17 -7.59
C LEU A 83 4.06 1.75 -8.35
N LYS A 84 3.89 1.24 -9.59
CA LYS A 84 4.98 0.72 -10.43
C LYS A 84 6.11 1.76 -10.60
N ASP A 85 5.76 3.05 -10.70
CA ASP A 85 6.72 4.12 -11.00
C ASP A 85 7.80 4.24 -9.89
N ILE A 86 7.41 3.84 -8.68
CA ILE A 86 8.30 3.84 -7.50
C ILE A 86 8.86 2.42 -7.29
N LEU A 87 8.01 1.38 -7.53
CA LEU A 87 8.24 0.02 -7.01
C LEU A 87 8.60 -1.01 -8.10
N ARG A 88 8.81 -0.59 -9.35
CA ARG A 88 9.10 -1.55 -10.47
C ARG A 88 10.57 -2.04 -10.39
N LYS A 89 11.43 -1.24 -9.74
CA LYS A 89 12.89 -1.49 -9.60
C LYS A 89 13.19 -2.94 -9.16
N GLN A 90 12.46 -3.40 -8.12
CA GLN A 90 12.50 -4.79 -7.63
C GLN A 90 11.18 -5.53 -7.98
N ASP A 91 10.08 -4.75 -8.07
CA ASP A 91 8.71 -5.25 -8.29
C ASP A 91 8.23 -6.15 -7.11
N GLU A 92 8.70 -7.42 -7.15
CA GLU A 92 8.24 -8.58 -6.33
C GLU A 92 7.72 -8.22 -4.91
N TYR A 93 8.62 -7.74 -4.03
CA TYR A 93 8.26 -7.42 -2.62
C TYR A 93 8.67 -5.98 -2.27
N HIS A 94 7.75 -5.24 -1.59
CA HIS A 94 8.01 -3.85 -1.12
C HIS A 94 7.20 -3.56 0.14
N MET A 95 7.85 -2.94 1.13
CA MET A 95 7.23 -2.57 2.42
C MET A 95 6.76 -1.11 2.37
N VAL A 96 5.44 -0.89 2.50
CA VAL A 96 4.84 0.44 2.55
C VAL A 96 4.00 0.56 3.84
N HIS A 97 4.24 1.63 4.61
CA HIS A 97 3.53 1.92 5.86
C HIS A 97 2.24 2.69 5.56
N LEU A 98 1.10 2.05 5.83
CA LEU A 98 -0.21 2.67 5.70
C LEU A 98 -0.44 3.59 6.92
N VAL A 99 -0.15 4.89 6.76
CA VAL A 99 -0.25 5.87 7.85
C VAL A 99 -1.73 6.30 8.09
N PRO A 23 0.88 -11.72 -8.84
CA PRO A 23 0.66 -10.43 -8.12
C PRO A 23 1.89 -10.10 -7.26
N VAL A 24 2.02 -8.82 -6.89
CA VAL A 24 3.12 -8.30 -6.07
C VAL A 24 2.81 -8.39 -4.56
N THR A 25 3.84 -8.64 -3.76
CA THR A 25 3.75 -8.65 -2.30
C THR A 25 3.85 -7.20 -1.77
N LEU A 26 2.70 -6.63 -1.41
CA LEU A 26 2.65 -5.31 -0.77
C LEU A 26 2.54 -5.52 0.74
N ILE A 27 3.69 -5.43 1.42
CA ILE A 27 3.77 -5.60 2.87
C ILE A 27 3.28 -4.32 3.55
N ILE A 28 2.00 -4.31 3.90
CA ILE A 28 1.36 -3.21 4.61
C ILE A 28 1.67 -3.31 6.11
N LYS A 29 2.35 -2.29 6.62
CA LYS A 29 2.67 -2.17 8.05
C LYS A 29 1.96 -0.92 8.61
N ALA A 30 1.35 -1.06 9.78
CA ALA A 30 0.66 0.06 10.46
C ALA A 30 1.70 1.03 11.08
N PRO A 31 1.38 2.36 11.26
CA PRO A 31 2.33 3.36 11.85
C PRO A 31 2.79 3.00 13.28
N ASN A 32 1.83 2.58 14.12
CA ASN A 32 2.13 2.12 15.51
C ASN A 32 2.61 0.64 15.51
N GLN A 33 2.45 -0.01 14.33
CA GLN A 33 2.75 -1.44 14.13
C GLN A 33 1.83 -2.31 15.02
N LYS A 34 0.54 -1.94 15.02
CA LYS A 34 -0.54 -2.72 15.67
C LYS A 34 -0.85 -3.99 14.86
N TYR A 35 -0.40 -3.99 13.60
CA TYR A 35 -0.40 -5.17 12.71
C TYR A 35 1.05 -5.53 12.37
N SER A 36 1.24 -6.80 11.97
CA SER A 36 2.55 -7.33 11.54
C SER A 36 2.79 -7.00 10.05
N ASP A 37 3.75 -7.71 9.43
CA ASP A 37 4.00 -7.64 7.98
C ASP A 37 2.83 -8.27 7.21
N GLN A 38 1.78 -7.46 6.95
CA GLN A 38 0.56 -7.92 6.28
C GLN A 38 0.81 -7.94 4.76
N THR A 39 0.98 -9.15 4.22
CA THR A 39 1.34 -9.36 2.82
C THR A 39 0.09 -9.42 1.94
N ILE A 40 -0.25 -8.28 1.34
CA ILE A 40 -1.39 -8.12 0.42
C ILE A 40 -0.96 -8.44 -1.02
N SER A 41 -1.72 -9.30 -1.72
CA SER A 41 -1.50 -9.55 -3.15
C SER A 41 -2.05 -8.34 -3.96
N CYS A 42 -1.13 -7.44 -4.32
CA CYS A 42 -1.45 -6.20 -5.03
C CYS A 42 -1.04 -6.30 -6.51
N PHE A 43 -1.43 -5.30 -7.31
CA PHE A 43 -0.89 -5.06 -8.65
C PHE A 43 -0.41 -3.60 -8.72
N LEU A 44 0.87 -3.43 -9.08
CA LEU A 44 1.49 -2.12 -9.28
C LEU A 44 0.90 -1.41 -10.51
N ASN A 45 0.28 -2.23 -11.40
CA ASN A 45 -0.44 -1.78 -12.60
C ASN A 45 -1.43 -0.63 -12.30
N TRP A 46 -2.18 -0.75 -11.18
CA TRP A 46 -3.17 0.25 -10.77
C TRP A 46 -2.54 1.39 -9.97
N THR A 47 -3.34 2.46 -9.82
CA THR A 47 -2.92 3.64 -9.07
C THR A 47 -2.96 3.36 -7.56
N VAL A 48 -2.23 4.21 -6.81
CA VAL A 48 -2.16 4.11 -5.33
C VAL A 48 -3.57 4.20 -4.73
N GLY A 49 -4.45 5.02 -5.34
CA GLY A 49 -5.83 5.20 -4.88
C GLY A 49 -6.73 3.99 -5.08
N LYS A 50 -6.68 3.39 -6.28
CA LYS A 50 -7.49 2.19 -6.60
C LYS A 50 -7.03 0.98 -5.78
N LEU A 51 -5.72 0.89 -5.55
CA LEU A 51 -5.11 -0.18 -4.74
C LEU A 51 -5.42 0.08 -3.26
N LYS A 52 -5.47 1.35 -2.86
CA LYS A 52 -5.79 1.77 -1.48
C LYS A 52 -7.23 1.39 -1.11
N THR A 53 -8.14 1.50 -2.10
CA THR A 53 -9.54 1.07 -1.98
C THR A 53 -9.60 -0.47 -1.86
N HIS A 54 -8.76 -1.15 -2.66
CA HIS A 54 -8.57 -2.61 -2.60
C HIS A 54 -8.08 -3.03 -1.19
N LEU A 55 -7.17 -2.22 -0.60
CA LEU A 55 -6.65 -2.41 0.77
C LEU A 55 -7.80 -2.23 1.78
N SER A 56 -8.63 -1.20 1.56
CA SER A 56 -9.80 -0.88 2.41
C SER A 56 -10.81 -2.06 2.49
N ASN A 57 -10.80 -2.94 1.47
CA ASN A 57 -11.62 -4.17 1.47
C ASN A 57 -10.87 -5.40 2.06
N VAL A 58 -9.61 -5.60 1.66
CA VAL A 58 -8.85 -6.86 1.97
C VAL A 58 -8.14 -6.81 3.33
N TYR A 59 -7.98 -5.61 3.90
CA TYR A 59 -7.23 -5.41 5.16
C TYR A 59 -8.22 -5.54 6.36
N PRO A 60 -7.88 -6.34 7.42
CA PRO A 60 -8.80 -6.61 8.58
C PRO A 60 -9.32 -5.34 9.31
N SER A 61 -8.59 -4.22 9.18
CA SER A 61 -9.00 -2.93 9.76
C SER A 61 -10.21 -2.35 8.98
N LYS A 62 -10.14 -2.45 7.64
CA LYS A 62 -11.05 -1.78 6.69
C LYS A 62 -11.20 -0.27 6.99
N PRO A 63 -10.09 0.53 6.81
CA PRO A 63 -10.05 1.96 7.15
C PRO A 63 -10.60 2.87 6.02
N LEU A 64 -10.82 4.16 6.34
CA LEU A 64 -11.41 5.13 5.40
C LEU A 64 -10.36 5.55 4.34
N THR A 65 -10.66 5.21 3.07
CA THR A 65 -9.76 5.41 1.92
C THR A 65 -9.28 6.88 1.78
N LYS A 66 -10.17 7.84 2.13
CA LYS A 66 -9.87 9.29 2.08
C LYS A 66 -8.72 9.66 3.05
N ASP A 67 -8.67 9.00 4.21
CA ASP A 67 -7.74 9.35 5.30
C ASP A 67 -6.40 8.64 5.12
N GLN A 68 -6.43 7.49 4.44
CA GLN A 68 -5.28 6.60 4.31
C GLN A 68 -4.28 7.12 3.27
N ARG A 69 -3.00 7.11 3.66
CA ARG A 69 -1.87 7.46 2.80
C ARG A 69 -0.83 6.33 2.85
N LEU A 70 -0.17 6.09 1.72
CA LEU A 70 0.88 5.06 1.60
C LEU A 70 2.25 5.73 1.70
N VAL A 71 2.95 5.51 2.82
CA VAL A 71 4.30 6.08 3.06
C VAL A 71 5.35 4.99 2.84
N TYR A 72 6.14 5.12 1.78
CA TYR A 72 7.16 4.14 1.38
C TYR A 72 8.55 4.71 1.68
N SER A 73 9.21 4.18 2.73
CA SER A 73 10.60 4.50 3.07
C SER A 73 10.79 6.02 3.31
N GLY A 74 9.72 6.68 3.80
CA GLY A 74 9.73 8.12 4.10
C GLY A 74 8.90 8.95 3.13
N ARG A 75 8.83 8.52 1.85
CA ARG A 75 8.18 9.30 0.79
C ARG A 75 6.67 9.01 0.77
N LEU A 76 5.88 10.01 0.37
CA LEU A 76 4.41 9.91 0.31
C LEU A 76 4.01 9.50 -1.11
N LEU A 77 3.24 8.40 -1.22
CA LEU A 77 2.70 7.90 -2.50
C LEU A 77 1.26 8.40 -2.67
N PRO A 78 1.03 9.50 -3.48
CA PRO A 78 -0.34 10.02 -3.74
C PRO A 78 -1.14 9.14 -4.72
N ASP A 79 -2.47 9.23 -4.59
CA ASP A 79 -3.41 8.32 -5.26
C ASP A 79 -3.45 8.47 -6.80
N HIS A 80 -2.96 9.60 -7.34
CA HIS A 80 -3.04 9.89 -8.80
C HIS A 80 -2.06 9.01 -9.60
N LEU A 81 -0.85 8.78 -9.07
CA LEU A 81 0.20 8.01 -9.76
C LEU A 81 0.07 6.52 -9.45
N GLN A 82 0.68 5.68 -10.30
CA GLN A 82 0.65 4.22 -10.14
C GLN A 82 1.79 3.76 -9.22
N LEU A 83 1.50 2.74 -8.40
CA LEU A 83 2.48 2.13 -7.48
C LEU A 83 3.75 1.66 -8.23
N LYS A 84 3.55 1.22 -9.50
CA LYS A 84 4.64 0.71 -10.36
C LYS A 84 5.83 1.67 -10.41
N ASP A 85 5.53 2.97 -10.59
CA ASP A 85 6.55 4.03 -10.83
C ASP A 85 7.65 4.04 -9.73
N ILE A 86 7.25 3.70 -8.51
CA ILE A 86 8.11 3.72 -7.33
C ILE A 86 8.60 2.30 -7.01
N LEU A 87 7.68 1.32 -7.16
CA LEU A 87 7.85 -0.04 -6.60
C LEU A 87 8.40 -1.05 -7.63
N ARG A 88 8.74 -0.57 -8.83
CA ARG A 88 9.37 -1.38 -9.91
C ARG A 88 10.82 -1.83 -9.56
N LYS A 89 11.42 -1.21 -8.53
CA LYS A 89 12.80 -1.50 -8.08
C LYS A 89 12.98 -3.00 -7.75
N GLN A 90 12.34 -3.45 -6.67
CA GLN A 90 12.32 -4.88 -6.30
C GLN A 90 11.30 -5.63 -7.17
N ASP A 91 10.18 -4.91 -7.49
CA ASP A 91 9.03 -5.42 -8.29
C ASP A 91 8.22 -6.49 -7.54
N GLU A 92 8.86 -7.63 -7.26
CA GLU A 92 8.23 -8.80 -6.61
C GLU A 92 7.65 -8.48 -5.22
N TYR A 93 8.34 -7.62 -4.45
CA TYR A 93 7.99 -7.31 -3.05
C TYR A 93 8.34 -5.85 -2.70
N HIS A 94 7.62 -5.27 -1.72
CA HIS A 94 7.92 -3.94 -1.14
C HIS A 94 7.07 -3.71 0.11
N MET A 95 7.70 -3.17 1.18
CA MET A 95 6.99 -2.81 2.42
C MET A 95 6.66 -1.31 2.41
N VAL A 96 5.37 -1.00 2.56
CA VAL A 96 4.84 0.37 2.61
C VAL A 96 3.94 0.53 3.85
N HIS A 97 4.12 1.64 4.57
CA HIS A 97 3.39 1.94 5.81
C HIS A 97 2.04 2.63 5.51
N LEU A 98 0.94 1.94 5.85
CA LEU A 98 -0.42 2.47 5.67
C LEU A 98 -0.82 3.28 6.90
N VAL A 99 -0.72 4.61 6.78
CA VAL A 99 -1.07 5.54 7.87
C VAL A 99 -2.56 5.99 7.77
N PRO A 23 2.93 -11.66 -9.00
CA PRO A 23 2.28 -10.44 -8.45
C PRO A 23 3.24 -9.68 -7.52
N VAL A 24 2.79 -8.49 -7.09
CA VAL A 24 3.49 -7.64 -6.11
C VAL A 24 2.97 -7.95 -4.70
N THR A 25 3.85 -8.50 -3.84
CA THR A 25 3.58 -8.66 -2.42
C THR A 25 3.68 -7.28 -1.74
N LEU A 26 2.52 -6.65 -1.54
CA LEU A 26 2.42 -5.31 -0.96
C LEU A 26 2.26 -5.45 0.56
N ILE A 27 3.39 -5.28 1.27
CA ILE A 27 3.48 -5.51 2.72
C ILE A 27 3.02 -4.26 3.48
N ILE A 28 1.75 -4.27 3.89
CA ILE A 28 1.08 -3.16 4.56
C ILE A 28 1.37 -3.18 6.06
N LYS A 29 2.31 -2.33 6.48
CA LYS A 29 2.72 -2.19 7.88
C LYS A 29 1.95 -1.04 8.53
N ALA A 30 1.20 -1.35 9.58
CA ALA A 30 0.33 -0.37 10.28
C ALA A 30 1.18 0.74 10.96
N PRO A 31 0.62 1.99 11.15
CA PRO A 31 1.38 3.13 11.75
C PRO A 31 1.78 2.85 13.22
N ASN A 32 0.82 2.33 14.00
CA ASN A 32 1.08 1.86 15.38
C ASN A 32 1.75 0.47 15.35
N GLN A 33 1.56 -0.25 14.22
CA GLN A 33 2.17 -1.58 13.96
C GLN A 33 1.59 -2.66 14.89
N LYS A 34 0.38 -2.37 15.45
CA LYS A 34 -0.38 -3.34 16.26
C LYS A 34 -0.97 -4.44 15.37
N TYR A 35 -1.28 -4.09 14.11
CA TYR A 35 -1.60 -5.07 13.05
C TYR A 35 -0.29 -5.61 12.48
N SER A 36 -0.29 -6.91 12.14
CA SER A 36 0.86 -7.58 11.52
C SER A 36 1.09 -7.03 10.10
N ASP A 37 2.36 -7.08 9.63
CA ASP A 37 2.75 -6.64 8.28
C ASP A 37 2.02 -7.49 7.21
N GLN A 38 0.90 -6.93 6.74
CA GLN A 38 -0.10 -7.64 5.94
C GLN A 38 0.34 -7.75 4.47
N THR A 39 0.76 -8.95 4.05
CA THR A 39 1.21 -9.22 2.69
C THR A 39 0.00 -9.40 1.77
N ILE A 40 -0.37 -8.33 1.05
CA ILE A 40 -1.49 -8.32 0.12
C ILE A 40 -1.01 -8.66 -1.30
N SER A 41 -1.60 -9.70 -1.90
CA SER A 41 -1.36 -10.06 -3.31
C SER A 41 -2.09 -9.07 -4.24
N CYS A 42 -1.32 -8.14 -4.84
CA CYS A 42 -1.84 -7.11 -5.75
C CYS A 42 -0.93 -6.97 -6.98
N PHE A 43 -1.27 -6.02 -7.85
CA PHE A 43 -0.52 -5.74 -9.08
C PHE A 43 -0.33 -4.23 -9.24
N LEU A 44 0.52 -3.85 -10.21
CA LEU A 44 0.80 -2.45 -10.58
C LEU A 44 -0.29 -1.88 -11.53
N ASN A 45 -1.32 -2.72 -11.82
CA ASN A 45 -2.45 -2.40 -12.74
C ASN A 45 -3.09 -1.04 -12.39
N TRP A 46 -3.49 -0.90 -11.13
CA TRP A 46 -4.18 0.28 -10.62
C TRP A 46 -3.20 1.30 -10.02
N THR A 47 -3.74 2.51 -9.74
CA THR A 47 -3.01 3.58 -9.09
C THR A 47 -2.96 3.32 -7.57
N VAL A 48 -2.23 4.19 -6.84
CA VAL A 48 -2.13 4.10 -5.38
C VAL A 48 -3.54 4.17 -4.73
N GLY A 49 -4.46 4.97 -5.32
CA GLY A 49 -5.81 5.18 -4.78
C GLY A 49 -6.76 4.00 -4.95
N LYS A 50 -6.82 3.44 -6.19
CA LYS A 50 -7.70 2.28 -6.51
C LYS A 50 -7.22 1.03 -5.76
N LEU A 51 -5.89 0.89 -5.67
CA LEU A 51 -5.24 -0.21 -4.95
C LEU A 51 -5.49 -0.04 -3.44
N LYS A 52 -5.45 1.21 -2.96
CA LYS A 52 -5.70 1.55 -1.53
C LYS A 52 -7.15 1.21 -1.13
N THR A 53 -8.08 1.32 -2.11
CA THR A 53 -9.48 0.91 -1.93
C THR A 53 -9.56 -0.62 -1.78
N HIS A 54 -8.79 -1.34 -2.64
CA HIS A 54 -8.65 -2.81 -2.55
C HIS A 54 -8.08 -3.23 -1.19
N LEU A 55 -7.09 -2.45 -0.71
CA LEU A 55 -6.45 -2.65 0.61
C LEU A 55 -7.49 -2.48 1.72
N SER A 56 -8.28 -1.40 1.62
CA SER A 56 -9.31 -1.03 2.60
C SER A 56 -10.42 -2.11 2.69
N ASN A 57 -10.64 -2.82 1.57
CA ASN A 57 -11.66 -3.90 1.45
C ASN A 57 -11.12 -5.26 1.96
N VAL A 58 -9.78 -5.45 1.91
CA VAL A 58 -9.15 -6.72 2.36
C VAL A 58 -8.48 -6.57 3.75
N TYR A 59 -8.42 -5.34 4.28
CA TYR A 59 -7.75 -5.04 5.57
C TYR A 59 -8.80 -5.15 6.70
N PRO A 60 -8.51 -5.90 7.82
CA PRO A 60 -9.50 -6.19 8.89
C PRO A 60 -10.04 -4.93 9.62
N SER A 61 -9.26 -3.83 9.58
CA SER A 61 -9.64 -2.55 10.23
C SER A 61 -10.82 -1.89 9.51
N LYS A 62 -10.90 -2.12 8.16
CA LYS A 62 -11.90 -1.49 7.26
C LYS A 62 -11.89 0.04 7.40
N PRO A 63 -10.78 0.72 6.99
CA PRO A 63 -10.61 2.18 7.17
C PRO A 63 -11.15 3.03 5.99
N LEU A 64 -10.78 4.31 5.96
CA LEU A 64 -11.21 5.28 4.92
C LEU A 64 -9.97 5.77 4.14
N THR A 65 -10.00 5.64 2.81
CA THR A 65 -8.86 5.92 1.92
C THR A 65 -8.43 7.41 1.91
N LYS A 66 -9.33 8.30 2.38
CA LYS A 66 -9.04 9.75 2.50
C LYS A 66 -8.07 10.02 3.67
N ASP A 67 -8.18 9.23 4.74
CA ASP A 67 -7.37 9.38 5.96
C ASP A 67 -6.09 8.60 5.78
N GLN A 68 -6.27 7.38 5.27
CA GLN A 68 -5.21 6.40 5.13
C GLN A 68 -4.34 6.71 3.92
N ARG A 69 -3.04 6.76 4.15
CA ARG A 69 -2.04 7.10 3.14
C ARG A 69 -0.91 6.06 3.18
N LEU A 70 -0.30 5.83 2.01
CA LEU A 70 0.80 4.88 1.85
C LEU A 70 2.12 5.66 1.79
N VAL A 71 3.08 5.28 2.64
CA VAL A 71 4.40 5.93 2.75
C VAL A 71 5.50 4.88 2.52
N TYR A 72 6.29 5.07 1.47
CA TYR A 72 7.34 4.14 1.05
C TYR A 72 8.72 4.77 1.30
N SER A 73 9.42 4.26 2.33
CA SER A 73 10.83 4.62 2.65
C SER A 73 10.99 6.12 3.03
N GLY A 74 9.87 6.76 3.41
CA GLY A 74 9.84 8.18 3.83
C GLY A 74 9.06 9.08 2.91
N ARG A 75 8.79 8.62 1.67
CA ARG A 75 8.06 9.42 0.67
C ARG A 75 6.56 9.06 0.70
N LEU A 76 5.71 10.05 0.42
CA LEU A 76 4.25 9.84 0.32
C LEU A 76 3.91 9.34 -1.09
N LEU A 77 3.02 8.35 -1.18
CA LEU A 77 2.57 7.76 -2.46
C LEU A 77 1.20 8.36 -2.86
N PRO A 78 1.15 9.40 -3.76
CA PRO A 78 -0.13 10.04 -4.15
C PRO A 78 -0.92 9.19 -5.17
N ASP A 79 -2.26 9.26 -5.08
CA ASP A 79 -3.18 8.40 -5.84
C ASP A 79 -3.24 8.75 -7.34
N HIS A 80 -2.68 9.92 -7.74
CA HIS A 80 -2.74 10.37 -9.14
C HIS A 80 -1.77 9.59 -10.04
N LEU A 81 -0.71 9.00 -9.42
CA LEU A 81 0.25 8.15 -10.13
C LEU A 81 0.08 6.69 -9.71
N GLN A 82 0.66 5.79 -10.51
CA GLN A 82 0.56 4.34 -10.30
C GLN A 82 1.68 3.86 -9.36
N LEU A 83 1.43 2.73 -8.67
CA LEU A 83 2.40 2.12 -7.73
C LEU A 83 3.73 1.78 -8.43
N LYS A 84 3.64 1.37 -9.72
CA LYS A 84 4.82 0.98 -10.53
C LYS A 84 5.91 2.08 -10.53
N ASP A 85 5.47 3.35 -10.54
CA ASP A 85 6.36 4.52 -10.67
C ASP A 85 7.40 4.58 -9.53
N ILE A 86 7.02 4.02 -8.37
CA ILE A 86 7.88 3.99 -7.16
C ILE A 86 8.55 2.59 -7.03
N LEU A 87 7.79 1.54 -7.39
CA LEU A 87 8.16 0.14 -7.07
C LEU A 87 9.06 -0.48 -8.17
N ARG A 88 9.16 0.23 -9.29
CA ARG A 88 9.91 -0.17 -10.54
C ARG A 88 11.38 -0.61 -10.28
N LYS A 89 11.96 -0.21 -9.14
CA LYS A 89 13.35 -0.53 -8.77
C LYS A 89 13.55 -2.05 -8.61
N GLN A 90 12.93 -2.62 -7.55
CA GLN A 90 13.14 -4.02 -7.12
C GLN A 90 11.88 -4.89 -7.35
N ASP A 91 10.82 -4.27 -7.93
CA ASP A 91 9.39 -4.73 -7.88
C ASP A 91 9.18 -6.24 -7.72
N GLU A 92 8.79 -6.64 -6.49
CA GLU A 92 8.52 -8.03 -6.12
C GLU A 92 7.75 -8.03 -4.80
N TYR A 93 8.43 -7.57 -3.73
CA TYR A 93 7.85 -7.41 -2.38
C TYR A 93 8.34 -6.07 -1.80
N HIS A 94 7.44 -5.29 -1.17
CA HIS A 94 7.77 -3.92 -0.66
C HIS A 94 7.01 -3.60 0.63
N MET A 95 7.77 -3.26 1.69
CA MET A 95 7.23 -2.88 3.00
C MET A 95 6.83 -1.38 3.00
N VAL A 96 5.52 -1.16 2.80
CA VAL A 96 4.92 0.18 2.74
C VAL A 96 4.19 0.49 4.07
N HIS A 97 4.50 1.64 4.65
CA HIS A 97 3.95 2.10 5.94
C HIS A 97 2.59 2.80 5.71
N LEU A 98 1.52 2.15 6.19
CA LEU A 98 0.20 2.75 6.28
C LEU A 98 0.22 3.85 7.38
N VAL A 99 -0.62 4.89 7.21
CA VAL A 99 -0.74 5.98 8.19
C VAL A 99 -2.20 6.50 8.22
N PRO A 23 2.77 -11.39 -9.18
CA PRO A 23 2.05 -10.31 -8.46
C PRO A 23 2.94 -9.72 -7.36
N VAL A 24 2.76 -8.42 -7.11
CA VAL A 24 3.53 -7.67 -6.11
C VAL A 24 3.03 -7.99 -4.70
N THR A 25 3.96 -8.45 -3.84
CA THR A 25 3.70 -8.63 -2.43
C THR A 25 3.78 -7.26 -1.73
N LEU A 26 2.61 -6.64 -1.51
CA LEU A 26 2.53 -5.32 -0.88
C LEU A 26 2.34 -5.53 0.61
N ILE A 27 3.46 -5.44 1.32
CA ILE A 27 3.55 -5.64 2.76
C ILE A 27 3.09 -4.35 3.46
N ILE A 28 1.82 -4.32 3.82
CA ILE A 28 1.18 -3.19 4.49
C ILE A 28 1.50 -3.21 5.99
N LYS A 29 2.08 -2.11 6.46
CA LYS A 29 2.56 -1.96 7.83
C LYS A 29 1.77 -0.83 8.49
N ALA A 30 1.13 -1.12 9.62
CA ALA A 30 0.32 -0.13 10.36
C ALA A 30 1.26 0.83 11.13
N PRO A 31 0.86 2.13 11.31
CA PRO A 31 1.72 3.14 12.00
C PRO A 31 1.86 2.85 13.51
N ASN A 32 0.91 2.08 14.06
CA ASN A 32 0.91 1.67 15.47
C ASN A 32 1.71 0.37 15.69
N GLN A 33 1.91 -0.41 14.60
CA GLN A 33 2.65 -1.70 14.58
C GLN A 33 1.88 -2.83 15.35
N LYS A 34 0.68 -2.52 15.89
CA LYS A 34 -0.18 -3.53 16.55
C LYS A 34 -0.70 -4.52 15.50
N TYR A 35 -1.14 -3.94 14.36
CA TYR A 35 -1.51 -4.72 13.18
C TYR A 35 -0.22 -5.16 12.48
N SER A 36 -0.12 -6.47 12.23
CA SER A 36 1.07 -7.08 11.62
C SER A 36 1.24 -6.63 10.15
N ASP A 37 2.33 -7.09 9.53
CA ASP A 37 2.64 -6.80 8.14
C ASP A 37 1.71 -7.59 7.17
N GLN A 38 0.55 -6.99 6.83
CA GLN A 38 -0.45 -7.58 5.92
C GLN A 38 0.11 -7.67 4.47
N THR A 39 0.45 -8.90 4.03
CA THR A 39 0.95 -9.14 2.68
C THR A 39 -0.22 -9.28 1.69
N ILE A 40 -0.56 -8.17 1.04
CA ILE A 40 -1.65 -8.10 0.07
C ILE A 40 -1.07 -8.24 -1.35
N SER A 41 -1.48 -9.30 -2.06
CA SER A 41 -1.12 -9.52 -3.47
C SER A 41 -1.76 -8.44 -4.34
N CYS A 42 -0.93 -7.71 -5.08
CA CYS A 42 -1.32 -6.50 -5.80
C CYS A 42 -0.66 -6.45 -7.18
N PHE A 43 -0.96 -5.40 -7.93
CA PHE A 43 -0.36 -5.15 -9.25
C PHE A 43 0.07 -3.68 -9.38
N LEU A 44 1.18 -3.48 -10.11
CA LEU A 44 1.68 -2.16 -10.50
C LEU A 44 0.75 -1.52 -11.56
N ASN A 45 -0.16 -2.35 -12.12
CA ASN A 45 -1.17 -1.95 -13.12
C ASN A 45 -2.02 -0.76 -12.62
N TRP A 46 -2.66 -0.94 -11.45
CA TRP A 46 -3.53 0.09 -10.86
C TRP A 46 -2.70 1.15 -10.13
N THR A 47 -3.36 2.23 -9.72
CA THR A 47 -2.75 3.31 -8.97
C THR A 47 -2.80 3.01 -7.47
N VAL A 48 -2.09 3.87 -6.70
CA VAL A 48 -2.04 3.80 -5.23
C VAL A 48 -3.46 3.86 -4.61
N GLY A 49 -4.34 4.70 -5.20
CA GLY A 49 -5.71 4.88 -4.71
C GLY A 49 -6.63 3.69 -4.95
N LYS A 50 -6.52 3.07 -6.15
CA LYS A 50 -7.33 1.88 -6.52
C LYS A 50 -6.92 0.67 -5.66
N LEU A 51 -5.62 0.56 -5.43
CA LEU A 51 -5.04 -0.47 -4.57
C LEU A 51 -5.50 -0.23 -3.12
N LYS A 52 -5.49 1.04 -2.69
CA LYS A 52 -5.88 1.47 -1.34
C LYS A 52 -7.38 1.19 -1.06
N THR A 53 -8.20 1.23 -2.13
CA THR A 53 -9.61 0.82 -2.07
C THR A 53 -9.70 -0.68 -1.70
N HIS A 54 -8.91 -1.50 -2.44
CA HIS A 54 -8.82 -2.96 -2.22
C HIS A 54 -8.25 -3.27 -0.81
N LEU A 55 -7.24 -2.48 -0.38
CA LEU A 55 -6.59 -2.63 0.94
C LEU A 55 -7.63 -2.43 2.04
N SER A 56 -8.40 -1.34 1.91
CA SER A 56 -9.44 -0.94 2.87
C SER A 56 -10.56 -1.99 2.95
N ASN A 57 -10.77 -2.74 1.85
CA ASN A 57 -11.77 -3.82 1.78
C ASN A 57 -11.24 -5.15 2.35
N VAL A 58 -9.92 -5.42 2.22
CA VAL A 58 -9.32 -6.71 2.64
C VAL A 58 -8.52 -6.59 3.96
N TYR A 59 -8.50 -5.38 4.55
CA TYR A 59 -7.81 -5.13 5.82
C TYR A 59 -8.70 -5.64 6.98
N PRO A 60 -8.14 -6.23 8.09
CA PRO A 60 -8.95 -6.71 9.24
C PRO A 60 -9.72 -5.55 9.92
N SER A 61 -9.09 -4.36 9.95
CA SER A 61 -9.67 -3.15 10.54
C SER A 61 -10.71 -2.50 9.60
N LYS A 62 -10.43 -2.57 8.28
CA LYS A 62 -11.17 -1.81 7.24
C LYS A 62 -11.21 -0.29 7.55
N PRO A 63 -10.10 0.44 7.24
CA PRO A 63 -9.97 1.89 7.55
C PRO A 63 -10.68 2.81 6.54
N LEU A 64 -10.34 4.12 6.55
CA LEU A 64 -10.95 5.13 5.67
C LEU A 64 -9.91 5.63 4.66
N THR A 65 -10.12 5.32 3.36
CA THR A 65 -9.20 5.65 2.25
C THR A 65 -8.78 7.14 2.22
N LYS A 66 -9.70 8.03 2.65
CA LYS A 66 -9.48 9.50 2.69
C LYS A 66 -8.33 9.87 3.66
N ASP A 67 -8.22 9.15 4.78
CA ASP A 67 -7.21 9.40 5.83
C ASP A 67 -5.96 8.55 5.55
N GLN A 68 -6.18 7.40 4.93
CA GLN A 68 -5.12 6.42 4.67
C GLN A 68 -4.19 6.89 3.57
N ARG A 69 -2.89 6.90 3.88
CA ARG A 69 -1.84 7.40 3.01
C ARG A 69 -0.70 6.36 3.00
N LEU A 70 -0.07 6.18 1.84
CA LEU A 70 0.99 5.17 1.68
C LEU A 70 2.36 5.84 1.79
N VAL A 71 3.08 5.57 2.90
CA VAL A 71 4.42 6.12 3.16
C VAL A 71 5.48 5.02 2.99
N TYR A 72 6.29 5.13 1.92
CA TYR A 72 7.28 4.12 1.53
C TYR A 72 8.68 4.62 1.90
N SER A 73 9.20 4.13 3.04
CA SER A 73 10.58 4.43 3.52
C SER A 73 10.81 5.95 3.75
N GLY A 74 9.69 6.69 3.96
CA GLY A 74 9.74 8.14 4.20
C GLY A 74 8.88 8.95 3.22
N ARG A 75 8.85 8.53 1.95
CA ARG A 75 8.17 9.29 0.87
C ARG A 75 6.66 9.00 0.89
N LEU A 76 5.87 9.95 0.38
CA LEU A 76 4.40 9.79 0.27
C LEU A 76 4.05 9.37 -1.16
N LEU A 77 3.27 8.30 -1.30
CA LEU A 77 2.81 7.78 -2.60
C LEU A 77 1.39 8.30 -2.84
N PRO A 78 1.18 9.36 -3.69
CA PRO A 78 -0.17 9.91 -3.96
C PRO A 78 -1.01 8.96 -4.85
N ASP A 79 -2.33 9.02 -4.66
CA ASP A 79 -3.30 8.07 -5.24
C ASP A 79 -3.38 8.13 -6.77
N HIS A 80 -2.94 9.26 -7.38
CA HIS A 80 -3.16 9.52 -8.82
C HIS A 80 -2.19 8.75 -9.73
N LEU A 81 -1.01 8.36 -9.20
CA LEU A 81 0.04 7.67 -9.98
C LEU A 81 0.02 6.16 -9.72
N GLN A 82 0.50 5.39 -10.72
CA GLN A 82 0.58 3.93 -10.64
C GLN A 82 1.69 3.49 -9.68
N LEU A 83 1.54 2.29 -9.09
CA LEU A 83 2.51 1.73 -8.13
C LEU A 83 3.91 1.54 -8.77
N LYS A 84 3.93 1.20 -10.09
CA LYS A 84 5.18 1.00 -10.86
C LYS A 84 6.13 2.21 -10.74
N ASP A 85 5.53 3.41 -10.64
CA ASP A 85 6.28 4.69 -10.58
C ASP A 85 7.40 4.67 -9.52
N ILE A 86 7.14 3.97 -8.40
CA ILE A 86 8.09 3.85 -7.28
C ILE A 86 8.61 2.39 -7.15
N LEU A 87 7.76 1.41 -7.55
CA LEU A 87 7.94 -0.01 -7.15
C LEU A 87 8.37 -0.92 -8.33
N ARG A 88 8.60 -0.33 -9.50
CA ARG A 88 9.01 -1.08 -10.74
C ARG A 88 10.41 -1.69 -10.58
N LYS A 89 11.27 -0.97 -9.82
CA LYS A 89 12.69 -1.34 -9.56
C LYS A 89 12.85 -2.83 -9.21
N GLN A 90 12.13 -3.25 -8.17
CA GLN A 90 12.23 -4.61 -7.61
C GLN A 90 11.01 -5.45 -8.03
N ASP A 91 9.81 -4.82 -7.92
CA ASP A 91 8.49 -5.43 -8.25
C ASP A 91 8.02 -6.49 -7.21
N GLU A 92 8.84 -7.56 -7.03
CA GLU A 92 8.48 -8.78 -6.26
C GLU A 92 7.91 -8.48 -4.84
N TYR A 93 8.73 -7.90 -3.96
CA TYR A 93 8.33 -7.59 -2.56
C TYR A 93 8.59 -6.10 -2.26
N HIS A 94 7.67 -5.46 -1.53
CA HIS A 94 7.80 -4.05 -1.08
C HIS A 94 6.98 -3.85 0.20
N MET A 95 7.52 -3.09 1.16
CA MET A 95 6.84 -2.78 2.43
C MET A 95 6.56 -1.27 2.52
N VAL A 96 5.27 -0.92 2.78
CA VAL A 96 4.79 0.47 2.85
C VAL A 96 3.96 0.66 4.13
N HIS A 97 4.18 1.78 4.83
CA HIS A 97 3.42 2.15 6.04
C HIS A 97 2.10 2.83 5.65
N LEU A 98 0.98 2.12 5.87
CA LEU A 98 -0.36 2.66 5.63
C LEU A 98 -0.77 3.49 6.86
N VAL A 99 -0.51 4.81 6.80
CA VAL A 99 -0.76 5.74 7.91
C VAL A 99 -2.24 6.22 7.90
N PRO A 23 4.41 -11.46 -8.39
CA PRO A 23 3.31 -10.49 -8.11
C PRO A 23 3.86 -9.32 -7.30
N VAL A 24 3.02 -8.32 -7.02
CA VAL A 24 3.40 -7.22 -6.11
C VAL A 24 2.92 -7.58 -4.71
N THR A 25 3.83 -8.22 -3.95
CA THR A 25 3.61 -8.47 -2.54
C THR A 25 3.78 -7.14 -1.78
N LEU A 26 2.64 -6.47 -1.54
CA LEU A 26 2.64 -5.14 -0.96
C LEU A 26 2.41 -5.27 0.55
N ILE A 27 3.53 -5.21 1.27
CA ILE A 27 3.58 -5.47 2.70
C ILE A 27 3.11 -4.23 3.48
N ILE A 28 1.82 -4.21 3.82
CA ILE A 28 1.18 -3.09 4.52
C ILE A 28 1.39 -3.22 6.03
N LYS A 29 2.31 -2.39 6.54
CA LYS A 29 2.67 -2.30 7.96
C LYS A 29 1.99 -1.05 8.56
N ALA A 30 1.75 -1.06 9.88
CA ALA A 30 1.03 0.03 10.59
C ALA A 30 2.00 1.16 11.04
N PRO A 31 1.52 2.45 11.21
CA PRO A 31 2.40 3.59 11.58
C PRO A 31 2.90 3.48 13.04
N ASN A 32 1.98 3.11 13.94
CA ASN A 32 2.26 2.88 15.37
C ASN A 32 2.90 1.49 15.60
N GLN A 33 2.83 0.64 14.55
CA GLN A 33 3.19 -0.80 14.58
C GLN A 33 2.11 -1.61 15.35
N LYS A 34 0.89 -1.04 15.40
CA LYS A 34 -0.28 -1.65 16.05
C LYS A 34 -0.69 -2.95 15.34
N TYR A 35 -0.53 -2.95 14.00
CA TYR A 35 -0.78 -4.11 13.13
C TYR A 35 0.54 -4.65 12.60
N SER A 36 0.50 -5.92 12.16
CA SER A 36 1.66 -6.63 11.60
C SER A 36 1.85 -6.29 10.10
N ASP A 37 2.73 -7.05 9.46
CA ASP A 37 3.09 -6.90 8.04
C ASP A 37 2.15 -7.76 7.14
N GLN A 38 1.05 -7.13 6.66
CA GLN A 38 0.05 -7.81 5.80
C GLN A 38 0.53 -7.85 4.33
N THR A 39 0.89 -9.05 3.84
CA THR A 39 1.35 -9.26 2.47
C THR A 39 0.17 -9.28 1.48
N ILE A 40 -0.10 -8.13 0.86
CA ILE A 40 -1.23 -7.94 -0.08
C ILE A 40 -0.74 -8.19 -1.52
N SER A 41 -1.05 -9.38 -2.06
CA SER A 41 -0.74 -9.74 -3.46
C SER A 41 -1.59 -8.88 -4.42
N CYS A 42 -0.90 -8.12 -5.27
CA CYS A 42 -1.53 -7.15 -6.15
C CYS A 42 -0.70 -6.94 -7.43
N PHE A 43 -1.02 -5.88 -8.20
CA PHE A 43 -0.32 -5.55 -9.47
C PHE A 43 0.03 -4.05 -9.55
N LEU A 44 1.09 -3.74 -10.32
CA LEU A 44 1.50 -2.34 -10.61
C LEU A 44 0.56 -1.69 -11.66
N ASN A 45 -0.40 -2.49 -12.19
CA ASN A 45 -1.39 -2.04 -13.18
C ASN A 45 -2.26 -0.87 -12.65
N TRP A 46 -2.57 -0.92 -11.35
CA TRP A 46 -3.40 0.10 -10.68
C TRP A 46 -2.54 1.22 -10.09
N THR A 47 -3.20 2.30 -9.65
CA THR A 47 -2.56 3.38 -8.90
C THR A 47 -2.68 3.12 -7.39
N VAL A 48 -2.08 4.01 -6.58
CA VAL A 48 -2.15 3.95 -5.11
C VAL A 48 -3.61 4.04 -4.60
N GLY A 49 -4.45 4.78 -5.34
CA GLY A 49 -5.87 4.98 -4.98
C GLY A 49 -6.71 3.72 -5.07
N LYS A 50 -6.66 3.04 -6.26
CA LYS A 50 -7.41 1.79 -6.50
C LYS A 50 -6.93 0.68 -5.56
N LEU A 51 -5.60 0.67 -5.31
CA LEU A 51 -4.98 -0.31 -4.41
C LEU A 51 -5.47 -0.09 -2.97
N LYS A 52 -5.51 1.17 -2.55
CA LYS A 52 -5.91 1.56 -1.19
C LYS A 52 -7.41 1.28 -0.94
N THR A 53 -8.20 1.27 -2.03
CA THR A 53 -9.62 0.85 -1.99
C THR A 53 -9.69 -0.67 -1.76
N HIS A 54 -8.83 -1.42 -2.47
CA HIS A 54 -8.67 -2.88 -2.30
C HIS A 54 -8.25 -3.21 -0.84
N LEU A 55 -7.36 -2.36 -0.28
CA LEU A 55 -6.91 -2.44 1.13
C LEU A 55 -8.11 -2.19 2.06
N SER A 56 -8.88 -1.15 1.74
CA SER A 56 -10.05 -0.72 2.53
C SER A 56 -11.12 -1.84 2.62
N ASN A 57 -11.11 -2.76 1.63
CA ASN A 57 -12.03 -3.92 1.58
C ASN A 57 -11.43 -5.15 2.31
N VAL A 58 -10.14 -5.46 2.07
CA VAL A 58 -9.51 -6.73 2.53
C VAL A 58 -8.93 -6.62 3.96
N TYR A 59 -8.68 -5.39 4.43
CA TYR A 59 -7.99 -5.15 5.71
C TYR A 59 -9.03 -5.17 6.86
N PRO A 60 -8.77 -5.90 7.99
CA PRO A 60 -9.75 -6.05 9.12
C PRO A 60 -10.16 -4.70 9.76
N SER A 61 -9.20 -3.75 9.82
CA SER A 61 -9.42 -2.40 10.42
C SER A 61 -10.34 -1.54 9.54
N LYS A 62 -10.40 -1.87 8.21
CA LYS A 62 -11.14 -1.12 7.18
C LYS A 62 -10.64 0.35 7.11
N PRO A 63 -9.40 0.58 6.57
CA PRO A 63 -8.76 1.91 6.53
C PRO A 63 -9.55 2.92 5.66
N LEU A 64 -9.82 4.11 6.22
CA LEU A 64 -10.59 5.18 5.56
C LEU A 64 -9.81 5.71 4.33
N THR A 65 -10.28 5.35 3.13
CA THR A 65 -9.59 5.63 1.86
C THR A 65 -9.28 7.15 1.67
N LYS A 66 -10.08 8.02 2.33
CA LYS A 66 -9.93 9.48 2.24
C LYS A 66 -8.77 10.01 3.15
N ASP A 67 -8.56 9.40 4.33
CA ASP A 67 -7.53 9.86 5.31
C ASP A 67 -6.21 9.13 5.05
N GLN A 68 -6.34 7.80 4.98
CA GLN A 68 -5.22 6.86 4.91
C GLN A 68 -4.39 7.09 3.65
N ARG A 69 -3.08 7.03 3.82
CA ARG A 69 -2.10 7.16 2.75
C ARG A 69 -1.03 6.09 2.94
N LEU A 70 -0.19 5.93 1.92
CA LEU A 70 0.91 4.95 1.93
C LEU A 70 2.25 5.70 1.94
N VAL A 71 3.24 5.19 2.70
CA VAL A 71 4.59 5.79 2.81
C VAL A 71 5.64 4.72 2.57
N TYR A 72 6.41 4.84 1.48
CA TYR A 72 7.42 3.86 1.06
C TYR A 72 8.82 4.41 1.36
N SER A 73 9.43 3.90 2.43
CA SER A 73 10.83 4.20 2.84
C SER A 73 11.01 5.67 3.32
N GLY A 74 9.91 6.44 3.38
CA GLY A 74 9.95 7.85 3.79
C GLY A 74 9.13 8.76 2.88
N ARG A 75 8.92 8.35 1.63
CA ARG A 75 8.20 9.16 0.62
C ARG A 75 6.70 8.82 0.61
N LEU A 76 5.85 9.84 0.42
CA LEU A 76 4.38 9.67 0.34
C LEU A 76 4.01 9.09 -1.05
N LEU A 77 3.09 8.12 -1.08
CA LEU A 77 2.60 7.50 -2.32
C LEU A 77 1.26 8.15 -2.73
N PRO A 78 1.26 9.10 -3.73
CA PRO A 78 0.02 9.76 -4.21
C PRO A 78 -0.71 8.93 -5.29
N ASP A 79 -2.04 9.05 -5.33
CA ASP A 79 -2.91 8.25 -6.22
C ASP A 79 -2.88 8.73 -7.68
N HIS A 80 -2.29 9.92 -7.93
CA HIS A 80 -2.24 10.49 -9.30
C HIS A 80 -1.35 9.66 -10.24
N LEU A 81 -0.38 8.93 -9.65
CA LEU A 81 0.56 8.07 -10.39
C LEU A 81 0.32 6.60 -10.05
N GLN A 82 0.81 5.70 -10.92
CA GLN A 82 0.67 4.25 -10.75
C GLN A 82 1.69 3.72 -9.75
N LEU A 83 1.42 2.52 -9.21
CA LEU A 83 2.29 1.86 -8.22
C LEU A 83 3.72 1.67 -8.74
N LYS A 84 3.83 1.30 -10.05
CA LYS A 84 5.12 1.07 -10.74
C LYS A 84 6.12 2.21 -10.52
N ASP A 85 5.60 3.45 -10.47
CA ASP A 85 6.40 4.70 -10.39
C ASP A 85 7.40 4.67 -9.21
N ILE A 86 7.00 3.98 -8.13
CA ILE A 86 7.82 3.86 -6.92
C ILE A 86 8.25 2.38 -6.71
N LEU A 87 7.42 1.44 -7.22
CA LEU A 87 7.48 0.02 -6.82
C LEU A 87 7.98 -0.89 -7.97
N ARG A 88 8.58 -0.29 -9.00
CA ARG A 88 9.23 -1.02 -10.12
C ARG A 88 10.64 -1.51 -9.72
N LYS A 89 11.17 -0.92 -8.62
CA LYS A 89 12.54 -1.18 -8.11
C LYS A 89 12.75 -2.67 -7.79
N GLN A 90 12.04 -3.17 -6.77
CA GLN A 90 12.02 -4.61 -6.44
C GLN A 90 11.05 -5.34 -7.38
N ASP A 91 9.92 -4.64 -7.71
CA ASP A 91 8.78 -5.17 -8.50
C ASP A 91 7.92 -6.14 -7.66
N GLU A 92 8.59 -7.09 -6.98
CA GLU A 92 7.94 -8.13 -6.14
C GLU A 92 7.46 -7.57 -4.78
N TYR A 93 8.29 -7.67 -3.70
CA TYR A 93 7.88 -7.34 -2.32
C TYR A 93 8.31 -5.92 -1.93
N HIS A 94 7.42 -5.20 -1.21
CA HIS A 94 7.63 -3.79 -0.85
C HIS A 94 7.01 -3.50 0.53
N MET A 95 7.83 -3.20 1.55
CA MET A 95 7.31 -2.78 2.87
C MET A 95 6.88 -1.29 2.80
N VAL A 96 5.58 -1.07 2.96
CA VAL A 96 4.97 0.26 2.94
C VAL A 96 4.21 0.50 4.25
N HIS A 97 4.46 1.66 4.86
CA HIS A 97 3.83 2.06 6.12
C HIS A 97 2.55 2.86 5.82
N LEU A 98 1.41 2.26 6.15
CA LEU A 98 0.08 2.92 6.08
C LEU A 98 0.02 4.03 7.16
N VAL A 99 -0.65 5.15 6.86
CA VAL A 99 -0.77 6.30 7.80
C VAL A 99 -2.21 6.85 7.80
N PRO A 23 3.08 -11.65 -9.47
CA PRO A 23 2.34 -10.48 -8.94
C PRO A 23 3.20 -9.71 -7.92
N VAL A 24 2.63 -8.62 -7.40
CA VAL A 24 3.31 -7.67 -6.50
C VAL A 24 2.89 -7.93 -5.05
N THR A 25 3.86 -8.22 -4.18
CA THR A 25 3.64 -8.33 -2.74
C THR A 25 3.74 -6.92 -2.09
N LEU A 26 2.61 -6.41 -1.58
CA LEU A 26 2.56 -5.13 -0.89
C LEU A 26 2.46 -5.40 0.62
N ILE A 27 3.59 -5.21 1.29
CA ILE A 27 3.77 -5.50 2.71
C ILE A 27 3.29 -4.31 3.56
N ILE A 28 2.06 -4.43 4.05
CA ILE A 28 1.39 -3.37 4.83
C ILE A 28 1.91 -3.35 6.27
N LYS A 29 2.68 -2.30 6.52
CA LYS A 29 3.22 -1.94 7.83
C LYS A 29 2.34 -0.85 8.45
N ALA A 30 2.59 -0.51 9.72
CA ALA A 30 1.92 0.60 10.39
C ALA A 30 2.89 1.29 11.36
N PRO A 31 2.84 2.65 11.51
CA PRO A 31 3.54 3.37 12.62
C PRO A 31 2.96 2.94 13.99
N ASN A 32 1.65 2.68 13.98
CA ASN A 32 0.87 2.25 15.17
C ASN A 32 0.81 0.71 15.25
N GLN A 33 1.80 0.04 14.59
CA GLN A 33 1.84 -1.42 14.32
C GLN A 33 1.34 -2.33 15.47
N LYS A 34 0.03 -2.58 15.45
CA LYS A 34 -0.59 -3.72 16.14
C LYS A 34 -0.60 -4.90 15.16
N TYR A 35 -0.72 -4.54 13.86
CA TYR A 35 -0.84 -5.47 12.74
C TYR A 35 0.55 -5.73 12.16
N SER A 36 0.99 -6.99 12.11
CA SER A 36 2.29 -7.36 11.50
C SER A 36 2.30 -7.11 9.97
N ASP A 37 3.46 -7.35 9.37
CA ASP A 37 3.74 -7.16 7.93
C ASP A 37 2.75 -7.96 7.02
N GLN A 38 1.59 -7.34 6.72
CA GLN A 38 0.48 -8.00 6.00
C GLN A 38 0.77 -7.99 4.48
N THR A 39 1.12 -9.16 3.93
CA THR A 39 1.45 -9.31 2.52
C THR A 39 0.17 -9.42 1.67
N ILE A 40 -0.27 -8.27 1.15
CA ILE A 40 -1.43 -8.17 0.26
C ILE A 40 -0.97 -8.38 -1.20
N SER A 41 -1.67 -9.25 -1.95
CA SER A 41 -1.42 -9.46 -3.38
C SER A 41 -1.93 -8.25 -4.19
N CYS A 42 -1.07 -7.74 -5.08
CA CYS A 42 -1.30 -6.51 -5.83
C CYS A 42 -0.77 -6.66 -7.27
N PHE A 43 -1.07 -5.66 -8.12
CA PHE A 43 -0.50 -5.53 -9.47
C PHE A 43 -0.11 -4.07 -9.72
N LEU A 44 1.09 -3.85 -10.31
CA LEU A 44 1.57 -2.49 -10.70
C LEU A 44 0.67 -1.85 -11.79
N ASN A 45 -0.22 -2.69 -12.38
CA ASN A 45 -1.23 -2.27 -13.37
C ASN A 45 -2.10 -1.11 -12.83
N TRP A 46 -2.51 -1.20 -11.57
CA TRP A 46 -3.39 -0.20 -10.92
C TRP A 46 -2.59 0.99 -10.37
N THR A 47 -3.33 2.02 -9.95
CA THR A 47 -2.77 3.16 -9.22
C THR A 47 -2.75 2.89 -7.71
N VAL A 48 -2.13 3.82 -6.96
CA VAL A 48 -2.15 3.80 -5.49
C VAL A 48 -3.60 4.01 -4.98
N GLY A 49 -4.43 4.73 -5.78
CA GLY A 49 -5.85 4.97 -5.47
C GLY A 49 -6.67 3.70 -5.48
N LYS A 50 -6.55 2.92 -6.57
CA LYS A 50 -7.27 1.64 -6.73
C LYS A 50 -6.80 0.61 -5.70
N LEU A 51 -5.49 0.60 -5.45
CA LEU A 51 -4.86 -0.33 -4.49
C LEU A 51 -5.28 0.02 -3.05
N LYS A 52 -5.34 1.32 -2.73
CA LYS A 52 -5.71 1.80 -1.37
C LYS A 52 -7.17 1.42 -1.04
N THR A 53 -8.02 1.48 -2.09
CA THR A 53 -9.41 0.98 -2.04
C THR A 53 -9.42 -0.55 -1.83
N HIS A 54 -8.55 -1.25 -2.59
CA HIS A 54 -8.35 -2.72 -2.50
C HIS A 54 -7.94 -3.12 -1.08
N LEU A 55 -7.09 -2.30 -0.42
CA LEU A 55 -6.60 -2.54 0.95
C LEU A 55 -7.75 -2.41 1.95
N SER A 56 -8.47 -1.27 1.87
CA SER A 56 -9.53 -0.90 2.82
C SER A 56 -10.71 -1.89 2.77
N ASN A 57 -10.92 -2.51 1.59
CA ASN A 57 -11.95 -3.54 1.40
C ASN A 57 -11.49 -4.91 1.98
N VAL A 58 -10.26 -5.36 1.64
CA VAL A 58 -9.78 -6.70 2.05
C VAL A 58 -9.42 -6.75 3.56
N TYR A 59 -9.15 -5.57 4.14
CA TYR A 59 -8.78 -5.43 5.55
C TYR A 59 -10.05 -5.60 6.43
N PRO A 60 -10.05 -6.52 7.45
CA PRO A 60 -11.27 -6.81 8.28
C PRO A 60 -11.65 -5.63 9.21
N SER A 61 -10.70 -4.70 9.40
CA SER A 61 -10.91 -3.47 10.19
C SER A 61 -11.62 -2.39 9.34
N LYS A 62 -11.40 -2.45 8.00
CA LYS A 62 -11.78 -1.40 7.03
C LYS A 62 -11.21 -0.02 7.45
N PRO A 63 -9.92 0.26 7.15
CA PRO A 63 -9.31 1.58 7.44
C PRO A 63 -9.84 2.70 6.48
N LEU A 64 -9.96 3.92 7.03
CA LEU A 64 -10.38 5.12 6.26
C LEU A 64 -9.25 5.54 5.31
N THR A 65 -9.49 5.43 3.99
CA THR A 65 -8.49 5.72 2.94
C THR A 65 -7.91 7.16 3.05
N LYS A 66 -8.74 8.08 3.56
CA LYS A 66 -8.35 9.49 3.78
C LYS A 66 -7.42 9.65 5.02
N ASP A 67 -7.65 8.81 6.05
CA ASP A 67 -6.86 8.84 7.31
C ASP A 67 -5.74 7.79 7.29
N GLN A 68 -5.66 7.01 6.20
CA GLN A 68 -4.69 5.92 6.04
C GLN A 68 -4.04 6.01 4.66
N ARG A 69 -2.93 6.75 4.63
CA ARG A 69 -2.11 6.95 3.43
C ARG A 69 -1.00 5.89 3.37
N LEU A 70 -0.33 5.81 2.22
CA LEU A 70 0.77 4.87 1.98
C LEU A 70 2.09 5.66 1.92
N VAL A 71 3.13 5.25 2.68
CA VAL A 71 4.46 5.89 2.70
C VAL A 71 5.56 4.82 2.52
N TYR A 72 6.33 4.92 1.41
CA TYR A 72 7.38 3.95 1.06
C TYR A 72 8.73 4.49 1.56
N SER A 73 9.15 4.01 2.75
CA SER A 73 10.49 4.29 3.35
C SER A 73 10.72 5.78 3.72
N GLY A 74 9.74 6.67 3.43
CA GLY A 74 9.90 8.11 3.69
C GLY A 74 9.04 8.96 2.75
N ARG A 75 8.80 8.46 1.53
CA ARG A 75 8.09 9.21 0.46
C ARG A 75 6.60 8.81 0.43
N LEU A 76 5.72 9.79 0.14
CA LEU A 76 4.25 9.58 0.09
C LEU A 76 3.88 8.92 -1.27
N LEU A 77 2.90 7.98 -1.22
CA LEU A 77 2.37 7.29 -2.42
C LEU A 77 1.00 7.90 -2.77
N PRO A 78 0.91 8.88 -3.73
CA PRO A 78 -0.36 9.52 -4.11
C PRO A 78 -1.15 8.72 -5.17
N ASP A 79 -2.49 8.86 -5.11
CA ASP A 79 -3.44 8.11 -5.95
C ASP A 79 -3.36 8.50 -7.43
N HIS A 80 -2.84 9.72 -7.71
CA HIS A 80 -2.83 10.27 -9.10
C HIS A 80 -1.89 9.50 -10.05
N LEU A 81 -0.90 8.75 -9.48
CA LEU A 81 0.07 7.96 -10.27
C LEU A 81 -0.06 6.47 -9.95
N GLN A 82 0.54 5.64 -10.84
CA GLN A 82 0.49 4.17 -10.74
C GLN A 82 1.53 3.65 -9.76
N LEU A 83 1.30 2.43 -9.26
CA LEU A 83 2.17 1.75 -8.29
C LEU A 83 3.60 1.59 -8.80
N LYS A 84 3.72 1.30 -10.11
CA LYS A 84 5.01 1.07 -10.80
C LYS A 84 6.04 2.20 -10.52
N ASP A 85 5.51 3.44 -10.39
CA ASP A 85 6.30 4.68 -10.18
C ASP A 85 7.33 4.51 -9.05
N ILE A 86 6.88 3.85 -7.97
CA ILE A 86 7.70 3.67 -6.75
C ILE A 86 8.20 2.23 -6.65
N LEU A 87 7.40 1.29 -7.21
CA LEU A 87 7.47 -0.14 -6.86
C LEU A 87 8.07 -0.98 -8.01
N ARG A 88 8.75 -0.30 -8.95
CA ARG A 88 9.41 -0.96 -10.11
C ARG A 88 10.72 -1.66 -9.68
N LYS A 89 11.43 -1.03 -8.74
CA LYS A 89 12.82 -1.40 -8.33
C LYS A 89 12.92 -2.88 -7.92
N GLN A 90 12.16 -3.26 -6.89
CA GLN A 90 12.05 -4.67 -6.46
C GLN A 90 11.05 -5.42 -7.35
N ASP A 91 9.94 -4.73 -7.70
CA ASP A 91 8.76 -5.29 -8.40
C ASP A 91 7.92 -6.18 -7.47
N GLU A 92 8.59 -7.12 -6.79
CA GLU A 92 7.97 -8.09 -5.88
C GLU A 92 7.47 -7.43 -4.57
N TYR A 93 8.30 -7.43 -3.49
CA TYR A 93 7.85 -7.09 -2.12
C TYR A 93 8.18 -5.63 -1.75
N HIS A 94 7.25 -4.95 -1.04
CA HIS A 94 7.35 -3.50 -0.74
C HIS A 94 6.81 -3.19 0.67
N MET A 95 7.72 -2.97 1.64
CA MET A 95 7.33 -2.58 3.02
C MET A 95 6.91 -1.09 3.06
N VAL A 96 5.59 -0.87 3.13
CA VAL A 96 4.96 0.46 3.08
C VAL A 96 4.20 0.74 4.38
N HIS A 97 4.51 1.88 5.01
CA HIS A 97 3.88 2.32 6.27
C HIS A 97 2.52 2.99 5.99
N LEU A 98 1.43 2.29 6.36
CA LEU A 98 0.06 2.81 6.25
C LEU A 98 -0.18 3.81 7.40
N VAL A 99 0.01 5.12 7.12
CA VAL A 99 -0.02 6.21 8.12
C VAL A 99 -1.48 6.72 8.37
N PRO A 23 2.15 -12.54 -8.39
CA PRO A 23 1.55 -11.27 -7.92
C PRO A 23 2.51 -10.52 -6.98
N VAL A 24 2.37 -9.18 -6.92
CA VAL A 24 3.21 -8.33 -6.08
C VAL A 24 2.77 -8.43 -4.60
N THR A 25 3.62 -9.05 -3.80
CA THR A 25 3.45 -9.13 -2.35
C THR A 25 3.71 -7.74 -1.73
N LEU A 26 2.62 -6.99 -1.52
CA LEU A 26 2.69 -5.61 -1.04
C LEU A 26 2.50 -5.62 0.48
N ILE A 27 3.63 -5.55 1.17
CA ILE A 27 3.74 -5.65 2.61
C ILE A 27 3.31 -4.32 3.27
N ILE A 28 2.03 -4.29 3.69
CA ILE A 28 1.39 -3.12 4.30
C ILE A 28 1.59 -3.14 5.83
N LYS A 29 2.36 -2.16 6.31
CA LYS A 29 2.76 -2.00 7.72
C LYS A 29 2.29 -0.65 8.24
N ALA A 30 2.02 -0.54 9.54
CA ALA A 30 1.71 0.75 10.18
C ALA A 30 2.97 1.30 10.87
N PRO A 31 3.29 2.63 10.73
CA PRO A 31 4.43 3.27 11.46
C PRO A 31 4.26 3.17 12.99
N ASN A 32 3.00 3.16 13.44
CA ASN A 32 2.62 2.97 14.86
C ASN A 32 2.94 1.55 15.36
N GLN A 33 3.05 0.60 14.41
CA GLN A 33 3.29 -0.86 14.66
C GLN A 33 2.02 -1.56 15.21
N LYS A 34 0.92 -0.79 15.38
CA LYS A 34 -0.42 -1.33 15.74
C LYS A 34 -0.85 -2.39 14.72
N TYR A 35 -0.61 -2.06 13.45
CA TYR A 35 -0.78 -3.01 12.34
C TYR A 35 0.60 -3.47 11.89
N SER A 36 0.86 -4.77 12.05
CA SER A 36 2.12 -5.40 11.62
C SER A 36 2.17 -5.53 10.09
N ASP A 37 3.37 -5.80 9.58
CA ASP A 37 3.64 -5.86 8.14
C ASP A 37 2.93 -7.07 7.46
N GLN A 38 1.71 -6.80 6.94
CA GLN A 38 0.82 -7.80 6.29
C GLN A 38 1.10 -7.90 4.78
N THR A 39 1.27 -9.14 4.29
CA THR A 39 1.47 -9.43 2.88
C THR A 39 0.11 -9.39 2.14
N ILE A 40 -0.12 -8.30 1.39
CA ILE A 40 -1.33 -8.12 0.57
C ILE A 40 -0.98 -8.43 -0.91
N SER A 41 -1.55 -9.52 -1.45
CA SER A 41 -1.37 -9.91 -2.86
C SER A 41 -2.05 -8.88 -3.78
N CYS A 42 -1.23 -8.14 -4.53
CA CYS A 42 -1.65 -7.02 -5.38
C CYS A 42 -0.90 -7.04 -6.73
N PHE A 43 -1.14 -6.01 -7.54
CA PHE A 43 -0.40 -5.75 -8.79
C PHE A 43 -0.03 -4.27 -8.86
N LEU A 44 1.11 -3.97 -9.51
CA LEU A 44 1.52 -2.58 -9.81
C LEU A 44 0.72 -2.00 -10.98
N ASN A 45 -0.16 -2.85 -11.57
CA ASN A 45 -1.09 -2.48 -12.63
C ASN A 45 -1.96 -1.27 -12.25
N TRP A 46 -2.43 -1.25 -10.96
CA TRP A 46 -3.33 -0.20 -10.46
C TRP A 46 -2.54 1.03 -10.01
N THR A 47 -3.27 2.14 -9.82
CA THR A 47 -2.74 3.34 -9.20
C THR A 47 -2.87 3.24 -7.66
N VAL A 48 -2.15 4.12 -6.95
CA VAL A 48 -2.06 4.10 -5.47
C VAL A 48 -3.45 4.23 -4.79
N GLY A 49 -4.36 5.03 -5.39
CA GLY A 49 -5.72 5.23 -4.86
C GLY A 49 -6.61 4.00 -5.04
N LYS A 50 -6.49 3.35 -6.22
CA LYS A 50 -7.22 2.10 -6.52
C LYS A 50 -6.76 0.97 -5.60
N LEU A 51 -5.45 0.99 -5.27
CA LEU A 51 -4.82 0.05 -4.36
C LEU A 51 -5.30 0.30 -2.93
N LYS A 52 -5.35 1.55 -2.55
CA LYS A 52 -5.74 2.00 -1.19
C LYS A 52 -7.22 1.65 -0.92
N THR A 53 -8.06 1.66 -1.98
CA THR A 53 -9.46 1.21 -1.92
C THR A 53 -9.52 -0.34 -1.88
N HIS A 54 -8.59 -0.98 -2.63
CA HIS A 54 -8.39 -2.44 -2.61
C HIS A 54 -8.05 -2.92 -1.19
N LEU A 55 -7.23 -2.11 -0.45
CA LEU A 55 -6.87 -2.36 0.96
C LEU A 55 -8.12 -2.21 1.84
N SER A 56 -8.89 -1.14 1.60
CA SER A 56 -10.14 -0.86 2.34
C SER A 56 -11.11 -2.06 2.31
N ASN A 57 -11.01 -2.89 1.25
CA ASN A 57 -11.82 -4.11 1.09
C ASN A 57 -11.11 -5.36 1.67
N VAL A 58 -9.87 -5.64 1.22
CA VAL A 58 -9.17 -6.93 1.47
C VAL A 58 -8.46 -7.00 2.84
N TYR A 59 -8.33 -5.86 3.52
CA TYR A 59 -7.63 -5.75 4.81
C TYR A 59 -8.66 -5.98 5.95
N PRO A 60 -8.33 -6.78 7.02
CA PRO A 60 -9.27 -7.16 8.12
C PRO A 60 -9.96 -5.95 8.80
N SER A 61 -9.15 -4.92 9.10
CA SER A 61 -9.61 -3.71 9.81
C SER A 61 -10.49 -2.84 8.89
N LYS A 62 -10.29 -3.01 7.57
CA LYS A 62 -10.95 -2.22 6.50
C LYS A 62 -10.72 -0.70 6.71
N PRO A 63 -9.45 -0.22 6.42
CA PRO A 63 -9.01 1.15 6.76
C PRO A 63 -9.63 2.23 5.83
N LEU A 64 -9.79 3.45 6.39
CA LEU A 64 -10.41 4.59 5.70
C LEU A 64 -9.54 5.05 4.51
N THR A 65 -10.06 4.87 3.28
CA THR A 65 -9.40 5.31 2.04
C THR A 65 -9.20 6.85 2.02
N LYS A 66 -10.12 7.57 2.70
CA LYS A 66 -10.09 9.04 2.80
C LYS A 66 -8.93 9.53 3.69
N ASP A 67 -8.61 8.74 4.74
CA ASP A 67 -7.78 9.19 5.87
C ASP A 67 -6.38 8.56 5.82
N GLN A 68 -6.36 7.23 5.74
CA GLN A 68 -5.14 6.41 5.70
C GLN A 68 -4.30 6.76 4.47
N ARG A 69 -3.00 6.97 4.68
CA ARG A 69 -2.05 7.40 3.63
C ARG A 69 -0.92 6.38 3.52
N LEU A 70 -0.49 6.11 2.29
CA LEU A 70 0.59 5.18 1.99
C LEU A 70 1.92 5.96 1.91
N VAL A 71 2.90 5.59 2.75
CA VAL A 71 4.21 6.27 2.83
C VAL A 71 5.33 5.22 2.67
N TYR A 72 6.24 5.44 1.71
CA TYR A 72 7.35 4.50 1.44
C TYR A 72 8.65 5.12 1.99
N SER A 73 9.05 4.69 3.21
CA SER A 73 10.34 5.05 3.86
C SER A 73 10.50 6.57 4.18
N GLY A 74 9.49 7.39 3.83
CA GLY A 74 9.58 8.85 4.00
C GLY A 74 8.74 9.60 2.98
N ARG A 75 8.68 9.08 1.75
CA ARG A 75 7.97 9.73 0.63
C ARG A 75 6.49 9.31 0.60
N LEU A 76 5.58 10.27 0.38
CA LEU A 76 4.13 10.00 0.28
C LEU A 76 3.82 9.39 -1.10
N LEU A 77 2.93 8.38 -1.14
CA LEU A 77 2.47 7.75 -2.39
C LEU A 77 1.14 8.43 -2.80
N PRO A 78 1.14 9.37 -3.78
CA PRO A 78 -0.10 10.02 -4.23
C PRO A 78 -0.91 9.14 -5.20
N ASP A 79 -2.23 9.22 -5.11
CA ASP A 79 -3.19 8.37 -5.83
C ASP A 79 -3.14 8.59 -7.36
N HIS A 80 -2.63 9.76 -7.79
CA HIS A 80 -2.67 10.17 -9.21
C HIS A 80 -1.69 9.38 -10.09
N LEU A 81 -0.72 8.68 -9.47
CA LEU A 81 0.29 7.87 -10.20
C LEU A 81 0.16 6.39 -9.85
N GLN A 82 0.77 5.55 -10.69
CA GLN A 82 0.72 4.09 -10.56
C GLN A 82 1.69 3.60 -9.50
N LEU A 83 1.43 2.39 -8.98
CA LEU A 83 2.27 1.74 -7.96
C LEU A 83 3.69 1.48 -8.49
N LYS A 84 3.78 1.16 -9.79
CA LYS A 84 5.06 0.88 -10.48
C LYS A 84 6.08 2.03 -10.29
N ASP A 85 5.56 3.27 -10.18
CA ASP A 85 6.37 4.50 -10.00
C ASP A 85 7.41 4.35 -8.87
N ILE A 86 6.97 3.74 -7.78
CA ILE A 86 7.78 3.59 -6.56
C ILE A 86 8.29 2.14 -6.43
N LEU A 87 7.59 1.19 -7.07
CA LEU A 87 7.70 -0.25 -6.72
C LEU A 87 8.21 -1.14 -7.89
N ARG A 88 8.53 -0.53 -9.07
CA ARG A 88 8.92 -1.29 -10.31
C ARG A 88 10.26 -2.03 -10.15
N LYS A 89 11.07 -1.58 -9.18
CA LYS A 89 12.42 -2.12 -8.91
C LYS A 89 12.39 -3.64 -8.62
N GLN A 90 11.34 -4.07 -7.90
CA GLN A 90 11.12 -5.50 -7.60
C GLN A 90 9.98 -6.06 -8.46
N ASP A 91 8.76 -5.45 -8.33
CA ASP A 91 7.50 -5.97 -8.96
C ASP A 91 7.20 -7.40 -8.43
N GLU A 92 7.77 -7.74 -7.27
CA GLU A 92 7.65 -9.06 -6.64
C GLU A 92 7.18 -8.87 -5.19
N TYR A 93 7.83 -7.93 -4.50
CA TYR A 93 7.45 -7.52 -3.14
C TYR A 93 7.94 -6.09 -2.87
N HIS A 94 7.29 -5.42 -1.90
CA HIS A 94 7.70 -4.09 -1.39
C HIS A 94 6.92 -3.76 -0.11
N MET A 95 7.54 -2.96 0.78
CA MET A 95 6.97 -2.59 2.09
C MET A 95 6.58 -1.09 2.09
N VAL A 96 5.33 -0.81 2.53
CA VAL A 96 4.78 0.57 2.57
C VAL A 96 4.05 0.82 3.91
N HIS A 97 4.42 1.92 4.59
CA HIS A 97 3.86 2.35 5.87
C HIS A 97 2.48 3.05 5.67
N LEU A 98 1.40 2.26 5.82
CA LEU A 98 0.03 2.77 5.89
C LEU A 98 -0.18 3.51 7.23
N VAL A 99 -0.08 4.84 7.21
CA VAL A 99 -0.31 5.71 8.39
C VAL A 99 -1.83 5.96 8.60
N PRO A 23 1.89 -12.51 -8.14
CA PRO A 23 1.54 -11.09 -7.90
C PRO A 23 2.62 -10.38 -7.09
N VAL A 24 2.40 -9.08 -6.89
CA VAL A 24 3.25 -8.20 -6.05
C VAL A 24 2.97 -8.47 -4.57
N THR A 25 4.04 -8.79 -3.81
CA THR A 25 3.95 -8.96 -2.37
C THR A 25 3.99 -7.57 -1.73
N LEU A 26 2.83 -7.00 -1.42
CA LEU A 26 2.75 -5.67 -0.81
C LEU A 26 2.73 -5.82 0.71
N ILE A 27 3.90 -5.64 1.32
CA ILE A 27 4.09 -5.75 2.76
C ILE A 27 3.62 -4.44 3.42
N ILE A 28 2.37 -4.44 3.88
CA ILE A 28 1.75 -3.31 4.56
C ILE A 28 2.07 -3.36 6.06
N LYS A 29 2.87 -2.41 6.51
CA LYS A 29 3.25 -2.24 7.91
C LYS A 29 2.47 -1.07 8.50
N ALA A 30 1.69 -1.29 9.56
CA ALA A 30 0.95 -0.22 10.24
C ALA A 30 1.90 0.45 11.26
N PRO A 31 2.15 1.81 11.14
CA PRO A 31 2.95 2.58 12.13
C PRO A 31 2.34 2.53 13.54
N ASN A 32 1.01 2.43 13.59
CA ASN A 32 0.22 2.30 14.82
C ASN A 32 0.54 0.95 15.54
N GLN A 33 1.00 -0.05 14.73
CA GLN A 33 1.55 -1.35 15.20
C GLN A 33 0.47 -2.29 15.80
N LYS A 34 -0.82 -1.87 15.74
CA LYS A 34 -1.96 -2.77 16.02
C LYS A 34 -1.93 -3.95 15.03
N TYR A 35 -1.58 -3.62 13.78
CA TYR A 35 -1.41 -4.56 12.67
C TYR A 35 0.07 -4.58 12.27
N SER A 36 0.66 -5.77 12.26
CA SER A 36 2.05 -5.96 11.82
C SER A 36 2.12 -6.01 10.28
N ASP A 37 3.32 -6.31 9.75
CA ASP A 37 3.56 -6.44 8.31
C ASP A 37 2.73 -7.58 7.67
N GLN A 38 1.68 -7.18 6.95
CA GLN A 38 0.75 -8.09 6.24
C GLN A 38 1.07 -8.10 4.74
N THR A 39 1.33 -9.30 4.19
CA THR A 39 1.62 -9.47 2.78
C THR A 39 0.31 -9.52 1.95
N ILE A 40 -0.11 -8.35 1.46
CA ILE A 40 -1.30 -8.20 0.61
C ILE A 40 -0.91 -8.48 -0.86
N SER A 41 -1.53 -9.49 -1.49
CA SER A 41 -1.32 -9.81 -2.90
C SER A 41 -1.97 -8.73 -3.79
N CYS A 42 -1.14 -8.01 -4.55
CA CYS A 42 -1.53 -6.82 -5.34
C CYS A 42 -0.83 -6.82 -6.71
N PHE A 43 -1.05 -5.76 -7.50
CA PHE A 43 -0.37 -5.52 -8.80
C PHE A 43 0.06 -4.05 -8.90
N LEU A 44 1.26 -3.83 -9.50
CA LEU A 44 1.78 -2.47 -9.80
C LEU A 44 1.00 -1.83 -10.96
N ASN A 45 0.18 -2.66 -11.65
CA ASN A 45 -0.70 -2.25 -12.75
C ASN A 45 -1.65 -1.09 -12.35
N TRP A 46 -2.17 -1.13 -11.11
CA TRP A 46 -3.13 -0.13 -10.62
C TRP A 46 -2.41 1.10 -10.04
N THR A 47 -3.20 2.13 -9.71
CA THR A 47 -2.71 3.34 -9.04
C THR A 47 -2.67 3.14 -7.52
N VAL A 48 -2.05 4.10 -6.83
CA VAL A 48 -2.05 4.17 -5.37
C VAL A 48 -3.48 4.38 -4.82
N GLY A 49 -4.32 5.07 -5.61
CA GLY A 49 -5.74 5.29 -5.27
C GLY A 49 -6.58 4.03 -5.37
N LYS A 50 -6.41 3.31 -6.49
CA LYS A 50 -7.07 2.00 -6.72
C LYS A 50 -6.69 1.00 -5.63
N LEU A 51 -5.39 0.96 -5.31
CA LEU A 51 -4.82 0.07 -4.30
C LEU A 51 -5.29 0.47 -2.87
N LYS A 52 -5.37 1.77 -2.63
CA LYS A 52 -5.80 2.32 -1.32
C LYS A 52 -7.22 1.85 -0.97
N THR A 53 -8.11 1.96 -1.96
CA THR A 53 -9.52 1.50 -1.88
C THR A 53 -9.56 -0.04 -1.74
N HIS A 54 -8.69 -0.72 -2.52
CA HIS A 54 -8.51 -2.19 -2.49
C HIS A 54 -8.18 -2.66 -1.07
N LEU A 55 -7.29 -1.90 -0.38
CA LEU A 55 -6.88 -2.19 1.00
C LEU A 55 -8.06 -1.98 1.95
N SER A 56 -8.80 -0.86 1.80
CA SER A 56 -9.95 -0.52 2.67
C SER A 56 -10.97 -1.68 2.77
N ASN A 57 -11.11 -2.44 1.66
CA ASN A 57 -11.95 -3.65 1.61
C ASN A 57 -11.22 -4.89 2.18
N VAL A 58 -10.04 -5.23 1.63
CA VAL A 58 -9.36 -6.52 1.89
C VAL A 58 -8.64 -6.57 3.27
N TYR A 59 -8.41 -5.41 3.87
CA TYR A 59 -7.62 -5.28 5.11
C TYR A 59 -8.56 -5.51 6.31
N PRO A 60 -8.15 -6.33 7.34
CA PRO A 60 -9.03 -6.71 8.49
C PRO A 60 -9.51 -5.50 9.32
N SER A 61 -8.74 -4.40 9.27
CA SER A 61 -9.04 -3.16 9.99
C SER A 61 -10.28 -2.47 9.39
N LYS A 62 -10.35 -2.48 8.03
CA LYS A 62 -11.25 -1.63 7.25
C LYS A 62 -11.10 -0.14 7.65
N PRO A 63 -9.97 0.53 7.23
CA PRO A 63 -9.77 1.98 7.47
C PRO A 63 -10.53 2.81 6.42
N LEU A 64 -10.79 4.10 6.75
CA LEU A 64 -11.37 5.07 5.79
C LEU A 64 -10.36 5.29 4.66
N THR A 65 -10.79 5.06 3.41
CA THR A 65 -9.95 5.26 2.21
C THR A 65 -9.40 6.70 2.15
N LYS A 66 -10.30 7.65 2.41
CA LYS A 66 -10.01 9.10 2.38
C LYS A 66 -9.05 9.54 3.53
N ASP A 67 -8.85 8.67 4.54
CA ASP A 67 -7.99 8.95 5.71
C ASP A 67 -6.65 8.21 5.61
N GLN A 68 -6.67 6.96 5.14
CA GLN A 68 -5.48 6.08 5.10
C GLN A 68 -4.53 6.53 3.98
N ARG A 69 -3.23 6.58 4.31
CA ARG A 69 -2.15 6.96 3.37
C ARG A 69 -1.16 5.80 3.20
N LEU A 70 -0.45 5.81 2.06
CA LEU A 70 0.61 4.84 1.74
C LEU A 70 1.95 5.56 1.73
N VAL A 71 2.80 5.30 2.75
CA VAL A 71 4.15 5.87 2.87
C VAL A 71 5.20 4.77 2.66
N TYR A 72 5.96 4.88 1.56
CA TYR A 72 6.94 3.87 1.15
C TYR A 72 8.35 4.35 1.52
N SER A 73 8.88 3.79 2.63
CA SER A 73 10.27 3.99 3.07
C SER A 73 10.63 5.47 3.36
N GLY A 74 9.59 6.32 3.56
CA GLY A 74 9.79 7.75 3.88
C GLY A 74 8.97 8.70 3.00
N ARG A 75 8.68 8.28 1.76
CA ARG A 75 7.94 9.13 0.79
C ARG A 75 6.44 8.85 0.85
N LEU A 76 5.61 9.84 0.52
CA LEU A 76 4.15 9.69 0.42
C LEU A 76 3.80 9.36 -1.04
N LEU A 77 3.06 8.26 -1.23
CA LEU A 77 2.59 7.81 -2.54
C LEU A 77 1.22 8.46 -2.84
N PRO A 78 1.10 9.39 -3.85
CA PRO A 78 -0.21 9.98 -4.27
C PRO A 78 -0.96 9.08 -5.28
N ASP A 79 -2.29 9.27 -5.38
CA ASP A 79 -3.16 8.41 -6.22
C ASP A 79 -3.00 8.71 -7.72
N HIS A 80 -2.47 9.90 -8.06
CA HIS A 80 -2.42 10.40 -9.46
C HIS A 80 -1.47 9.59 -10.37
N LEU A 81 -0.68 8.69 -9.77
CA LEU A 81 0.29 7.83 -10.49
C LEU A 81 0.06 6.35 -10.17
N GLN A 82 0.52 5.47 -11.06
CA GLN A 82 0.51 4.02 -10.84
C GLN A 82 1.66 3.63 -9.89
N LEU A 83 1.42 2.54 -9.13
CA LEU A 83 2.37 1.99 -8.14
C LEU A 83 3.76 1.75 -8.75
N LYS A 84 3.76 1.24 -10.00
CA LYS A 84 4.97 0.91 -10.78
C LYS A 84 6.03 2.04 -10.75
N ASP A 85 5.55 3.30 -10.91
CA ASP A 85 6.37 4.54 -10.90
C ASP A 85 7.42 4.57 -9.77
N ILE A 86 7.01 4.05 -8.59
CA ILE A 86 7.87 4.00 -7.40
C ILE A 86 8.44 2.58 -7.23
N LEU A 87 7.60 1.58 -7.52
CA LEU A 87 7.77 0.19 -7.04
C LEU A 87 8.34 -0.73 -8.13
N ARG A 88 8.87 -0.15 -9.21
CA ARG A 88 9.46 -0.89 -10.35
C ARG A 88 10.80 -1.58 -9.98
N LYS A 89 11.43 -1.09 -8.89
CA LYS A 89 12.80 -1.47 -8.50
C LYS A 89 12.89 -2.93 -7.98
N GLN A 90 12.26 -3.24 -6.81
CA GLN A 90 12.16 -4.65 -6.35
C GLN A 90 11.06 -5.38 -7.15
N ASP A 91 10.04 -4.60 -7.59
CA ASP A 91 8.87 -5.07 -8.34
C ASP A 91 7.88 -5.87 -7.46
N GLU A 92 8.35 -7.00 -6.91
CA GLU A 92 7.54 -7.96 -6.15
C GLU A 92 7.30 -7.50 -4.69
N TYR A 93 8.29 -7.65 -3.78
CA TYR A 93 8.11 -7.34 -2.34
C TYR A 93 8.44 -5.87 -2.05
N HIS A 94 7.50 -5.16 -1.36
CA HIS A 94 7.61 -3.71 -1.03
C HIS A 94 7.04 -3.45 0.36
N MET A 95 7.83 -2.75 1.20
CA MET A 95 7.41 -2.37 2.55
C MET A 95 6.79 -0.94 2.53
N VAL A 96 5.46 -0.91 2.45
CA VAL A 96 4.65 0.33 2.42
C VAL A 96 3.84 0.42 3.72
N HIS A 97 3.67 1.64 4.25
CA HIS A 97 3.05 1.86 5.57
C HIS A 97 1.61 2.40 5.41
N LEU A 98 0.63 1.73 6.08
CA LEU A 98 -0.77 2.20 6.13
C LEU A 98 -0.96 3.14 7.33
N VAL A 99 -0.95 4.44 7.03
CA VAL A 99 -1.10 5.50 8.04
C VAL A 99 -2.57 5.54 8.54
N PRO A 23 4.20 -11.06 -9.84
CA PRO A 23 3.25 -10.14 -9.16
C PRO A 23 3.97 -9.37 -8.04
N VAL A 24 3.18 -8.65 -7.22
CA VAL A 24 3.69 -7.74 -6.17
C VAL A 24 3.22 -8.20 -4.78
N THR A 25 4.18 -8.47 -3.90
CA THR A 25 3.93 -8.66 -2.46
C THR A 25 3.97 -7.29 -1.76
N LEU A 26 2.80 -6.67 -1.56
CA LEU A 26 2.71 -5.34 -0.94
C LEU A 26 2.59 -5.50 0.58
N ILE A 27 3.71 -5.34 1.27
CA ILE A 27 3.80 -5.55 2.72
C ILE A 27 3.31 -4.30 3.47
N ILE A 28 2.05 -4.34 3.87
CA ILE A 28 1.39 -3.25 4.61
C ILE A 28 1.84 -3.24 6.08
N LYS A 29 2.52 -2.14 6.42
CA LYS A 29 3.00 -1.86 7.76
C LYS A 29 1.99 -0.93 8.45
N ALA A 30 1.34 -1.45 9.49
CA ALA A 30 0.29 -0.71 10.23
C ALA A 30 0.86 0.58 10.90
N PRO A 31 0.04 1.70 11.02
CA PRO A 31 0.48 3.03 11.51
C PRO A 31 1.40 3.01 12.74
N ASN A 32 1.07 2.16 13.72
CA ASN A 32 1.94 1.91 14.90
C ASN A 32 2.28 0.42 14.94
N GLN A 33 1.32 -0.40 15.41
CA GLN A 33 1.41 -1.87 15.42
C GLN A 33 0.00 -2.41 15.64
N LYS A 34 -0.93 -2.01 14.76
CA LYS A 34 -2.34 -2.44 14.80
C LYS A 34 -2.45 -3.89 14.33
N TYR A 35 -1.73 -4.17 13.23
CA TYR A 35 -1.62 -5.51 12.61
C TYR A 35 -0.17 -5.76 12.22
N SER A 36 0.11 -7.01 11.83
CA SER A 36 1.45 -7.46 11.38
C SER A 36 1.74 -6.96 9.95
N ASP A 37 2.86 -7.44 9.39
CA ASP A 37 3.24 -7.22 8.00
C ASP A 37 2.24 -7.92 7.04
N GLN A 38 1.15 -7.20 6.70
CA GLN A 38 0.06 -7.76 5.87
C GLN A 38 0.49 -7.80 4.39
N THR A 39 0.81 -9.01 3.90
CA THR A 39 1.30 -9.22 2.53
C THR A 39 0.12 -9.31 1.55
N ILE A 40 -0.18 -8.17 0.92
CA ILE A 40 -1.29 -8.03 -0.04
C ILE A 40 -0.78 -8.31 -1.46
N SER A 41 -1.24 -9.44 -2.03
CA SER A 41 -0.94 -9.81 -3.43
C SER A 41 -1.64 -8.82 -4.38
N CYS A 42 -0.85 -8.15 -5.23
CA CYS A 42 -1.31 -7.06 -6.10
C CYS A 42 -0.48 -7.00 -7.40
N PHE A 43 -0.82 -6.03 -8.26
CA PHE A 43 -0.10 -5.79 -9.53
C PHE A 43 0.11 -4.26 -9.71
N LEU A 44 1.16 -3.88 -10.48
CA LEU A 44 1.60 -2.46 -10.62
C LEU A 44 0.74 -1.63 -11.60
N ASN A 45 -0.25 -2.26 -12.23
CA ASN A 45 -1.09 -1.62 -13.28
C ASN A 45 -1.88 -0.42 -12.71
N TRP A 46 -2.53 -0.64 -11.56
CA TRP A 46 -3.48 0.31 -10.97
C TRP A 46 -2.75 1.44 -10.24
N THR A 47 -3.51 2.46 -9.82
CA THR A 47 -2.98 3.58 -9.05
C THR A 47 -2.90 3.20 -7.56
N VAL A 48 -2.17 4.04 -6.80
CA VAL A 48 -2.09 3.95 -5.32
C VAL A 48 -3.50 4.03 -4.71
N GLY A 49 -4.37 4.86 -5.33
CA GLY A 49 -5.77 4.99 -4.93
C GLY A 49 -6.59 3.71 -5.08
N LYS A 50 -6.51 3.08 -6.28
CA LYS A 50 -7.27 1.84 -6.58
C LYS A 50 -6.81 0.68 -5.71
N LEU A 51 -5.50 0.65 -5.40
CA LEU A 51 -4.93 -0.38 -4.52
C LEU A 51 -5.37 -0.12 -3.08
N LYS A 52 -5.34 1.14 -2.65
CA LYS A 52 -5.71 1.54 -1.30
C LYS A 52 -7.22 1.33 -1.04
N THR A 53 -8.02 1.36 -2.12
CA THR A 53 -9.45 1.01 -2.09
C THR A 53 -9.59 -0.51 -1.85
N HIS A 54 -8.79 -1.31 -2.60
CA HIS A 54 -8.68 -2.77 -2.43
C HIS A 54 -8.22 -3.11 -0.99
N LEU A 55 -7.35 -2.24 -0.42
CA LEU A 55 -6.84 -2.39 0.96
C LEU A 55 -7.99 -2.19 1.97
N SER A 56 -8.80 -1.14 1.77
CA SER A 56 -9.94 -0.80 2.67
C SER A 56 -10.94 -1.98 2.77
N ASN A 57 -11.10 -2.69 1.64
CA ASN A 57 -12.00 -3.86 1.53
C ASN A 57 -11.44 -5.08 2.31
N VAL A 58 -10.13 -5.37 2.08
CA VAL A 58 -9.49 -6.59 2.61
C VAL A 58 -8.95 -6.41 4.05
N TYR A 59 -8.81 -5.15 4.48
CA TYR A 59 -8.28 -4.81 5.83
C TYR A 59 -9.47 -4.88 6.82
N PRO A 60 -9.44 -5.82 7.81
CA PRO A 60 -10.62 -6.13 8.69
C PRO A 60 -11.09 -4.94 9.56
N SER A 61 -10.19 -3.97 9.80
CA SER A 61 -10.48 -2.76 10.58
C SER A 61 -11.38 -1.78 9.79
N LYS A 62 -11.38 -1.95 8.44
CA LYS A 62 -12.17 -1.12 7.49
C LYS A 62 -11.77 0.37 7.59
N PRO A 63 -10.52 0.74 7.17
CA PRO A 63 -10.02 2.12 7.24
C PRO A 63 -10.42 2.94 5.99
N LEU A 64 -10.91 4.17 6.22
CA LEU A 64 -11.31 5.09 5.14
C LEU A 64 -10.07 5.51 4.32
N THR A 65 -10.13 5.30 3.00
CA THR A 65 -9.02 5.55 2.06
C THR A 65 -8.53 7.01 2.11
N LYS A 66 -9.48 7.94 2.33
CA LYS A 66 -9.19 9.39 2.45
C LYS A 66 -8.39 9.69 3.73
N ASP A 67 -8.58 8.85 4.77
CA ASP A 67 -7.91 9.02 6.09
C ASP A 67 -6.66 8.12 6.20
N GLN A 68 -6.29 7.49 5.06
CA GLN A 68 -5.13 6.58 4.99
C GLN A 68 -4.17 7.06 3.89
N ARG A 69 -2.88 7.14 4.24
CA ARG A 69 -1.80 7.42 3.29
C ARG A 69 -0.83 6.23 3.25
N LEU A 70 -0.31 5.94 2.05
CA LEU A 70 0.72 4.91 1.84
C LEU A 70 2.10 5.60 1.80
N VAL A 71 3.09 5.01 2.51
CA VAL A 71 4.45 5.57 2.64
C VAL A 71 5.50 4.51 2.25
N TYR A 72 6.34 4.79 1.25
CA TYR A 72 7.36 3.84 0.75
C TYR A 72 8.70 4.16 1.42
N SER A 73 8.94 3.51 2.57
CA SER A 73 10.21 3.55 3.32
C SER A 73 10.60 4.96 3.85
N GLY A 74 9.69 5.94 3.73
CA GLY A 74 9.94 7.31 4.16
C GLY A 74 9.20 8.35 3.32
N ARG A 75 9.10 8.10 2.00
CA ARG A 75 8.44 9.04 1.07
C ARG A 75 6.92 8.77 1.04
N LEU A 76 6.14 9.75 0.57
CA LEU A 76 4.68 9.61 0.43
C LEU A 76 4.34 9.00 -0.94
N LEU A 77 3.26 8.17 -0.96
CA LEU A 77 2.66 7.63 -2.18
C LEU A 77 1.23 8.19 -2.29
N PRO A 78 1.02 9.32 -3.04
CA PRO A 78 -0.33 9.89 -3.28
C PRO A 78 -1.15 9.04 -4.27
N ASP A 79 -2.47 9.04 -4.08
CA ASP A 79 -3.41 8.18 -4.79
C ASP A 79 -3.58 8.51 -6.29
N HIS A 80 -3.07 9.68 -6.74
CA HIS A 80 -3.27 10.15 -8.13
C HIS A 80 -2.30 9.48 -9.14
N LEU A 81 -1.18 8.91 -8.65
CA LEU A 81 -0.14 8.28 -9.52
C LEU A 81 -0.21 6.74 -9.43
N GLN A 82 0.44 6.05 -10.41
CA GLN A 82 0.38 4.58 -10.52
C GLN A 82 1.51 3.92 -9.72
N LEU A 83 1.23 2.69 -9.24
CA LEU A 83 2.11 1.91 -8.36
C LEU A 83 3.50 1.69 -8.99
N LYS A 84 3.49 1.30 -10.29
CA LYS A 84 4.72 0.96 -11.04
C LYS A 84 5.83 2.00 -10.89
N ASP A 85 5.45 3.30 -10.88
CA ASP A 85 6.40 4.43 -10.91
C ASP A 85 7.40 4.38 -9.73
N ILE A 86 6.93 3.88 -8.58
CA ILE A 86 7.74 3.84 -7.36
C ILE A 86 8.18 2.39 -7.08
N LEU A 87 7.33 1.42 -7.49
CA LEU A 87 7.43 0.02 -7.02
C LEU A 87 8.09 -0.90 -8.06
N ARG A 88 8.69 -0.30 -9.09
CA ARG A 88 9.50 -1.02 -10.10
C ARG A 88 10.92 -1.36 -9.56
N LYS A 89 11.29 -0.72 -8.43
CA LYS A 89 12.62 -0.88 -7.82
C LYS A 89 12.82 -2.32 -7.27
N GLN A 90 12.09 -2.68 -6.21
CA GLN A 90 12.12 -4.05 -5.65
C GLN A 90 11.26 -5.02 -6.51
N ASP A 91 10.20 -4.43 -7.15
CA ASP A 91 9.21 -5.15 -7.99
C ASP A 91 8.29 -6.06 -7.15
N GLU A 92 8.89 -7.11 -6.56
CA GLU A 92 8.19 -8.10 -5.72
C GLU A 92 7.68 -7.49 -4.39
N TYR A 93 8.51 -7.53 -3.32
CA TYR A 93 8.09 -7.14 -1.96
C TYR A 93 8.27 -5.62 -1.77
N HIS A 94 7.35 -4.97 -1.04
CA HIS A 94 7.39 -3.51 -0.78
C HIS A 94 6.82 -3.21 0.60
N MET A 95 7.68 -2.88 1.57
CA MET A 95 7.25 -2.46 2.91
C MET A 95 6.73 -1.01 2.86
N VAL A 96 5.39 -0.91 2.78
CA VAL A 96 4.66 0.37 2.66
C VAL A 96 3.78 0.60 3.90
N HIS A 97 4.05 1.71 4.59
CA HIS A 97 3.42 2.10 5.85
C HIS A 97 2.06 2.79 5.64
N LEU A 98 0.99 2.22 6.22
CA LEU A 98 -0.32 2.90 6.35
C LEU A 98 -0.20 4.03 7.40
N VAL A 99 -0.94 5.13 7.15
CA VAL A 99 -0.95 6.32 8.02
C VAL A 99 -2.42 6.64 8.38
N PRO A 23 2.97 -12.23 -9.01
CA PRO A 23 2.23 -11.09 -8.39
C PRO A 23 3.18 -10.24 -7.51
N VAL A 24 2.71 -9.03 -7.20
CA VAL A 24 3.41 -8.06 -6.34
C VAL A 24 2.97 -8.24 -4.86
N THR A 25 3.95 -8.42 -3.97
CA THR A 25 3.72 -8.53 -2.52
C THR A 25 3.70 -7.10 -1.91
N LEU A 26 2.50 -6.60 -1.61
CA LEU A 26 2.30 -5.25 -1.05
C LEU A 26 2.16 -5.39 0.48
N ILE A 27 3.27 -5.15 1.20
CA ILE A 27 3.36 -5.37 2.66
C ILE A 27 2.85 -4.13 3.41
N ILE A 28 1.58 -4.19 3.83
CA ILE A 28 0.89 -3.13 4.57
C ILE A 28 1.26 -3.18 6.06
N LYS A 29 2.21 -2.31 6.43
CA LYS A 29 2.67 -2.19 7.81
C LYS A 29 1.91 -1.04 8.49
N ALA A 30 1.09 -1.38 9.50
CA ALA A 30 0.33 -0.40 10.29
C ALA A 30 1.30 0.53 11.08
N PRO A 31 0.99 1.86 11.22
CA PRO A 31 1.93 2.85 11.81
C PRO A 31 2.33 2.53 13.28
N ASN A 32 1.35 2.05 14.07
CA ASN A 32 1.57 1.67 15.48
C ASN A 32 2.11 0.22 15.58
N GLN A 33 1.93 -0.55 14.48
CA GLN A 33 2.42 -1.95 14.32
C GLN A 33 1.67 -2.93 15.28
N LYS A 34 0.54 -2.47 15.83
CA LYS A 34 -0.39 -3.32 16.60
C LYS A 34 -1.03 -4.37 15.67
N TYR A 35 -1.21 -3.98 14.40
CA TYR A 35 -1.63 -4.89 13.33
C TYR A 35 -0.39 -5.35 12.57
N SER A 36 -0.30 -6.67 12.32
CA SER A 36 0.86 -7.30 11.68
C SER A 36 0.98 -6.87 10.20
N ASP A 37 2.24 -6.86 9.71
CA ASP A 37 2.58 -6.51 8.32
C ASP A 37 1.92 -7.51 7.33
N GLN A 38 0.93 -7.01 6.58
CA GLN A 38 0.06 -7.85 5.75
C GLN A 38 0.53 -7.89 4.29
N THR A 39 0.76 -9.09 3.77
CA THR A 39 1.25 -9.32 2.40
C THR A 39 0.07 -9.48 1.43
N ILE A 40 -0.30 -8.34 0.81
CA ILE A 40 -1.45 -8.25 -0.11
C ILE A 40 -0.96 -8.48 -1.56
N SER A 41 -1.42 -9.59 -2.18
CA SER A 41 -1.10 -9.93 -3.57
C SER A 41 -1.85 -8.98 -4.53
N CYS A 42 -1.08 -8.12 -5.21
CA CYS A 42 -1.59 -7.06 -6.09
C CYS A 42 -0.68 -6.91 -7.32
N PHE A 43 -0.84 -5.78 -8.06
CA PHE A 43 -0.02 -5.48 -9.24
C PHE A 43 0.58 -4.06 -9.13
N LEU A 44 1.62 -3.81 -9.94
CA LEU A 44 2.18 -2.45 -10.16
C LEU A 44 1.30 -1.65 -11.15
N ASN A 45 0.34 -2.36 -11.77
CA ASN A 45 -0.51 -1.83 -12.86
C ASN A 45 -1.38 -0.64 -12.38
N TRP A 46 -2.07 -0.83 -11.25
CA TRP A 46 -2.99 0.19 -10.72
C TRP A 46 -2.25 1.31 -9.97
N THR A 47 -3.02 2.29 -9.48
CA THR A 47 -2.49 3.42 -8.70
C THR A 47 -2.64 3.13 -7.20
N VAL A 48 -1.94 3.95 -6.38
CA VAL A 48 -2.05 3.95 -4.92
C VAL A 48 -3.53 4.07 -4.46
N GLY A 49 -4.32 4.86 -5.20
CA GLY A 49 -5.75 5.05 -4.93
C GLY A 49 -6.59 3.80 -5.12
N LYS A 50 -6.38 3.12 -6.27
CA LYS A 50 -7.08 1.85 -6.59
C LYS A 50 -6.75 0.78 -5.52
N LEU A 51 -5.49 0.76 -5.09
CA LEU A 51 -5.03 -0.14 -4.04
C LEU A 51 -5.64 0.24 -2.69
N LYS A 52 -5.70 1.54 -2.39
CA LYS A 52 -6.16 2.03 -1.07
C LYS A 52 -7.62 1.58 -0.78
N THR A 53 -8.46 1.62 -1.82
CA THR A 53 -9.84 1.09 -1.78
C THR A 53 -9.83 -0.45 -1.57
N HIS A 54 -8.99 -1.13 -2.38
CA HIS A 54 -8.79 -2.59 -2.32
C HIS A 54 -8.33 -3.03 -0.91
N LEU A 55 -7.50 -2.19 -0.27
CA LEU A 55 -6.92 -2.46 1.05
C LEU A 55 -7.99 -2.33 2.14
N SER A 56 -8.88 -1.34 1.99
CA SER A 56 -10.03 -1.15 2.92
C SER A 56 -10.97 -2.37 2.87
N ASN A 57 -11.02 -3.03 1.69
CA ASN A 57 -11.86 -4.22 1.46
C ASN A 57 -11.21 -5.51 2.02
N VAL A 58 -9.87 -5.64 1.86
CA VAL A 58 -9.16 -6.92 2.19
C VAL A 58 -8.48 -6.92 3.58
N TYR A 59 -8.20 -5.73 4.14
CA TYR A 59 -7.47 -5.58 5.42
C TYR A 59 -8.49 -5.67 6.59
N PRO A 60 -8.24 -6.51 7.64
CA PRO A 60 -9.25 -6.82 8.70
C PRO A 60 -9.63 -5.61 9.57
N SER A 61 -8.69 -4.66 9.70
CA SER A 61 -8.90 -3.42 10.47
C SER A 61 -9.89 -2.49 9.74
N LYS A 62 -9.97 -2.62 8.39
CA LYS A 62 -10.86 -1.83 7.52
C LYS A 62 -10.61 -0.31 7.69
N PRO A 63 -9.46 0.22 7.14
CA PRO A 63 -9.07 1.64 7.29
C PRO A 63 -9.85 2.57 6.32
N LEU A 64 -10.25 3.77 6.81
CA LEU A 64 -11.02 4.75 6.01
C LEU A 64 -10.14 5.37 4.91
N THR A 65 -10.48 5.08 3.64
CA THR A 65 -9.73 5.53 2.45
C THR A 65 -9.55 7.07 2.39
N LYS A 66 -10.49 7.81 2.99
CA LYS A 66 -10.47 9.29 2.97
C LYS A 66 -9.40 9.87 3.94
N ASP A 67 -8.96 9.07 4.93
CA ASP A 67 -7.88 9.46 5.87
C ASP A 67 -6.53 8.94 5.39
N GLN A 68 -6.52 7.63 5.10
CA GLN A 68 -5.29 6.83 4.96
C GLN A 68 -4.46 7.21 3.73
N ARG A 69 -3.13 7.27 3.92
CA ARG A 69 -2.14 7.38 2.83
C ARG A 69 -1.13 6.24 2.97
N LEU A 70 -0.37 5.99 1.90
CA LEU A 70 0.72 5.01 1.87
C LEU A 70 2.07 5.76 1.79
N VAL A 71 3.13 5.17 2.37
CA VAL A 71 4.50 5.77 2.39
C VAL A 71 5.53 4.68 2.07
N TYR A 72 6.51 5.00 1.21
CA TYR A 72 7.57 4.06 0.81
C TYR A 72 8.93 4.76 0.89
N SER A 73 9.86 4.17 1.68
CA SER A 73 11.28 4.63 1.86
C SER A 73 11.41 6.12 2.25
N GLY A 74 10.30 6.71 2.77
CA GLY A 74 10.29 8.11 3.23
C GLY A 74 9.37 9.02 2.43
N ARG A 75 9.07 8.65 1.16
CA ARG A 75 8.21 9.47 0.29
C ARG A 75 6.74 9.14 0.53
N LEU A 76 5.88 10.15 0.43
CA LEU A 76 4.43 9.96 0.45
C LEU A 76 4.00 9.43 -0.94
N LEU A 77 3.17 8.37 -0.94
CA LEU A 77 2.59 7.79 -2.15
C LEU A 77 1.16 8.35 -2.34
N PRO A 78 0.96 9.42 -3.20
CA PRO A 78 -0.38 9.97 -3.48
C PRO A 78 -1.18 9.06 -4.44
N ASP A 79 -2.50 9.08 -4.27
CA ASP A 79 -3.45 8.17 -4.95
C ASP A 79 -3.40 8.23 -6.49
N HIS A 80 -2.90 9.34 -7.06
CA HIS A 80 -2.98 9.58 -8.52
C HIS A 80 -1.95 8.76 -9.34
N LEU A 81 -0.73 8.55 -8.80
CA LEU A 81 0.36 7.89 -9.55
C LEU A 81 0.30 6.36 -9.37
N GLN A 82 0.80 5.65 -10.41
CA GLN A 82 0.78 4.17 -10.46
C GLN A 82 1.91 3.61 -9.59
N LEU A 83 1.67 2.42 -9.00
CA LEU A 83 2.64 1.77 -8.09
C LEU A 83 3.99 1.52 -8.78
N LYS A 84 3.95 1.21 -10.09
CA LYS A 84 5.16 0.91 -10.90
C LYS A 84 6.25 1.99 -10.72
N ASP A 85 5.82 3.27 -10.64
CA ASP A 85 6.71 4.44 -10.54
C ASP A 85 7.73 4.30 -9.39
N ILE A 86 7.23 3.79 -8.26
CA ILE A 86 8.00 3.69 -7.01
C ILE A 86 8.46 2.25 -6.76
N LEU A 87 7.68 1.27 -7.29
CA LEU A 87 7.74 -0.12 -6.82
C LEU A 87 8.26 -1.09 -7.90
N ARG A 88 8.85 -0.51 -8.95
CA ARG A 88 9.54 -1.27 -10.03
C ARG A 88 10.91 -1.79 -9.56
N LYS A 89 11.51 -1.07 -8.57
CA LYS A 89 12.87 -1.33 -8.07
C LYS A 89 12.99 -2.72 -7.41
N GLN A 90 12.13 -3.01 -6.42
CA GLN A 90 12.08 -4.32 -5.76
C GLN A 90 11.23 -5.29 -6.59
N ASP A 91 10.21 -4.74 -7.29
CA ASP A 91 9.25 -5.47 -8.16
C ASP A 91 8.26 -6.32 -7.32
N GLU A 92 8.80 -7.32 -6.60
CA GLU A 92 8.02 -8.26 -5.77
C GLU A 92 7.52 -7.61 -4.44
N TYR A 93 8.31 -7.72 -3.34
CA TYR A 93 7.85 -7.32 -1.99
C TYR A 93 8.21 -5.85 -1.67
N HIS A 94 7.27 -5.12 -1.03
CA HIS A 94 7.41 -3.67 -0.73
C HIS A 94 6.85 -3.37 0.66
N MET A 95 7.73 -3.03 1.62
CA MET A 95 7.29 -2.62 2.97
C MET A 95 6.77 -1.17 2.90
N VAL A 96 5.45 -1.06 2.76
CA VAL A 96 4.75 0.22 2.63
C VAL A 96 4.00 0.52 3.92
N HIS A 97 4.32 1.67 4.51
CA HIS A 97 3.81 2.11 5.80
C HIS A 97 2.50 2.89 5.62
N LEU A 98 1.47 2.46 6.33
CA LEU A 98 0.15 3.08 6.33
C LEU A 98 0.15 4.29 7.28
N VAL A 99 -0.51 5.38 6.88
CA VAL A 99 -0.71 6.57 7.73
C VAL A 99 -2.19 6.67 8.09
N PRO A 23 2.29 -11.59 -9.77
CA PRO A 23 1.80 -10.45 -8.97
C PRO A 23 2.94 -9.87 -8.11
N VAL A 24 2.62 -8.82 -7.34
CA VAL A 24 3.56 -8.14 -6.42
C VAL A 24 3.06 -8.26 -4.97
N THR A 25 3.98 -8.61 -4.07
CA THR A 25 3.74 -8.65 -2.62
C THR A 25 3.85 -7.22 -2.03
N LEU A 26 2.71 -6.66 -1.62
CA LEU A 26 2.64 -5.33 -1.00
C LEU A 26 2.49 -5.52 0.51
N ILE A 27 3.62 -5.40 1.21
CA ILE A 27 3.69 -5.61 2.66
C ILE A 27 3.26 -4.33 3.39
N ILE A 28 1.98 -4.28 3.76
CA ILE A 28 1.39 -3.15 4.47
C ILE A 28 1.73 -3.23 5.98
N LYS A 29 2.51 -2.25 6.45
CA LYS A 29 2.88 -2.12 7.86
C LYS A 29 2.16 -0.90 8.45
N ALA A 30 1.13 -1.15 9.27
CA ALA A 30 0.25 -0.10 9.82
C ALA A 30 0.99 0.79 10.84
N PRO A 31 0.49 2.06 11.11
CA PRO A 31 1.09 2.96 12.12
C PRO A 31 0.70 2.54 13.55
N ASN A 32 -0.24 1.57 13.63
CA ASN A 32 -0.71 0.98 14.88
C ASN A 32 0.36 0.07 15.51
N GLN A 33 1.20 -0.54 14.63
CA GLN A 33 2.33 -1.46 14.98
C GLN A 33 1.84 -2.89 15.35
N LYS A 34 0.75 -2.97 16.15
CA LYS A 34 0.07 -4.23 16.47
C LYS A 34 -0.43 -4.89 15.17
N TYR A 35 -0.98 -4.06 14.26
CA TYR A 35 -1.17 -4.44 12.86
C TYR A 35 0.21 -4.38 12.17
N SER A 36 0.94 -5.50 12.24
CA SER A 36 2.33 -5.64 11.75
C SER A 36 2.36 -5.78 10.20
N ASP A 37 3.45 -6.38 9.68
CA ASP A 37 3.60 -6.72 8.25
C ASP A 37 2.42 -7.58 7.75
N GLN A 38 1.72 -7.12 6.71
CA GLN A 38 0.61 -7.86 6.08
C GLN A 38 0.85 -7.95 4.58
N THR A 39 1.19 -9.17 4.12
CA THR A 39 1.46 -9.45 2.71
C THR A 39 0.15 -9.47 1.91
N ILE A 40 -0.18 -8.32 1.31
CA ILE A 40 -1.33 -8.13 0.42
C ILE A 40 -0.87 -8.32 -1.04
N SER A 41 -1.45 -9.31 -1.74
CA SER A 41 -1.18 -9.51 -3.18
C SER A 41 -1.76 -8.32 -3.95
N CYS A 42 -0.94 -7.72 -4.83
CA CYS A 42 -1.27 -6.47 -5.52
C CYS A 42 -0.76 -6.51 -6.97
N PHE A 43 -1.14 -5.47 -7.73
CA PHE A 43 -0.61 -5.21 -9.07
C PHE A 43 -0.22 -3.73 -9.16
N LEU A 44 0.98 -3.49 -9.72
CA LEU A 44 1.53 -2.14 -9.93
C LEU A 44 0.81 -1.43 -11.10
N ASN A 45 0.03 -2.24 -11.89
CA ASN A 45 -0.85 -1.75 -12.96
C ASN A 45 -1.82 -0.67 -12.44
N TRP A 46 -2.46 -0.95 -11.29
CA TRP A 46 -3.41 -0.02 -10.66
C TRP A 46 -2.67 1.10 -9.93
N THR A 47 -3.42 2.14 -9.54
CA THR A 47 -2.88 3.26 -8.76
C THR A 47 -2.75 2.88 -7.29
N VAL A 48 -2.04 3.74 -6.54
CA VAL A 48 -1.99 3.70 -5.08
C VAL A 48 -3.43 3.72 -4.52
N GLY A 49 -4.30 4.56 -5.15
CA GLY A 49 -5.71 4.72 -4.79
C GLY A 49 -6.59 3.49 -5.06
N LYS A 50 -6.41 2.83 -6.23
CA LYS A 50 -7.22 1.63 -6.60
C LYS A 50 -6.88 0.46 -5.66
N LEU A 51 -5.60 0.32 -5.32
CA LEU A 51 -5.12 -0.70 -4.38
C LEU A 51 -5.59 -0.33 -2.96
N LYS A 52 -5.60 0.97 -2.66
CA LYS A 52 -6.04 1.51 -1.35
C LYS A 52 -7.55 1.27 -1.13
N THR A 53 -8.32 1.26 -2.23
CA THR A 53 -9.75 0.93 -2.22
C THR A 53 -9.92 -0.59 -1.99
N HIS A 54 -9.07 -1.37 -2.67
CA HIS A 54 -8.97 -2.83 -2.48
C HIS A 54 -8.66 -3.15 -1.00
N LEU A 55 -7.78 -2.33 -0.38
CA LEU A 55 -7.41 -2.45 1.05
C LEU A 55 -8.62 -2.05 1.93
N SER A 56 -9.38 -1.05 1.51
CA SER A 56 -10.57 -0.59 2.25
C SER A 56 -11.65 -1.71 2.34
N ASN A 57 -11.56 -2.71 1.42
CA ASN A 57 -12.44 -3.91 1.45
C ASN A 57 -11.76 -5.13 2.14
N VAL A 58 -10.46 -5.38 1.87
CA VAL A 58 -9.80 -6.67 2.24
C VAL A 58 -8.98 -6.58 3.55
N TYR A 59 -8.54 -5.37 3.92
CA TYR A 59 -7.67 -5.15 5.10
C TYR A 59 -8.52 -5.32 6.39
N PRO A 60 -7.99 -6.07 7.42
CA PRO A 60 -8.66 -6.28 8.75
C PRO A 60 -9.45 -5.07 9.29
N SER A 61 -8.80 -3.90 9.34
CA SER A 61 -9.37 -2.67 9.93
C SER A 61 -10.46 -2.05 9.01
N LYS A 62 -10.30 -2.22 7.68
CA LYS A 62 -11.15 -1.58 6.63
C LYS A 62 -11.24 -0.04 6.84
N PRO A 63 -10.14 0.71 6.58
CA PRO A 63 -10.08 2.17 6.82
C PRO A 63 -10.49 3.02 5.57
N LEU A 64 -10.58 4.35 5.76
CA LEU A 64 -11.05 5.30 4.71
C LEU A 64 -9.93 5.58 3.68
N THR A 65 -10.24 5.40 2.39
CA THR A 65 -9.27 5.61 1.28
C THR A 65 -8.70 7.05 1.29
N LYS A 66 -9.60 8.03 1.40
CA LYS A 66 -9.27 9.47 1.39
C LYS A 66 -8.37 9.87 2.59
N ASP A 67 -8.43 9.10 3.69
CA ASP A 67 -7.76 9.42 4.95
C ASP A 67 -6.39 8.75 5.01
N GLN A 68 -6.35 7.51 4.48
CA GLN A 68 -5.18 6.64 4.58
C GLN A 68 -4.18 6.97 3.48
N ARG A 69 -2.91 7.13 3.88
CA ARG A 69 -1.81 7.40 2.97
C ARG A 69 -0.82 6.24 3.03
N LEU A 70 0.05 6.13 2.02
CA LEU A 70 1.06 5.08 1.93
C LEU A 70 2.43 5.74 1.78
N VAL A 71 3.30 5.57 2.78
CA VAL A 71 4.67 6.12 2.80
C VAL A 71 5.67 4.99 2.60
N TYR A 72 6.49 5.09 1.54
CA TYR A 72 7.44 4.06 1.14
C TYR A 72 8.81 4.72 0.96
N SER A 73 9.84 4.13 1.61
CA SER A 73 11.25 4.58 1.48
C SER A 73 11.41 6.04 2.01
N GLY A 74 10.51 6.44 2.93
CA GLY A 74 10.54 7.77 3.54
C GLY A 74 9.86 8.87 2.71
N ARG A 75 9.06 8.48 1.70
CA ARG A 75 8.34 9.44 0.83
C ARG A 75 6.87 9.04 0.69
N LEU A 76 6.01 10.03 0.40
CA LEU A 76 4.57 9.80 0.25
C LEU A 76 4.25 9.25 -1.16
N LEU A 77 3.33 8.26 -1.20
CA LEU A 77 2.76 7.71 -2.43
C LEU A 77 1.32 8.22 -2.52
N PRO A 78 1.05 9.30 -3.33
CA PRO A 78 -0.33 9.82 -3.51
C PRO A 78 -1.17 8.88 -4.39
N ASP A 79 -2.48 8.84 -4.09
CA ASP A 79 -3.46 7.93 -4.69
C ASP A 79 -3.68 8.17 -6.20
N HIS A 80 -3.26 9.35 -6.71
CA HIS A 80 -3.48 9.74 -8.13
C HIS A 80 -2.54 9.00 -9.12
N LEU A 81 -1.35 8.55 -8.66
CA LEU A 81 -0.36 7.88 -9.54
C LEU A 81 -0.31 6.36 -9.31
N GLN A 82 0.28 5.64 -10.28
CA GLN A 82 0.37 4.18 -10.26
C GLN A 82 1.55 3.70 -9.41
N LEU A 83 1.33 2.59 -8.66
CA LEU A 83 2.31 1.98 -7.74
C LEU A 83 3.68 1.74 -8.40
N LYS A 84 3.63 1.28 -9.67
CA LYS A 84 4.81 0.95 -10.50
C LYS A 84 5.93 2.02 -10.42
N ASP A 85 5.51 3.30 -10.55
CA ASP A 85 6.42 4.48 -10.58
C ASP A 85 7.50 4.44 -9.47
N ILE A 86 7.08 4.03 -8.25
CA ILE A 86 7.96 4.02 -7.07
C ILE A 86 8.41 2.58 -6.74
N LEU A 87 7.57 1.59 -7.10
CA LEU A 87 7.76 0.17 -6.70
C LEU A 87 8.44 -0.64 -7.83
N ARG A 88 8.98 0.08 -8.81
CA ARG A 88 9.73 -0.48 -9.96
C ARG A 88 11.09 -1.10 -9.53
N LYS A 89 11.64 -0.61 -8.39
CA LYS A 89 13.00 -0.93 -7.94
C LYS A 89 13.23 -2.45 -7.73
N GLN A 90 12.61 -3.04 -6.69
CA GLN A 90 12.76 -4.50 -6.41
C GLN A 90 11.68 -5.32 -7.16
N ASP A 91 10.57 -4.63 -7.53
CA ASP A 91 9.38 -5.23 -8.20
C ASP A 91 8.60 -6.18 -7.25
N GLU A 92 9.22 -7.33 -6.91
CA GLU A 92 8.63 -8.44 -6.13
C GLU A 92 7.86 -8.00 -4.85
N TYR A 93 8.60 -7.51 -3.83
CA TYR A 93 8.04 -7.24 -2.49
C TYR A 93 8.38 -5.82 -2.06
N HIS A 94 7.42 -5.14 -1.38
CA HIS A 94 7.55 -3.74 -0.97
C HIS A 94 6.88 -3.50 0.38
N MET A 95 7.69 -3.27 1.44
CA MET A 95 7.19 -2.88 2.76
C MET A 95 6.85 -1.38 2.76
N VAL A 96 5.54 -1.10 2.63
CA VAL A 96 5.01 0.28 2.61
C VAL A 96 4.24 0.54 3.91
N HIS A 97 4.53 1.69 4.53
CA HIS A 97 3.87 2.13 5.77
C HIS A 97 2.49 2.69 5.47
N LEU A 98 1.47 2.18 6.17
CA LEU A 98 0.14 2.75 6.16
C LEU A 98 0.12 3.98 7.11
N VAL A 99 -0.70 4.97 6.77
CA VAL A 99 -0.90 6.18 7.59
C VAL A 99 -2.40 6.28 7.92
N PRO A 23 1.93 -11.23 -9.99
CA PRO A 23 1.44 -10.32 -8.91
C PRO A 23 2.63 -9.77 -8.12
N VAL A 24 2.34 -8.90 -7.14
CA VAL A 24 3.34 -8.23 -6.31
C VAL A 24 2.99 -8.34 -4.82
N THR A 25 4.02 -8.56 -3.99
CA THR A 25 3.90 -8.65 -2.52
C THR A 25 3.95 -7.23 -1.90
N LEU A 26 2.77 -6.71 -1.53
CA LEU A 26 2.66 -5.38 -0.90
C LEU A 26 2.62 -5.57 0.63
N ILE A 27 3.77 -5.38 1.25
CA ILE A 27 3.94 -5.56 2.69
C ILE A 27 3.45 -4.30 3.43
N ILE A 28 2.17 -4.35 3.86
CA ILE A 28 1.51 -3.24 4.58
C ILE A 28 1.88 -3.30 6.07
N LYS A 29 2.53 -2.23 6.55
CA LYS A 29 3.05 -2.14 7.91
C LYS A 29 2.37 -0.98 8.63
N ALA A 30 1.38 -1.30 9.47
CA ALA A 30 0.68 -0.31 10.29
C ALA A 30 1.63 0.18 11.43
N PRO A 31 1.91 1.53 11.54
CA PRO A 31 3.00 2.07 12.38
C PRO A 31 2.87 1.72 13.88
N ASN A 32 1.67 1.90 14.43
CA ASN A 32 1.39 1.67 15.87
C ASN A 32 0.51 0.40 16.07
N GLN A 33 -0.15 -0.04 14.99
CA GLN A 33 -1.13 -1.14 15.04
C GLN A 33 -0.47 -2.51 14.72
N LYS A 34 -1.02 -3.58 15.33
CA LYS A 34 -0.49 -4.95 15.27
C LYS A 34 -0.53 -5.57 13.85
N TYR A 35 -1.31 -4.96 12.93
CA TYR A 35 -1.41 -5.43 11.53
C TYR A 35 -0.27 -4.86 10.69
N SER A 36 0.95 -5.22 11.08
CA SER A 36 2.18 -4.85 10.40
C SER A 36 2.65 -6.02 9.52
N ASP A 37 3.55 -5.70 8.56
CA ASP A 37 4.15 -6.66 7.60
C ASP A 37 3.15 -7.58 6.86
N GLN A 38 1.88 -7.13 6.77
CA GLN A 38 0.79 -7.86 6.10
C GLN A 38 1.02 -7.92 4.58
N THR A 39 1.35 -9.11 4.07
CA THR A 39 1.62 -9.34 2.65
C THR A 39 0.30 -9.43 1.86
N ILE A 40 -0.02 -8.35 1.13
CA ILE A 40 -1.23 -8.24 0.29
C ILE A 40 -0.86 -8.52 -1.18
N SER A 41 -1.53 -9.52 -1.79
CA SER A 41 -1.37 -9.83 -3.22
C SER A 41 -1.98 -8.69 -4.07
N CYS A 42 -1.11 -7.83 -4.60
CA CYS A 42 -1.49 -6.60 -5.31
C CYS A 42 -0.98 -6.62 -6.75
N PHE A 43 -1.37 -5.60 -7.51
CA PHE A 43 -0.80 -5.30 -8.84
C PHE A 43 -0.38 -3.82 -8.86
N LEU A 44 0.77 -3.57 -9.50
CA LEU A 44 1.34 -2.22 -9.66
C LEU A 44 0.69 -1.49 -10.86
N ASN A 45 -0.15 -2.24 -11.60
CA ASN A 45 -0.84 -1.77 -12.82
C ASN A 45 -1.74 -0.55 -12.51
N TRP A 46 -2.48 -0.65 -11.40
CA TRP A 46 -3.42 0.39 -10.96
C TRP A 46 -2.69 1.49 -10.20
N THR A 47 -3.44 2.53 -9.81
CA THR A 47 -2.91 3.63 -9.03
C THR A 47 -2.91 3.29 -7.53
N VAL A 48 -2.20 4.13 -6.74
CA VAL A 48 -2.11 3.97 -5.28
C VAL A 48 -3.52 4.00 -4.65
N GLY A 49 -4.38 4.88 -5.18
CA GLY A 49 -5.74 5.09 -4.67
C GLY A 49 -6.66 3.89 -4.91
N LYS A 50 -6.62 3.34 -6.13
CA LYS A 50 -7.46 2.18 -6.53
C LYS A 50 -7.09 0.94 -5.72
N LEU A 51 -5.77 0.75 -5.49
CA LEU A 51 -5.27 -0.37 -4.68
C LEU A 51 -5.59 -0.14 -3.20
N LYS A 52 -5.52 1.13 -2.77
CA LYS A 52 -5.85 1.53 -1.40
C LYS A 52 -7.37 1.36 -1.10
N THR A 53 -8.21 1.47 -2.15
CA THR A 53 -9.64 1.16 -2.06
C THR A 53 -9.82 -0.36 -1.94
N HIS A 54 -9.03 -1.10 -2.73
CA HIS A 54 -8.92 -2.58 -2.64
C HIS A 54 -8.50 -3.01 -1.22
N LEU A 55 -7.57 -2.24 -0.60
CA LEU A 55 -7.14 -2.45 0.80
C LEU A 55 -8.32 -2.16 1.74
N SER A 56 -9.07 -1.11 1.45
CA SER A 56 -10.26 -0.71 2.24
C SER A 56 -11.36 -1.82 2.24
N ASN A 57 -11.28 -2.75 1.26
CA ASN A 57 -12.15 -3.94 1.21
C ASN A 57 -11.49 -5.19 1.86
N VAL A 58 -10.19 -5.44 1.56
CA VAL A 58 -9.53 -6.75 1.88
C VAL A 58 -8.79 -6.75 3.24
N TYR A 59 -8.55 -5.56 3.81
CA TYR A 59 -7.77 -5.40 5.05
C TYR A 59 -8.71 -5.61 6.27
N PRO A 60 -8.25 -6.33 7.35
CA PRO A 60 -9.10 -6.69 8.54
C PRO A 60 -9.80 -5.47 9.19
N SER A 61 -9.09 -4.33 9.24
CA SER A 61 -9.58 -3.10 9.86
C SER A 61 -10.45 -2.27 8.88
N LYS A 62 -10.18 -2.44 7.56
CA LYS A 62 -10.77 -1.63 6.47
C LYS A 62 -10.44 -0.12 6.67
N PRO A 63 -9.25 0.35 6.19
CA PRO A 63 -8.82 1.75 6.37
C PRO A 63 -9.59 2.74 5.47
N LEU A 64 -9.82 3.98 5.98
CA LEU A 64 -10.46 5.06 5.22
C LEU A 64 -9.56 5.47 4.04
N THR A 65 -9.96 5.14 2.81
CA THR A 65 -9.17 5.38 1.59
C THR A 65 -8.80 6.89 1.44
N LYS A 66 -9.75 7.75 1.82
CA LYS A 66 -9.61 9.22 1.72
C LYS A 66 -8.63 9.81 2.76
N ASP A 67 -8.49 9.12 3.91
CA ASP A 67 -7.73 9.65 5.08
C ASP A 67 -6.34 9.00 5.18
N GLN A 68 -6.26 7.74 4.78
CA GLN A 68 -5.04 6.93 4.90
C GLN A 68 -4.16 7.16 3.67
N ARG A 69 -2.83 7.20 3.90
CA ARG A 69 -1.83 7.34 2.84
C ARG A 69 -0.82 6.18 2.94
N LEU A 70 -0.12 5.95 1.82
CA LEU A 70 0.96 4.95 1.72
C LEU A 70 2.31 5.70 1.78
N VAL A 71 3.08 5.51 2.86
CA VAL A 71 4.44 6.09 3.00
C VAL A 71 5.48 4.97 2.84
N TYR A 72 6.21 5.02 1.72
CA TYR A 72 7.16 3.96 1.34
C TYR A 72 8.58 4.53 1.37
N SER A 73 9.47 3.91 2.18
CA SER A 73 10.90 4.29 2.27
C SER A 73 11.09 5.76 2.78
N GLY A 74 10.02 6.34 3.36
CA GLY A 74 10.05 7.73 3.85
C GLY A 74 9.35 8.73 2.93
N ARG A 75 9.03 8.33 1.69
CA ARG A 75 8.31 9.19 0.72
C ARG A 75 6.80 8.96 0.81
N LEU A 76 6.03 9.88 0.22
CA LEU A 76 4.56 9.81 0.18
C LEU A 76 4.13 9.31 -1.22
N LEU A 77 3.29 8.26 -1.25
CA LEU A 77 2.69 7.71 -2.49
C LEU A 77 1.24 8.23 -2.57
N PRO A 78 0.96 9.31 -3.36
CA PRO A 78 -0.42 9.83 -3.53
C PRO A 78 -1.27 8.98 -4.50
N ASP A 79 -2.58 9.07 -4.32
CA ASP A 79 -3.58 8.19 -4.96
C ASP A 79 -3.56 8.24 -6.50
N HIS A 80 -3.17 9.39 -7.05
CA HIS A 80 -3.36 9.70 -8.48
C HIS A 80 -2.32 9.03 -9.41
N LEU A 81 -1.12 8.70 -8.89
CA LEU A 81 -0.06 8.04 -9.70
C LEU A 81 -0.06 6.52 -9.48
N GLN A 82 0.57 5.79 -10.42
CA GLN A 82 0.60 4.32 -10.41
C GLN A 82 1.64 3.81 -9.41
N LEU A 83 1.35 2.66 -8.77
CA LEU A 83 2.26 2.02 -7.80
C LEU A 83 3.62 1.69 -8.44
N LYS A 84 3.58 1.16 -9.69
CA LYS A 84 4.77 0.73 -10.46
C LYS A 84 5.86 1.81 -10.51
N ASP A 85 5.41 3.08 -10.56
CA ASP A 85 6.27 4.26 -10.83
C ASP A 85 7.37 4.41 -9.75
N ILE A 86 7.05 3.89 -8.55
CA ILE A 86 7.96 3.84 -7.39
C ILE A 86 8.42 2.38 -7.16
N LEU A 87 7.49 1.43 -7.38
CA LEU A 87 7.63 0.05 -6.90
C LEU A 87 8.20 -0.90 -7.97
N ARG A 88 8.73 -0.32 -9.05
CA ARG A 88 9.39 -1.08 -10.13
C ARG A 88 10.77 -1.60 -9.67
N LYS A 89 11.40 -0.85 -8.74
CA LYS A 89 12.79 -1.07 -8.28
C LYS A 89 13.01 -2.51 -7.75
N GLN A 90 12.31 -2.87 -6.67
CA GLN A 90 12.37 -4.23 -6.08
C GLN A 90 11.42 -5.16 -6.86
N ASP A 91 10.35 -4.55 -7.42
CA ASP A 91 9.27 -5.23 -8.18
C ASP A 91 8.36 -6.08 -7.26
N GLU A 92 8.93 -7.14 -6.65
CA GLU A 92 8.19 -8.12 -5.86
C GLU A 92 7.74 -7.56 -4.47
N TYR A 93 8.67 -7.49 -3.50
CA TYR A 93 8.35 -7.14 -2.10
C TYR A 93 8.48 -5.64 -1.85
N HIS A 94 7.49 -5.02 -1.17
CA HIS A 94 7.48 -3.56 -0.89
C HIS A 94 6.91 -3.30 0.50
N MET A 95 7.80 -3.01 1.47
CA MET A 95 7.41 -2.64 2.83
C MET A 95 6.95 -1.17 2.87
N VAL A 96 5.63 -1.00 2.79
CA VAL A 96 4.96 0.32 2.82
C VAL A 96 4.26 0.50 4.18
N HIS A 97 4.24 1.74 4.70
CA HIS A 97 3.56 2.08 5.96
C HIS A 97 2.18 2.66 5.67
N LEU A 98 1.15 2.09 6.32
CA LEU A 98 -0.25 2.57 6.21
C LEU A 98 -0.51 3.61 7.32
N VAL A 99 -0.34 4.88 6.99
CA VAL A 99 -0.43 6.00 7.95
C VAL A 99 -1.87 6.58 8.02
N PRO A 23 3.75 -11.58 -9.10
CA PRO A 23 2.72 -10.60 -8.64
C PRO A 23 3.42 -9.43 -7.93
N VAL A 24 2.68 -8.72 -7.06
CA VAL A 24 3.25 -7.70 -6.15
C VAL A 24 2.84 -7.98 -4.71
N THR A 25 3.78 -8.50 -3.91
CA THR A 25 3.63 -8.61 -2.46
C THR A 25 3.77 -7.21 -1.86
N LEU A 26 2.62 -6.54 -1.65
CA LEU A 26 2.61 -5.17 -1.11
C LEU A 26 2.44 -5.27 0.40
N ILE A 27 3.57 -5.20 1.09
CA ILE A 27 3.65 -5.45 2.54
C ILE A 27 3.20 -4.19 3.30
N ILE A 28 1.91 -4.13 3.60
CA ILE A 28 1.25 -3.02 4.29
C ILE A 28 1.41 -3.19 5.81
N LYS A 29 2.36 -2.43 6.35
CA LYS A 29 2.72 -2.45 7.77
C LYS A 29 1.86 -1.42 8.51
N ALA A 30 1.13 -1.88 9.54
CA ALA A 30 0.17 -1.05 10.29
C ALA A 30 0.88 0.15 10.97
N PRO A 31 0.22 1.38 11.03
CA PRO A 31 0.84 2.64 11.54
C PRO A 31 1.47 2.51 12.95
N ASN A 32 0.66 2.03 13.90
CA ASN A 32 1.09 1.81 15.30
C ASN A 32 1.61 0.37 15.49
N GLN A 33 1.60 -0.40 14.36
CA GLN A 33 2.05 -1.81 14.31
C GLN A 33 1.13 -2.73 15.16
N LYS A 34 -0.16 -2.32 15.24
CA LYS A 34 -1.23 -3.08 15.94
C LYS A 34 -1.46 -4.43 15.25
N TYR A 35 -1.61 -4.37 13.93
CA TYR A 35 -1.69 -5.53 13.04
C TYR A 35 -0.28 -5.83 12.51
N SER A 36 -0.09 -7.03 11.96
CA SER A 36 1.19 -7.44 11.36
C SER A 36 1.40 -6.78 9.99
N ASP A 37 2.52 -7.12 9.36
CA ASP A 37 2.88 -6.67 8.01
C ASP A 37 2.04 -7.47 6.98
N GLN A 38 0.89 -6.87 6.59
CA GLN A 38 -0.10 -7.51 5.70
C GLN A 38 0.44 -7.60 4.27
N THR A 39 0.80 -8.82 3.83
CA THR A 39 1.32 -9.06 2.48
C THR A 39 0.14 -9.14 1.49
N ILE A 40 -0.16 -7.99 0.88
CA ILE A 40 -1.30 -7.80 -0.02
C ILE A 40 -0.87 -8.09 -1.47
N SER A 41 -1.23 -9.30 -1.98
CA SER A 41 -0.92 -9.73 -3.35
C SER A 41 -1.74 -8.90 -4.37
N CYS A 42 -1.03 -8.16 -5.23
CA CYS A 42 -1.60 -7.15 -6.13
C CYS A 42 -0.74 -7.01 -7.40
N PHE A 43 -0.94 -5.91 -8.15
CA PHE A 43 -0.12 -5.55 -9.32
C PHE A 43 0.27 -4.05 -9.25
N LEU A 44 1.45 -3.73 -9.82
CA LEU A 44 1.96 -2.35 -9.98
C LEU A 44 1.18 -1.59 -11.06
N ASN A 45 0.43 -2.36 -11.88
CA ASN A 45 -0.28 -1.84 -13.05
C ASN A 45 -1.39 -0.82 -12.69
N TRP A 46 -1.93 -0.93 -11.46
CA TRP A 46 -2.99 -0.02 -10.97
C TRP A 46 -2.37 1.13 -10.16
N THR A 47 -3.21 2.13 -9.85
CA THR A 47 -2.81 3.28 -9.03
C THR A 47 -2.78 2.93 -7.54
N VAL A 48 -2.17 3.84 -6.76
CA VAL A 48 -2.20 3.79 -5.29
C VAL A 48 -3.67 3.93 -4.80
N GLY A 49 -4.50 4.65 -5.58
CA GLY A 49 -5.93 4.81 -5.28
C GLY A 49 -6.74 3.53 -5.41
N LYS A 50 -6.54 2.80 -6.53
CA LYS A 50 -7.18 1.49 -6.76
C LYS A 50 -6.73 0.47 -5.70
N LEU A 51 -5.45 0.57 -5.31
CA LEU A 51 -4.86 -0.29 -4.28
C LEU A 51 -5.41 0.10 -2.89
N LYS A 52 -5.58 1.40 -2.65
CA LYS A 52 -6.01 1.95 -1.33
C LYS A 52 -7.46 1.52 -1.01
N THR A 53 -8.29 1.51 -2.07
CA THR A 53 -9.66 1.00 -2.02
C THR A 53 -9.65 -0.51 -1.70
N HIS A 54 -8.75 -1.25 -2.39
CA HIS A 54 -8.54 -2.70 -2.16
C HIS A 54 -8.14 -2.96 -0.70
N LEU A 55 -7.31 -2.05 -0.13
CA LEU A 55 -6.84 -2.13 1.26
C LEU A 55 -8.01 -1.96 2.24
N SER A 56 -8.89 -0.96 1.97
CA SER A 56 -10.08 -0.69 2.80
C SER A 56 -10.97 -1.94 2.93
N ASN A 57 -11.08 -2.71 1.83
CA ASN A 57 -11.96 -3.90 1.77
C ASN A 57 -11.29 -5.17 2.35
N VAL A 58 -9.95 -5.31 2.22
CA VAL A 58 -9.23 -6.54 2.66
C VAL A 58 -8.67 -6.41 4.09
N TYR A 59 -8.55 -5.19 4.59
CA TYR A 59 -7.99 -4.90 5.93
C TYR A 59 -9.13 -5.03 6.95
N PRO A 60 -8.97 -5.82 8.06
CA PRO A 60 -10.09 -6.14 9.00
C PRO A 60 -10.61 -4.91 9.80
N SER A 61 -9.72 -3.95 10.07
CA SER A 61 -10.07 -2.66 10.72
C SER A 61 -10.85 -1.75 9.76
N LYS A 62 -10.61 -1.95 8.45
CA LYS A 62 -11.17 -1.14 7.36
C LYS A 62 -10.89 0.36 7.54
N PRO A 63 -9.65 0.84 7.18
CA PRO A 63 -9.31 2.27 7.20
C PRO A 63 -9.94 3.01 6.01
N LEU A 64 -10.57 4.16 6.28
CA LEU A 64 -11.25 4.97 5.25
C LEU A 64 -10.21 5.59 4.30
N THR A 65 -10.47 5.51 2.99
CA THR A 65 -9.57 5.97 1.92
C THR A 65 -9.23 7.48 2.04
N LYS A 66 -10.16 8.26 2.63
CA LYS A 66 -9.99 9.71 2.84
C LYS A 66 -8.93 9.99 3.95
N ASP A 67 -8.79 9.06 4.90
CA ASP A 67 -7.86 9.20 6.04
C ASP A 67 -6.51 8.55 5.72
N GLN A 68 -6.54 7.28 5.31
CA GLN A 68 -5.33 6.47 5.10
C GLN A 68 -4.50 6.95 3.90
N ARG A 69 -3.16 6.89 4.05
CA ARG A 69 -2.18 7.13 2.99
C ARG A 69 -1.09 6.03 3.04
N LEU A 70 -0.25 5.96 2.01
CA LEU A 70 0.85 4.98 1.92
C LEU A 70 2.20 5.70 1.89
N VAL A 71 3.09 5.35 2.84
CA VAL A 71 4.46 5.91 2.97
C VAL A 71 5.47 4.79 2.71
N TYR A 72 6.40 5.02 1.77
CA TYR A 72 7.41 4.03 1.34
C TYR A 72 8.76 4.73 1.33
N SER A 73 9.72 4.23 2.14
CA SER A 73 11.11 4.75 2.21
C SER A 73 11.13 6.24 2.67
N GLY A 74 10.04 6.69 3.33
CA GLY A 74 9.89 8.05 3.83
C GLY A 74 8.98 8.93 2.98
N ARG A 75 8.84 8.60 1.67
CA ARG A 75 8.05 9.41 0.72
C ARG A 75 6.57 9.02 0.75
N LEU A 76 5.70 9.97 0.37
CA LEU A 76 4.25 9.75 0.30
C LEU A 76 3.89 9.27 -1.12
N LEU A 77 3.07 8.21 -1.20
CA LEU A 77 2.56 7.65 -2.46
C LEU A 77 1.09 8.10 -2.63
N PRO A 78 0.80 9.17 -3.44
CA PRO A 78 -0.58 9.63 -3.69
C PRO A 78 -1.34 8.74 -4.70
N ASP A 79 -2.66 8.79 -4.59
CA ASP A 79 -3.61 7.94 -5.32
C ASP A 79 -3.62 8.19 -6.84
N HIS A 80 -3.19 9.38 -7.27
CA HIS A 80 -3.27 9.79 -8.70
C HIS A 80 -2.22 9.07 -9.60
N LEU A 81 -1.14 8.54 -8.99
CA LEU A 81 -0.06 7.85 -9.75
C LEU A 81 -0.09 6.33 -9.51
N GLN A 82 0.56 5.60 -10.43
CA GLN A 82 0.66 4.13 -10.37
C GLN A 82 1.87 3.71 -9.52
N LEU A 83 1.66 2.63 -8.74
CA LEU A 83 2.68 2.05 -7.83
C LEU A 83 4.00 1.74 -8.57
N LYS A 84 3.88 1.35 -9.86
CA LYS A 84 5.02 0.91 -10.70
C LYS A 84 6.21 1.89 -10.66
N ASP A 85 5.90 3.20 -10.74
CA ASP A 85 6.93 4.26 -10.92
C ASP A 85 7.86 4.37 -9.70
N ILE A 86 7.37 3.92 -8.53
CA ILE A 86 8.11 3.94 -7.26
C ILE A 86 8.64 2.52 -6.95
N LEU A 87 7.84 1.50 -7.31
CA LEU A 87 8.03 0.12 -6.82
C LEU A 87 8.60 -0.81 -7.91
N ARG A 88 9.13 -0.22 -8.99
CA ARG A 88 9.80 -0.97 -10.08
C ARG A 88 11.10 -1.66 -9.58
N LYS A 89 11.63 -1.16 -8.45
CA LYS A 89 12.93 -1.55 -7.86
C LYS A 89 13.04 -3.08 -7.62
N GLN A 90 12.12 -3.63 -6.81
CA GLN A 90 12.05 -5.09 -6.54
C GLN A 90 10.79 -5.73 -7.21
N ASP A 91 9.88 -4.88 -7.73
CA ASP A 91 8.58 -5.25 -8.36
C ASP A 91 7.62 -5.98 -7.38
N GLU A 92 7.97 -7.23 -7.04
CA GLU A 92 7.19 -8.11 -6.16
C GLU A 92 6.99 -7.50 -4.74
N TYR A 93 8.01 -7.62 -3.87
CA TYR A 93 7.89 -7.35 -2.42
C TYR A 93 8.33 -5.92 -2.07
N HIS A 94 7.45 -5.16 -1.37
CA HIS A 94 7.68 -3.76 -0.97
C HIS A 94 7.02 -3.47 0.38
N MET A 95 7.83 -3.20 1.42
CA MET A 95 7.33 -2.79 2.73
C MET A 95 6.92 -1.30 2.69
N VAL A 96 5.59 -1.09 2.68
CA VAL A 96 4.96 0.24 2.69
C VAL A 96 4.13 0.40 3.98
N HIS A 97 4.36 1.48 4.73
CA HIS A 97 3.64 1.78 5.97
C HIS A 97 2.30 2.46 5.68
N LEU A 98 1.24 1.98 6.35
CA LEU A 98 -0.10 2.57 6.31
C LEU A 98 -0.16 3.74 7.30
N VAL A 99 -0.82 4.84 6.92
CA VAL A 99 -1.01 6.01 7.81
C VAL A 99 -2.43 5.94 8.41
N PRO A 23 2.73 -11.43 -9.97
CA PRO A 23 2.00 -10.44 -9.14
C PRO A 23 2.95 -9.75 -8.14
N VAL A 24 2.39 -8.91 -7.26
CA VAL A 24 3.15 -8.04 -6.33
C VAL A 24 2.83 -8.39 -4.88
N THR A 25 3.88 -8.60 -4.07
CA THR A 25 3.77 -8.80 -2.62
C THR A 25 3.80 -7.41 -1.93
N LEU A 26 2.62 -6.86 -1.65
CA LEU A 26 2.50 -5.51 -1.07
C LEU A 26 2.36 -5.62 0.46
N ILE A 27 3.48 -5.42 1.15
CA ILE A 27 3.61 -5.62 2.60
C ILE A 27 3.09 -4.37 3.35
N ILE A 28 1.83 -4.42 3.77
CA ILE A 28 1.14 -3.29 4.42
C ILE A 28 1.32 -3.31 5.94
N LYS A 29 2.11 -2.36 6.43
CA LYS A 29 2.38 -2.18 7.87
C LYS A 29 1.40 -1.13 8.43
N ALA A 30 0.84 -1.40 9.63
CA ALA A 30 -0.22 -0.56 10.24
C ALA A 30 0.29 0.86 10.62
N PRO A 31 -0.63 1.90 10.71
CA PRO A 31 -0.28 3.29 11.12
C PRO A 31 0.50 3.36 12.45
N ASN A 32 -0.07 2.75 13.49
CA ASN A 32 0.54 2.74 14.84
C ASN A 32 1.56 1.58 14.98
N GLN A 33 1.75 0.80 13.88
CA GLN A 33 2.57 -0.44 13.85
C GLN A 33 1.99 -1.50 14.83
N LYS A 34 0.71 -1.30 15.19
CA LYS A 34 0.01 -2.10 16.20
C LYS A 34 -0.36 -3.50 15.67
N TYR A 35 -0.50 -3.58 14.34
CA TYR A 35 -0.87 -4.80 13.62
C TYR A 35 0.26 -5.22 12.70
N SER A 36 0.41 -6.55 12.52
CA SER A 36 1.46 -7.17 11.71
C SER A 36 1.38 -6.73 10.23
N ASP A 37 2.56 -6.71 9.58
CA ASP A 37 2.72 -6.35 8.17
C ASP A 37 2.13 -7.43 7.25
N GLN A 38 0.94 -7.14 6.70
CA GLN A 38 0.17 -8.08 5.88
C GLN A 38 0.64 -8.06 4.42
N THR A 39 1.14 -9.21 3.94
CA THR A 39 1.53 -9.40 2.55
C THR A 39 0.28 -9.59 1.68
N ILE A 40 -0.19 -8.47 1.11
CA ILE A 40 -1.38 -8.43 0.25
C ILE A 40 -0.95 -8.58 -1.22
N SER A 41 -1.43 -9.64 -1.89
CA SER A 41 -1.20 -9.86 -3.33
C SER A 41 -1.93 -8.78 -4.14
N CYS A 42 -1.16 -8.08 -4.99
CA CYS A 42 -1.61 -6.88 -5.71
C CYS A 42 -0.94 -6.79 -7.08
N PHE A 43 -1.19 -5.67 -7.79
CA PHE A 43 -0.54 -5.36 -9.08
C PHE A 43 -0.07 -3.90 -9.13
N LEU A 44 1.11 -3.69 -9.75
CA LEU A 44 1.65 -2.34 -10.03
C LEU A 44 0.83 -1.61 -11.10
N ASN A 45 -0.04 -2.39 -11.81
CA ASN A 45 -0.97 -1.90 -12.84
C ASN A 45 -1.81 -0.70 -12.34
N TRP A 46 -2.47 -0.88 -11.20
CA TRP A 46 -3.41 0.11 -10.64
C TRP A 46 -2.67 1.28 -9.98
N THR A 47 -3.42 2.37 -9.73
CA THR A 47 -2.89 3.54 -9.03
C THR A 47 -2.78 3.26 -7.53
N VAL A 48 -2.08 4.16 -6.82
CA VAL A 48 -1.98 4.12 -5.35
C VAL A 48 -3.39 4.18 -4.70
N GLY A 49 -4.29 4.98 -5.31
CA GLY A 49 -5.67 5.15 -4.82
C GLY A 49 -6.52 3.90 -4.98
N LYS A 50 -6.47 3.28 -6.17
CA LYS A 50 -7.26 2.06 -6.48
C LYS A 50 -6.79 0.89 -5.61
N LEU A 51 -5.45 0.79 -5.46
CA LEU A 51 -4.83 -0.22 -4.62
C LEU A 51 -5.25 0.01 -3.14
N LYS A 52 -5.18 1.25 -2.68
CA LYS A 52 -5.47 1.63 -1.28
C LYS A 52 -6.94 1.34 -0.91
N THR A 53 -7.83 1.44 -1.91
CA THR A 53 -9.25 1.05 -1.78
C THR A 53 -9.35 -0.48 -1.57
N HIS A 54 -8.63 -1.25 -2.43
CA HIS A 54 -8.52 -2.72 -2.34
C HIS A 54 -8.00 -3.13 -0.94
N LEU A 55 -6.98 -2.42 -0.46
CA LEU A 55 -6.34 -2.66 0.85
C LEU A 55 -7.35 -2.44 1.97
N SER A 56 -8.06 -1.30 1.89
CA SER A 56 -9.08 -0.88 2.87
C SER A 56 -10.23 -1.91 2.99
N ASN A 57 -10.50 -2.62 1.88
CA ASN A 57 -11.52 -3.68 1.82
C ASN A 57 -10.99 -4.98 2.47
N VAL A 58 -9.81 -5.42 2.00
CA VAL A 58 -9.23 -6.74 2.35
C VAL A 58 -8.45 -6.72 3.68
N TYR A 59 -8.26 -5.53 4.27
CA TYR A 59 -7.63 -5.36 5.58
C TYR A 59 -8.68 -5.69 6.64
N PRO A 60 -8.38 -6.56 7.65
CA PRO A 60 -9.40 -7.06 8.62
C PRO A 60 -10.04 -5.92 9.45
N SER A 61 -9.23 -4.87 9.72
CA SER A 61 -9.68 -3.67 10.44
C SER A 61 -10.66 -2.84 9.58
N LYS A 62 -10.40 -2.83 8.26
CA LYS A 62 -11.11 -1.98 7.28
C LYS A 62 -11.03 -0.49 7.67
N PRO A 63 -9.87 0.20 7.41
CA PRO A 63 -9.69 1.63 7.73
C PRO A 63 -10.42 2.55 6.72
N LEU A 64 -10.52 3.84 7.05
CA LEU A 64 -11.14 4.85 6.17
C LEU A 64 -10.14 5.24 5.07
N THR A 65 -10.43 4.86 3.81
CA THR A 65 -9.51 5.06 2.65
C THR A 65 -9.15 6.55 2.47
N LYS A 66 -10.16 7.41 2.72
CA LYS A 66 -10.05 8.89 2.64
C LYS A 66 -9.06 9.45 3.67
N ASP A 67 -8.91 8.77 4.82
CA ASP A 67 -8.00 9.19 5.91
C ASP A 67 -6.61 8.63 5.69
N GLN A 68 -6.56 7.43 5.10
CA GLN A 68 -5.33 6.65 4.95
C GLN A 68 -4.46 7.18 3.81
N ARG A 69 -3.14 7.16 4.04
CA ARG A 69 -2.12 7.44 3.03
C ARG A 69 -1.13 6.27 3.02
N LEU A 70 -0.49 6.07 1.87
CA LEU A 70 0.55 5.05 1.68
C LEU A 70 1.93 5.74 1.70
N VAL A 71 2.75 5.42 2.70
CA VAL A 71 4.14 5.91 2.85
C VAL A 71 5.08 4.77 2.49
N TYR A 72 6.13 5.05 1.73
CA TYR A 72 7.11 4.05 1.30
C TYR A 72 8.51 4.57 1.56
N SER A 73 9.20 3.97 2.55
CA SER A 73 10.62 4.26 2.88
C SER A 73 10.83 5.70 3.43
N GLY A 74 9.72 6.43 3.67
CA GLY A 74 9.77 7.82 4.13
C GLY A 74 8.98 8.77 3.25
N ARG A 75 8.87 8.44 1.93
CA ARG A 75 8.15 9.29 0.96
C ARG A 75 6.64 9.01 0.99
N LEU A 76 5.87 9.93 0.39
CA LEU A 76 4.42 9.76 0.20
C LEU A 76 4.14 9.22 -1.21
N LEU A 77 3.31 8.17 -1.28
CA LEU A 77 2.77 7.65 -2.53
C LEU A 77 1.36 8.28 -2.71
N PRO A 78 1.19 9.29 -3.63
CA PRO A 78 -0.11 9.94 -3.89
C PRO A 78 -0.96 9.14 -4.92
N ASP A 79 -2.29 9.24 -4.76
CA ASP A 79 -3.27 8.39 -5.48
C ASP A 79 -3.36 8.69 -6.98
N HIS A 80 -2.78 9.82 -7.45
CA HIS A 80 -2.86 10.22 -8.87
C HIS A 80 -1.98 9.32 -9.77
N LEU A 81 -0.84 8.87 -9.23
CA LEU A 81 0.15 8.07 -10.00
C LEU A 81 -0.02 6.57 -9.73
N GLN A 82 0.58 5.73 -10.59
CA GLN A 82 0.54 4.28 -10.47
C GLN A 82 1.72 3.79 -9.63
N LEU A 83 1.51 2.67 -8.89
CA LEU A 83 2.51 2.12 -7.96
C LEU A 83 3.84 1.76 -8.65
N LYS A 84 3.75 1.27 -9.91
CA LYS A 84 4.92 0.87 -10.73
C LYS A 84 6.03 1.95 -10.72
N ASP A 85 5.63 3.22 -10.76
CA ASP A 85 6.53 4.39 -10.88
C ASP A 85 7.60 4.45 -9.75
N ILE A 86 7.24 3.93 -8.56
CA ILE A 86 8.12 3.88 -7.38
C ILE A 86 8.58 2.42 -7.14
N LEU A 87 7.70 1.47 -7.47
CA LEU A 87 7.82 0.07 -7.01
C LEU A 87 8.40 -0.87 -8.10
N ARG A 88 8.88 -0.26 -9.19
CA ARG A 88 9.54 -0.97 -10.31
C ARG A 88 10.95 -1.49 -9.93
N LYS A 89 11.50 -0.98 -8.80
CA LYS A 89 12.86 -1.34 -8.34
C LYS A 89 12.89 -2.80 -7.85
N GLN A 90 12.14 -3.10 -6.77
CA GLN A 90 12.10 -4.47 -6.18
C GLN A 90 11.05 -5.34 -6.90
N ASP A 91 10.02 -4.67 -7.46
CA ASP A 91 8.91 -5.28 -8.23
C ASP A 91 7.94 -6.10 -7.33
N GLU A 92 8.46 -7.19 -6.74
CA GLU A 92 7.71 -8.11 -5.87
C GLU A 92 7.34 -7.46 -4.51
N TYR A 93 8.29 -7.46 -3.55
CA TYR A 93 8.02 -7.14 -2.14
C TYR A 93 8.20 -5.64 -1.88
N HIS A 94 7.20 -5.01 -1.22
CA HIS A 94 7.19 -3.55 -0.96
C HIS A 94 6.54 -3.26 0.41
N MET A 95 7.38 -2.94 1.41
CA MET A 95 6.89 -2.56 2.75
C MET A 95 6.38 -1.11 2.73
N VAL A 96 5.06 -0.98 2.62
CA VAL A 96 4.34 0.30 2.58
C VAL A 96 3.59 0.50 3.91
N HIS A 97 3.94 1.60 4.59
CA HIS A 97 3.36 2.02 5.87
C HIS A 97 2.03 2.78 5.65
N LEU A 98 0.92 2.23 6.15
CA LEU A 98 -0.36 2.95 6.25
C LEU A 98 -0.21 4.08 7.30
N VAL A 99 -0.97 5.19 7.12
CA VAL A 99 -1.01 6.29 8.10
C VAL A 99 -2.42 6.95 8.07
#